data_5CD1
#
_entry.id   5CD1
#
_cell.length_a   128.240
_cell.length_b   137.440
_cell.length_c   157.590
_cell.angle_alpha   90.00
_cell.angle_beta   90.00
_cell.angle_gamma   90.00
#
_symmetry.space_group_name_H-M   'P 21 21 21'
#
loop_
_entity.id
_entity.type
_entity.pdbx_description
1 polymer 'tRNA (adenine(58)-N(1))-methyltransferase catalytic subunit TRMT61A'
2 polymer 'tRNA (adenine(58)-N(1))-methyltransferase non-catalytic subunit TRM6'
3 polymer tRNA3Lys
4 non-polymer S-ADENOSYL-L-HOMOCYSTEINE
5 non-polymer 'SODIUM ION'
#
loop_
_entity_poly.entity_id
_entity_poly.type
_entity_poly.pdbx_seq_one_letter_code
_entity_poly.pdbx_strand_id
1 'polypeptide(L)'
;MSFVAYEELIKEGDTAILSLGHGAMVAVRVQRGAQTQTRHGVLRHSVDLIGRPFGSKVTCGRGGWVYVLHPTPELWTLNL
PHRTQILYSTDIALITMMLELRPGSVVCESGTGSGSVSHAIIRTIAPTGHLHTVEFHQQRAEKAREEFQEHRVGRWVTVR
TQDVCRSGFGVSHVADAVFLDIPSPWEAVGHAWDALKVEGGRFCSFSPCIEQVQRTCQALAARGFSELSTLEVLPQVYNV
RTVSLPPPDLGTGTDGPAGSDTSPFRSGTPMKEAVGHTGYLTFATKTPG
;
A,D
2 'polypeptide(L)'
;MEGSGEQPGPQPQHPGDHRIRDGDFVVLKREDVFKAVQVQRRKKVTFEKQWFYLDNVIGHSYGTAFEVTSGGSLQPKKKR
EEPTAETKEAGTDNRNIVDDGKSQKLTQDDIKALKDKGIKGEEIVQQLIENSTTFRDKTEFAQDKYIKKKKKKYEAIITV
VKPSTRILSIMYYAREPGKINHMRYDTLAQMLTLGNIRAGNKMIVMETCAGLVLGAMMERMGGFGSIIQLYPGGGPVRAA
TACFGFPKSFLSGLYEFPLNKVDSLLHGTFSAKMLSSEPKDSALVEESNGTLEEKQASEQENEDSMAEAPESNHPEDQET
METISQDPEHKGPKERGSKKDYIQEKQRRQEEQRKRHLEAAALLSERNADGLIVASRFHPTPLLLSLLDFVAPSRPFVVY
CQYKEPLLECYTKLRERGGVINLRLSETWLRNYQVLPDRSHPKLLMSGGGGYLLSGFTVAMDNLKADTSLKSNASTLESH
ETEEPAAKKRKCPESDS
;
B,E
3 'polyribonucleotide' GGCCCGGAUAGCUCAGUCGGUAGAGCAUCAGACUUUUAAUCUGAGGGUCCAGGGUUCAAGUCCCUGUUCGGGCGCCA M,N
#
loop_
_chem_comp.id
_chem_comp.type
_chem_comp.name
_chem_comp.formula
A RNA linking ADENOSINE-5'-MONOPHOSPHATE 'C10 H14 N5 O7 P'
C RNA linking CYTIDINE-5'-MONOPHOSPHATE 'C9 H14 N3 O8 P'
G RNA linking GUANOSINE-5'-MONOPHOSPHATE 'C10 H14 N5 O8 P'
NA non-polymer 'SODIUM ION' 'Na 1'
U RNA linking URIDINE-5'-MONOPHOSPHATE 'C9 H13 N2 O9 P'
#
# COMPACT_ATOMS: atom_id res chain seq x y z
N SER A 2 -11.09 33.44 13.79
CA SER A 2 -12.09 32.54 13.25
C SER A 2 -11.44 31.37 12.51
N PHE A 3 -12.26 30.38 12.17
CA PHE A 3 -11.81 29.23 11.39
C PHE A 3 -11.38 29.70 10.00
N VAL A 4 -12.06 30.73 9.49
CA VAL A 4 -11.85 31.21 8.13
C VAL A 4 -10.61 32.12 8.01
N ALA A 5 -10.19 32.72 9.12
CA ALA A 5 -9.14 33.73 9.08
C ALA A 5 -8.38 33.75 10.40
N TYR A 6 -7.06 33.87 10.30
CA TYR A 6 -6.19 33.86 11.46
C TYR A 6 -6.38 35.08 12.34
N GLU A 7 -6.25 34.88 13.64
CA GLU A 7 -6.27 35.97 14.60
C GLU A 7 -5.23 35.67 15.66
N GLU A 8 -4.36 36.64 15.92
CA GLU A 8 -3.19 36.43 16.76
C GLU A 8 -3.55 36.01 18.18
N LEU A 9 -4.50 36.72 18.77
CA LEU A 9 -4.83 36.52 20.18
C LEU A 9 -6.06 35.66 20.38
N ILE A 10 -6.06 34.91 21.47
CA ILE A 10 -7.19 34.06 21.84
C ILE A 10 -8.26 34.92 22.49
N LYS A 11 -9.50 34.75 22.05
CA LYS A 11 -10.62 35.53 22.55
C LYS A 11 -11.75 34.58 22.95
N GLU A 12 -12.63 35.05 23.83
CA GLU A 12 -13.73 34.24 24.33
C GLU A 12 -14.66 33.81 23.21
N GLY A 13 -15.17 32.59 23.30
CA GLY A 13 -16.05 32.04 22.29
C GLY A 13 -15.33 31.22 21.24
N ASP A 14 -14.01 31.38 21.16
CA ASP A 14 -13.19 30.64 20.20
C ASP A 14 -13.20 29.16 20.48
N THR A 15 -12.55 28.41 19.58
CA THR A 15 -12.38 26.99 19.74
C THR A 15 -10.91 26.68 19.53
N ALA A 16 -10.22 26.38 20.63
CA ALA A 16 -8.77 26.19 20.60
C ALA A 16 -8.41 24.72 20.80
N ILE A 17 -7.27 24.34 20.23
CA ILE A 17 -6.78 22.97 20.34
C ILE A 17 -5.56 22.93 21.25
N LEU A 18 -5.63 22.09 22.27
CA LEU A 18 -4.49 21.86 23.14
C LEU A 18 -3.72 20.65 22.63
N SER A 19 -2.40 20.79 22.57
CA SER A 19 -1.55 19.67 22.21
C SER A 19 -0.93 19.12 23.49
N LEU A 20 -1.43 17.98 23.94
CA LEU A 20 -0.92 17.37 25.15
C LEU A 20 0.50 16.92 24.91
N GLY A 21 0.69 16.05 23.92
CA GLY A 21 1.97 15.45 23.65
C GLY A 21 1.71 14.21 22.80
N HIS A 22 2.76 13.51 22.43
CA HIS A 22 2.64 12.40 21.48
C HIS A 22 1.95 12.98 20.24
N GLY A 23 0.97 12.28 19.68
CA GLY A 23 0.09 12.87 18.69
C GLY A 23 -1.28 13.18 19.30
N ALA A 24 -1.36 13.12 20.64
CA ALA A 24 -2.63 13.28 21.33
C ALA A 24 -2.97 14.74 21.53
N MET A 25 -4.23 15.09 21.25
CA MET A 25 -4.69 16.46 21.31
C MET A 25 -6.11 16.49 21.85
N VAL A 26 -6.66 17.69 22.00
CA VAL A 26 -8.03 17.86 22.47
C VAL A 26 -8.51 19.26 22.16
N ALA A 27 -9.79 19.39 21.82
CA ALA A 27 -10.38 20.68 21.48
C ALA A 27 -11.19 21.20 22.65
N VAL A 28 -11.26 22.53 22.78
CA VAL A 28 -11.95 23.16 23.89
C VAL A 28 -12.56 24.49 23.45
N ARG A 29 -13.75 24.78 23.98
CA ARG A 29 -14.39 26.06 23.76
C ARG A 29 -14.06 27.00 24.92
N VAL A 30 -13.79 28.26 24.61
CA VAL A 30 -13.32 29.22 25.61
C VAL A 30 -14.49 29.95 26.27
N GLN A 31 -14.39 30.11 27.59
CA GLN A 31 -15.43 30.76 28.39
C GLN A 31 -14.77 31.29 29.66
N ARG A 32 -15.09 32.53 30.02
CA ARG A 32 -14.48 33.16 31.19
C ARG A 32 -14.93 32.47 32.46
N GLY A 33 -13.97 32.11 33.31
CA GLY A 33 -14.28 31.49 34.59
C GLY A 33 -14.22 29.98 34.56
N ALA A 34 -14.49 29.40 33.39
CA ALA A 34 -14.48 27.95 33.23
C ALA A 34 -13.06 27.43 33.35
N GLN A 35 -12.92 26.11 33.34
CA GLN A 35 -11.63 25.47 33.49
C GLN A 35 -11.59 24.18 32.67
N THR A 36 -10.39 23.65 32.49
CA THR A 36 -10.21 22.38 31.79
C THR A 36 -9.11 21.58 32.47
N GLN A 37 -9.30 20.27 32.50
CA GLN A 37 -8.37 19.35 33.14
C GLN A 37 -7.59 18.57 32.10
N THR A 38 -6.31 18.38 32.36
CA THR A 38 -5.43 17.67 31.43
C THR A 38 -4.38 16.85 32.15
N ARG A 39 -3.66 16.04 31.39
CA ARG A 39 -2.56 15.24 31.90
C ARG A 39 -1.56 16.10 32.67
N HIS A 40 -1.08 17.16 32.03
CA HIS A 40 0.05 17.92 32.56
C HIS A 40 -0.33 18.86 33.69
N GLY A 41 -1.56 19.38 33.64
CA GLY A 41 -1.98 20.31 34.67
C GLY A 41 -3.36 20.90 34.49
N VAL A 42 -3.51 22.12 34.99
CA VAL A 42 -4.79 22.79 35.10
C VAL A 42 -4.75 24.20 34.52
N LEU A 43 -5.66 24.46 33.59
CA LEU A 43 -5.73 25.76 32.94
C LEU A 43 -7.00 26.50 33.33
N ARG A 44 -6.84 27.75 33.74
CA ARG A 44 -7.95 28.62 34.03
C ARG A 44 -8.18 29.52 32.82
N HIS A 45 -9.36 29.42 32.25
CA HIS A 45 -9.67 30.10 30.98
C HIS A 45 -9.54 31.62 31.04
N SER A 46 -9.59 32.20 32.24
CA SER A 46 -9.60 33.65 32.38
C SER A 46 -8.21 34.29 32.38
N VAL A 47 -7.20 33.53 32.77
CA VAL A 47 -5.84 34.04 32.93
C VAL A 47 -4.78 33.26 32.14
N ASP A 48 -4.89 31.94 32.13
CA ASP A 48 -3.93 31.10 31.41
C ASP A 48 -4.19 31.08 29.90
N LEU A 49 -5.34 31.62 29.46
CA LEU A 49 -5.72 31.59 28.04
C LEU A 49 -6.06 32.96 27.46
N ILE A 50 -7.19 33.52 27.87
CA ILE A 50 -7.72 34.72 27.23
C ILE A 50 -6.69 35.84 27.13
N GLY A 51 -6.47 36.31 25.91
CA GLY A 51 -5.54 37.40 25.67
C GLY A 51 -4.13 36.95 25.37
N ARG A 52 -3.87 35.65 25.47
CA ARG A 52 -2.55 35.12 25.13
C ARG A 52 -2.55 34.67 23.67
N PRO A 53 -1.43 34.88 22.97
CA PRO A 53 -1.36 34.50 21.56
C PRO A 53 -1.23 32.99 21.36
N PHE A 54 -1.77 32.49 20.27
CA PHE A 54 -1.69 31.07 19.95
C PHE A 54 -0.24 30.62 19.84
N GLY A 55 0.06 29.46 20.41
CA GLY A 55 1.39 28.88 20.34
C GLY A 55 2.25 29.26 21.54
N SER A 56 1.61 29.53 22.67
CA SER A 56 2.33 29.94 23.88
C SER A 56 2.51 28.77 24.83
N LYS A 57 3.63 28.75 25.53
CA LYS A 57 3.88 27.72 26.53
C LYS A 57 3.08 28.02 27.79
N VAL A 58 1.78 27.75 27.73
CA VAL A 58 0.88 28.09 28.82
C VAL A 58 1.15 27.22 30.04
N THR A 59 1.60 27.85 31.12
CA THR A 59 1.87 27.14 32.37
C THR A 59 0.54 26.73 33.00
N CYS A 60 0.59 25.67 33.83
CA CYS A 60 -0.63 25.06 34.34
C CYS A 60 -0.33 23.99 35.39
N GLY A 61 -0.76 24.23 36.62
CA GLY A 61 -0.67 23.22 37.66
C GLY A 61 0.71 23.11 38.27
N ARG A 62 1.13 21.87 38.54
CA ARG A 62 2.40 21.60 39.21
C ARG A 62 3.59 21.76 38.25
N GLY A 63 3.84 23.00 37.82
CA GLY A 63 4.92 23.28 36.89
C GLY A 63 4.66 22.81 35.47
N GLY A 64 3.47 22.27 35.22
CA GLY A 64 3.15 21.74 33.91
C GLY A 64 2.80 22.86 32.96
N TRP A 65 3.26 22.72 31.70
CA TRP A 65 2.90 23.64 30.63
C TRP A 65 1.96 22.99 29.62
N VAL A 66 1.69 23.70 28.52
CA VAL A 66 0.95 23.13 27.39
C VAL A 66 0.96 24.13 26.24
N TYR A 67 1.04 23.62 25.01
CA TYR A 67 1.01 24.48 23.83
C TYR A 67 -0.40 24.52 23.27
N VAL A 68 -0.79 25.71 22.82
CA VAL A 68 -2.13 25.94 22.27
C VAL A 68 -2.03 26.24 20.78
N LEU A 69 -3.00 25.76 20.02
CA LEU A 69 -2.99 25.92 18.57
C LEU A 69 -4.26 26.61 18.07
N HIS A 70 -4.08 27.38 17.00
CA HIS A 70 -5.18 28.06 16.33
C HIS A 70 -5.96 27.02 15.53
N PRO A 71 -7.30 27.12 15.52
CA PRO A 71 -8.10 26.10 14.85
C PRO A 71 -7.97 26.08 13.33
N THR A 72 -8.00 24.87 12.77
CA THR A 72 -8.02 24.66 11.33
C THR A 72 -8.88 23.43 11.07
N PRO A 73 -9.44 23.32 9.86
CA PRO A 73 -10.29 22.17 9.52
C PRO A 73 -9.61 20.82 9.79
N GLU A 74 -8.30 20.73 9.58
CA GLU A 74 -7.57 19.47 9.73
C GLU A 74 -7.42 19.13 11.20
N LEU A 75 -7.26 20.16 12.03
CA LEU A 75 -7.12 19.97 13.46
C LEU A 75 -8.47 19.63 14.08
N TRP A 76 -9.52 20.29 13.60
CA TRP A 76 -10.87 20.05 14.08
C TRP A 76 -11.28 18.63 13.72
N THR A 77 -10.90 18.19 12.51
CA THR A 77 -11.22 16.86 12.01
C THR A 77 -10.84 15.76 13.00
N LEU A 78 -9.75 15.98 13.74
CA LEU A 78 -9.20 14.95 14.61
C LEU A 78 -9.78 14.96 16.02
N ASN A 79 -10.08 16.15 16.55
CA ASN A 79 -10.53 16.30 17.93
C ASN A 79 -12.02 16.58 18.08
N LEU A 80 -12.72 16.77 16.97
CA LEU A 80 -14.16 17.01 17.02
C LEU A 80 -14.85 15.81 17.64
N PRO A 81 -16.09 16.00 18.14
CA PRO A 81 -16.88 14.86 18.62
C PRO A 81 -17.44 14.05 17.46
N HIS A 82 -17.09 12.76 17.40
CA HIS A 82 -17.48 11.91 16.29
C HIS A 82 -18.93 11.48 16.48
N ARG A 83 -19.84 12.32 15.99
CA ARG A 83 -21.26 12.03 16.03
C ARG A 83 -21.52 10.85 15.10
N THR A 84 -20.65 10.69 14.12
CA THR A 84 -20.71 9.61 13.15
C THR A 84 -19.27 9.29 12.77
N GLN A 85 -19.10 8.47 11.72
CA GLN A 85 -17.78 8.21 11.14
C GLN A 85 -17.49 9.33 10.17
N ILE A 86 -16.24 9.78 10.15
CA ILE A 86 -15.84 10.92 9.34
C ILE A 86 -14.73 10.57 8.37
N LEU A 87 -14.48 11.47 7.42
CA LEU A 87 -13.38 11.33 6.49
C LEU A 87 -12.22 12.17 6.97
N TYR A 88 -11.05 11.54 7.07
CA TYR A 88 -9.88 12.22 7.59
C TYR A 88 -9.24 13.07 6.51
N SER A 89 -8.33 13.95 6.92
CA SER A 89 -7.75 14.96 6.04
C SER A 89 -7.06 14.39 4.81
N THR A 90 -6.75 13.10 4.81
CA THR A 90 -6.11 12.47 3.66
C THR A 90 -7.08 12.35 2.49
N ASP A 91 -8.28 11.86 2.76
CA ASP A 91 -9.31 11.73 1.74
C ASP A 91 -9.79 13.11 1.33
N ILE A 92 -9.97 13.97 2.32
CA ILE A 92 -10.47 15.33 2.10
C ILE A 92 -9.61 16.06 1.08
N ALA A 93 -8.29 15.95 1.25
CA ALA A 93 -7.35 16.69 0.42
C ALA A 93 -7.54 16.35 -1.06
N LEU A 94 -7.63 15.07 -1.36
CA LEU A 94 -7.75 14.60 -2.73
C LEU A 94 -9.08 15.01 -3.35
N ILE A 95 -10.14 14.97 -2.55
CA ILE A 95 -11.48 15.35 -2.99
C ILE A 95 -11.51 16.84 -3.29
N THR A 96 -10.87 17.62 -2.44
CA THR A 96 -10.89 19.08 -2.52
C THR A 96 -10.26 19.55 -3.84
N MET A 97 -9.29 18.80 -4.33
CA MET A 97 -8.56 19.18 -5.55
C MET A 97 -9.26 18.67 -6.79
N MET A 98 -9.66 17.41 -6.78
CA MET A 98 -10.29 16.79 -7.94
C MET A 98 -11.64 17.44 -8.27
N LEU A 99 -12.26 18.09 -7.28
CA LEU A 99 -13.50 18.82 -7.50
C LEU A 99 -13.28 20.29 -7.88
N GLU A 100 -12.02 20.69 -8.02
CA GLU A 100 -11.67 22.04 -8.45
C GLU A 100 -12.34 23.10 -7.56
N LEU A 101 -12.06 23.05 -6.27
CA LEU A 101 -12.65 23.99 -5.33
C LEU A 101 -11.75 25.18 -5.12
N ARG A 102 -12.36 26.31 -4.79
CA ARG A 102 -11.66 27.57 -4.63
C ARG A 102 -12.60 28.61 -4.04
N PRO A 103 -12.04 29.74 -3.57
CA PRO A 103 -12.84 30.89 -3.14
C PRO A 103 -13.87 31.31 -4.19
N GLY A 104 -15.15 31.37 -3.79
CA GLY A 104 -16.21 31.78 -4.69
C GLY A 104 -16.99 30.62 -5.28
N SER A 105 -16.59 29.39 -4.96
CA SER A 105 -17.29 28.21 -5.45
C SER A 105 -18.53 27.91 -4.63
N VAL A 106 -19.44 27.14 -5.22
CA VAL A 106 -20.66 26.74 -4.56
C VAL A 106 -20.72 25.21 -4.56
N VAL A 107 -21.09 24.65 -3.42
CA VAL A 107 -21.02 23.20 -3.24
C VAL A 107 -22.30 22.67 -2.60
N CYS A 108 -22.59 21.40 -2.87
CA CYS A 108 -23.68 20.68 -2.24
C CYS A 108 -23.14 19.39 -1.64
N GLU A 109 -23.34 19.22 -0.33
CA GLU A 109 -22.88 18.04 0.38
C GLU A 109 -24.04 17.26 0.95
N SER A 110 -23.88 15.94 1.03
CA SER A 110 -24.77 15.10 1.80
C SER A 110 -24.14 13.71 1.96
N GLY A 111 -24.13 13.15 3.17
CA GLY A 111 -24.71 13.76 4.36
C GLY A 111 -23.73 14.71 5.02
N THR A 112 -24.26 15.62 5.83
CA THR A 112 -23.44 16.54 6.60
C THR A 112 -22.65 15.79 7.65
N GLY A 113 -23.34 14.89 8.35
CA GLY A 113 -22.71 14.04 9.34
C GLY A 113 -22.18 14.79 10.54
N SER A 114 -20.88 14.73 10.73
CA SER A 114 -20.23 15.38 11.88
C SER A 114 -19.68 16.76 11.53
N GLY A 115 -19.51 17.03 10.24
CA GLY A 115 -18.99 18.32 9.81
C GLY A 115 -17.48 18.33 9.76
N SER A 116 -16.88 17.19 9.45
CA SER A 116 -15.44 17.12 9.21
C SER A 116 -15.14 17.66 7.83
N VAL A 117 -15.86 17.12 6.85
CA VAL A 117 -15.73 17.54 5.46
C VAL A 117 -16.16 19.00 5.34
N SER A 118 -17.31 19.31 5.94
CA SER A 118 -17.94 20.61 5.78
C SER A 118 -17.00 21.76 6.14
N HIS A 119 -16.22 21.57 7.20
CA HIS A 119 -15.32 22.60 7.70
C HIS A 119 -14.14 22.77 6.75
N ALA A 120 -13.69 21.66 6.17
CA ALA A 120 -12.58 21.66 5.21
C ALA A 120 -12.94 22.41 3.94
N ILE A 121 -14.24 22.45 3.62
CA ILE A 121 -14.72 23.10 2.42
C ILE A 121 -14.75 24.61 2.61
N ILE A 122 -15.45 25.03 3.67
CA ILE A 122 -15.69 26.45 3.94
C ILE A 122 -14.38 27.21 3.95
N ARG A 123 -13.37 26.59 4.55
CA ARG A 123 -12.03 27.15 4.63
C ARG A 123 -11.54 27.64 3.27
N THR A 124 -11.73 26.80 2.26
CA THR A 124 -11.20 27.06 0.93
C THR A 124 -12.07 28.06 0.19
N ILE A 125 -13.37 27.81 0.22
CA ILE A 125 -14.33 28.57 -0.57
C ILE A 125 -14.62 29.97 0.00
N ALA A 126 -14.02 30.29 1.15
CA ALA A 126 -14.17 31.62 1.74
C ALA A 126 -13.49 32.66 0.87
N PRO A 127 -13.95 33.93 0.94
CA PRO A 127 -15.08 34.43 1.73
C PRO A 127 -16.35 34.66 0.89
N THR A 128 -16.32 34.30 -0.39
CA THR A 128 -17.44 34.56 -1.29
C THR A 128 -18.21 33.29 -1.69
N GLY A 129 -17.64 32.12 -1.39
CA GLY A 129 -18.29 30.87 -1.73
C GLY A 129 -19.45 30.60 -0.79
N HIS A 130 -20.00 29.40 -0.88
CA HIS A 130 -21.14 29.04 -0.05
C HIS A 130 -21.39 27.53 -0.09
N LEU A 131 -22.10 27.02 0.91
CA LEU A 131 -22.41 25.59 1.00
C LEU A 131 -23.89 25.40 1.33
N HIS A 132 -24.49 24.36 0.72
CA HIS A 132 -25.88 24.00 0.98
C HIS A 132 -25.94 22.53 1.36
N THR A 133 -25.36 22.20 2.51
CA THR A 133 -25.29 20.83 2.98
C THR A 133 -26.68 20.29 3.29
N VAL A 134 -26.80 18.96 3.29
CA VAL A 134 -28.06 18.30 3.61
C VAL A 134 -27.84 17.16 4.61
N GLU A 135 -28.84 16.92 5.44
CA GLU A 135 -28.78 15.89 6.47
C GLU A 135 -30.20 15.53 6.91
N PHE A 136 -30.65 14.34 6.53
CA PHE A 136 -32.01 13.88 6.83
C PHE A 136 -32.23 13.40 8.27
N HIS A 137 -31.18 13.47 9.08
CA HIS A 137 -31.26 13.17 10.51
C HIS A 137 -31.42 14.49 11.27
N GLN A 138 -32.49 14.57 12.08
CA GLN A 138 -32.92 15.82 12.70
C GLN A 138 -31.88 16.41 13.66
N GLN A 139 -31.28 15.53 14.45
CA GLN A 139 -30.31 15.91 15.49
C GLN A 139 -28.98 16.41 14.93
N ARG A 140 -28.28 15.56 14.17
CA ARG A 140 -27.00 15.91 13.55
C ARG A 140 -27.12 17.21 12.75
N ALA A 141 -28.29 17.41 12.14
CA ALA A 141 -28.56 18.63 11.40
C ALA A 141 -28.43 19.84 12.32
N GLU A 142 -29.20 19.84 13.41
CA GLU A 142 -29.16 20.93 14.38
C GLU A 142 -27.77 21.07 14.98
N LYS A 143 -27.21 19.95 15.41
CA LYS A 143 -25.93 19.94 16.09
C LYS A 143 -24.84 20.54 15.20
N ALA A 144 -24.98 20.38 13.88
CA ALA A 144 -24.05 20.97 12.93
C ALA A 144 -24.25 22.48 12.90
N ARG A 145 -25.50 22.92 12.80
CA ARG A 145 -25.83 24.34 12.78
C ARG A 145 -25.24 25.03 14.00
N GLU A 146 -25.27 24.34 15.14
CA GLU A 146 -24.72 24.87 16.38
C GLU A 146 -23.23 25.12 16.22
N GLU A 147 -22.51 24.09 15.79
CA GLU A 147 -21.06 24.20 15.62
C GLU A 147 -20.70 25.30 14.63
N PHE A 148 -21.52 25.46 13.60
CA PHE A 148 -21.31 26.51 12.61
C PHE A 148 -21.53 27.91 13.23
N GLN A 149 -22.39 27.99 14.25
CA GLN A 149 -22.63 29.26 14.94
C GLN A 149 -21.58 29.54 16.01
N GLU A 150 -21.18 28.49 16.73
CA GLU A 150 -20.16 28.62 17.76
C GLU A 150 -18.81 28.97 17.13
N HIS A 151 -18.61 28.50 15.90
CA HIS A 151 -17.38 28.77 15.16
C HIS A 151 -17.45 30.05 14.32
N ARG A 152 -18.65 30.59 14.18
CA ARG A 152 -18.86 31.84 13.45
C ARG A 152 -18.57 31.65 11.97
N VAL A 153 -19.35 30.76 11.34
CA VAL A 153 -19.21 30.48 9.92
C VAL A 153 -20.57 30.31 9.22
N GLY A 154 -21.65 30.73 9.88
CA GLY A 154 -22.98 30.57 9.32
C GLY A 154 -23.17 31.32 8.02
N ARG A 155 -22.35 32.35 7.81
CA ARG A 155 -22.41 33.14 6.59
C ARG A 155 -22.18 32.31 5.33
N TRP A 156 -21.40 31.23 5.46
CA TRP A 156 -20.98 30.43 4.31
C TRP A 156 -21.54 29.02 4.31
N VAL A 157 -22.74 28.84 4.86
CA VAL A 157 -23.31 27.50 4.96
C VAL A 157 -24.82 27.52 5.23
N THR A 158 -25.53 26.54 4.69
CA THR A 158 -26.95 26.36 4.96
C THR A 158 -27.23 24.88 5.15
N VAL A 159 -27.74 24.53 6.32
CA VAL A 159 -28.11 23.16 6.62
C VAL A 159 -29.59 22.97 6.29
N ARG A 160 -29.88 22.02 5.42
CA ARG A 160 -31.25 21.73 5.01
C ARG A 160 -31.65 20.35 5.50
N THR A 161 -32.52 20.31 6.50
CA THR A 161 -33.00 19.05 7.06
C THR A 161 -33.98 18.39 6.10
N GLN A 162 -33.46 17.54 5.22
CA GLN A 162 -34.30 16.85 4.25
C GLN A 162 -33.57 15.68 3.60
N ASP A 163 -34.31 14.87 2.86
CA ASP A 163 -33.73 13.77 2.11
C ASP A 163 -33.16 14.29 0.81
N VAL A 164 -32.05 13.71 0.37
CA VAL A 164 -31.35 14.15 -0.85
C VAL A 164 -31.80 13.36 -2.07
N CYS A 165 -32.08 12.08 -1.87
CA CYS A 165 -32.51 11.20 -2.96
C CYS A 165 -33.93 11.49 -3.43
N ARG A 166 -34.63 12.39 -2.73
CA ARG A 166 -36.02 12.73 -3.06
C ARG A 166 -36.23 14.23 -3.22
N SER A 167 -35.80 15.02 -2.24
CA SER A 167 -35.97 16.48 -2.30
C SER A 167 -34.76 17.19 -2.91
N GLY A 168 -33.76 16.44 -3.34
CA GLY A 168 -32.54 17.03 -3.87
C GLY A 168 -31.81 17.81 -2.80
N PHE A 169 -30.99 18.77 -3.21
CA PHE A 169 -30.26 19.62 -2.27
C PHE A 169 -31.00 20.92 -1.97
N GLY A 170 -32.28 21.00 -2.35
CA GLY A 170 -33.08 22.20 -2.11
C GLY A 170 -32.77 23.34 -3.06
N VAL A 171 -31.92 23.09 -4.06
CA VAL A 171 -31.56 24.10 -5.04
C VAL A 171 -31.54 23.50 -6.44
N SER A 172 -31.30 24.32 -7.45
CA SER A 172 -31.31 23.85 -8.83
C SER A 172 -30.54 24.78 -9.75
N HIS A 173 -29.57 24.21 -10.47
CA HIS A 173 -28.83 24.91 -11.52
C HIS A 173 -28.03 26.08 -10.94
N VAL A 174 -27.37 25.80 -9.82
CA VAL A 174 -26.54 26.77 -9.13
C VAL A 174 -25.19 26.24 -8.61
N ALA A 175 -25.02 24.93 -8.57
CA ALA A 175 -23.88 24.32 -7.87
C ALA A 175 -22.72 24.08 -8.84
N ASP A 176 -21.50 24.26 -8.36
CA ASP A 176 -20.31 24.00 -9.17
C ASP A 176 -19.73 22.61 -8.91
N ALA A 177 -20.06 22.04 -7.75
CA ALA A 177 -19.56 20.73 -7.39
C ALA A 177 -20.47 20.04 -6.38
N VAL A 178 -20.40 18.71 -6.37
CA VAL A 178 -21.24 17.90 -5.49
C VAL A 178 -20.39 16.82 -4.84
N PHE A 179 -20.71 16.50 -3.60
CA PHE A 179 -20.03 15.43 -2.87
C PHE A 179 -21.05 14.56 -2.15
N LEU A 180 -20.84 13.25 -2.20
CA LEU A 180 -21.75 12.28 -1.58
C LEU A 180 -21.03 11.35 -0.62
N ASP A 181 -21.56 11.24 0.59
CA ASP A 181 -21.06 10.32 1.59
C ASP A 181 -22.25 9.65 2.26
N ILE A 182 -23.09 9.02 1.44
CA ILE A 182 -24.28 8.33 1.94
C ILE A 182 -24.27 6.87 1.50
N PRO A 183 -25.12 6.04 2.13
CA PRO A 183 -25.13 4.60 1.79
C PRO A 183 -25.60 4.32 0.36
N SER A 184 -26.57 5.10 -0.12
CA SER A 184 -27.17 4.87 -1.42
C SER A 184 -27.09 6.13 -2.28
N PRO A 185 -25.88 6.47 -2.76
CA PRO A 185 -25.63 7.68 -3.57
C PRO A 185 -26.17 7.59 -4.99
N TRP A 186 -26.36 6.38 -5.50
CA TRP A 186 -26.82 6.19 -6.87
C TRP A 186 -28.24 6.72 -7.08
N GLU A 187 -29.00 6.91 -6.00
CA GLU A 187 -30.34 7.48 -6.09
C GLU A 187 -30.36 9.01 -6.03
N ALA A 188 -29.22 9.62 -5.73
CA ALA A 188 -29.09 11.07 -5.66
C ALA A 188 -28.42 11.63 -6.93
N VAL A 189 -28.16 10.76 -7.90
CA VAL A 189 -27.45 11.16 -9.11
C VAL A 189 -28.30 12.12 -9.92
N GLY A 190 -29.59 11.85 -9.99
CA GLY A 190 -30.52 12.69 -10.72
C GLY A 190 -30.59 14.09 -10.17
N HIS A 191 -30.59 14.20 -8.83
CA HIS A 191 -30.67 15.49 -8.16
C HIS A 191 -29.34 16.24 -8.19
N ALA A 192 -28.25 15.48 -8.27
CA ALA A 192 -26.92 16.07 -8.41
C ALA A 192 -26.83 16.85 -9.71
N TRP A 193 -27.42 16.29 -10.76
CA TRP A 193 -27.46 16.94 -12.07
C TRP A 193 -28.32 18.20 -12.00
N ASP A 194 -29.48 18.08 -11.38
CA ASP A 194 -30.40 19.21 -11.24
C ASP A 194 -29.76 20.34 -10.42
N ALA A 195 -28.92 19.96 -9.45
CA ALA A 195 -28.29 20.92 -8.56
C ALA A 195 -27.13 21.63 -9.25
N LEU A 196 -26.32 20.86 -9.97
CA LEU A 196 -25.17 21.41 -10.69
C LEU A 196 -25.59 22.43 -11.72
N LYS A 197 -24.69 23.38 -11.96
CA LYS A 197 -24.93 24.45 -12.92
C LYS A 197 -25.20 23.85 -14.29
N VAL A 198 -25.96 24.58 -15.10
CA VAL A 198 -26.20 24.19 -16.48
C VAL A 198 -24.92 24.33 -17.32
N GLU A 199 -24.01 25.19 -16.87
CA GLU A 199 -22.74 25.40 -17.55
C GLU A 199 -21.76 24.24 -17.36
N GLY A 200 -21.87 23.52 -16.24
CA GLY A 200 -21.03 22.38 -15.96
C GLY A 200 -20.60 22.27 -14.51
N GLY A 201 -19.84 21.24 -14.20
CA GLY A 201 -19.33 21.04 -12.85
C GLY A 201 -18.61 19.71 -12.69
N ARG A 202 -18.17 19.43 -11.46
CA ARG A 202 -17.50 18.17 -11.14
C ARG A 202 -18.32 17.38 -10.12
N PHE A 203 -17.95 16.12 -9.91
CA PHE A 203 -18.71 15.22 -9.06
C PHE A 203 -17.79 14.33 -8.24
N CYS A 204 -18.30 13.84 -7.11
CA CYS A 204 -17.53 12.96 -6.24
C CYS A 204 -18.48 12.12 -5.37
N SER A 205 -18.23 10.81 -5.31
CA SER A 205 -19.02 9.92 -4.49
C SER A 205 -18.11 8.99 -3.70
N PHE A 206 -18.18 9.12 -2.36
CA PHE A 206 -17.43 8.28 -1.45
C PHE A 206 -18.31 7.10 -1.04
N SER A 207 -17.77 5.89 -1.14
CA SER A 207 -18.51 4.68 -0.81
C SER A 207 -17.56 3.58 -0.34
N PRO A 208 -17.77 3.02 0.88
CA PRO A 208 -16.88 1.94 1.36
C PRO A 208 -16.92 0.69 0.49
N CYS A 209 -18.12 0.24 0.13
CA CYS A 209 -18.27 -1.00 -0.62
C CYS A 209 -18.08 -0.79 -2.11
N ILE A 210 -17.89 -1.89 -2.85
CA ILE A 210 -17.61 -1.84 -4.28
C ILE A 210 -18.89 -1.85 -5.12
N GLU A 211 -19.90 -2.57 -4.65
CA GLU A 211 -21.16 -2.63 -5.38
C GLU A 211 -21.80 -1.25 -5.36
N GLN A 212 -21.53 -0.50 -4.30
CA GLN A 212 -21.95 0.88 -4.23
C GLN A 212 -21.35 1.70 -5.37
N VAL A 213 -20.13 1.35 -5.75
CA VAL A 213 -19.47 1.98 -6.89
C VAL A 213 -20.08 1.51 -8.21
N GLN A 214 -20.24 0.19 -8.34
CA GLN A 214 -20.79 -0.39 -9.56
C GLN A 214 -22.16 0.19 -9.89
N ARG A 215 -22.94 0.47 -8.86
CA ARG A 215 -24.27 1.05 -9.02
C ARG A 215 -24.20 2.54 -9.29
N THR A 216 -23.31 3.22 -8.56
CA THR A 216 -23.15 4.67 -8.70
C THR A 216 -22.73 5.01 -10.12
N CYS A 217 -21.74 4.30 -10.64
CA CYS A 217 -21.24 4.53 -11.99
C CYS A 217 -22.29 4.18 -13.03
N GLN A 218 -23.00 3.07 -12.80
CA GLN A 218 -24.06 2.63 -13.68
C GLN A 218 -25.18 3.68 -13.77
N ALA A 219 -25.33 4.46 -12.69
CA ALA A 219 -26.34 5.52 -12.63
C ALA A 219 -25.82 6.83 -13.20
N LEU A 220 -24.54 7.12 -12.96
CA LEU A 220 -23.91 8.34 -13.47
C LEU A 220 -23.91 8.36 -14.99
N ALA A 221 -23.57 7.22 -15.57
CA ALA A 221 -23.55 7.07 -17.02
C ALA A 221 -24.95 7.26 -17.62
N ALA A 222 -25.97 6.86 -16.86
CA ALA A 222 -27.35 6.96 -17.31
C ALA A 222 -27.81 8.41 -17.39
N ARG A 223 -27.30 9.24 -16.49
CA ARG A 223 -27.68 10.64 -16.44
C ARG A 223 -26.90 11.48 -17.45
N GLY A 224 -25.69 11.02 -17.78
CA GLY A 224 -24.87 11.66 -18.80
C GLY A 224 -23.59 12.30 -18.30
N PHE A 225 -23.11 11.89 -17.12
CA PHE A 225 -21.83 12.35 -16.62
C PHE A 225 -20.71 11.74 -17.46
N SER A 226 -19.51 12.32 -17.35
CA SER A 226 -18.37 11.87 -18.15
C SER A 226 -17.08 11.94 -17.35
N GLU A 227 -16.01 11.43 -17.95
CA GLU A 227 -14.70 11.41 -17.29
C GLU A 227 -14.79 10.67 -15.97
N LEU A 228 -15.34 9.46 -16.02
CA LEU A 228 -15.44 8.64 -14.82
C LEU A 228 -14.09 8.05 -14.47
N SER A 229 -13.71 8.18 -13.20
CA SER A 229 -12.47 7.62 -12.71
C SER A 229 -12.61 7.34 -11.23
N THR A 230 -12.51 6.07 -10.85
CA THR A 230 -12.61 5.67 -9.46
C THR A 230 -11.21 5.51 -8.86
N LEU A 231 -10.91 6.40 -7.92
CA LEU A 231 -9.62 6.42 -7.24
C LEU A 231 -9.76 5.92 -5.82
N GLU A 232 -8.63 5.58 -5.22
CA GLU A 232 -8.59 5.20 -3.81
C GLU A 232 -7.25 5.62 -3.21
N VAL A 233 -7.32 6.58 -2.30
CA VAL A 233 -6.12 7.10 -1.64
C VAL A 233 -5.76 6.23 -0.43
N LEU A 234 -4.48 6.17 -0.13
CA LEU A 234 -3.97 5.33 0.95
C LEU A 234 -2.84 6.02 1.70
N PRO A 235 -3.14 6.62 2.86
CA PRO A 235 -2.05 7.28 3.60
C PRO A 235 -1.09 6.28 4.24
N GLN A 236 0.04 6.79 4.71
CA GLN A 236 1.04 5.96 5.36
C GLN A 236 2.01 6.86 6.12
N VAL A 237 1.83 6.92 7.44
CA VAL A 237 2.68 7.74 8.29
C VAL A 237 3.80 6.88 8.89
N TYR A 238 4.98 7.46 9.01
CA TYR A 238 6.16 6.75 9.51
C TYR A 238 6.58 7.26 10.88
N ASN A 239 6.73 6.34 11.83
CA ASN A 239 7.35 6.65 13.11
C ASN A 239 8.87 6.70 12.93
N VAL A 240 9.43 7.89 13.08
CA VAL A 240 10.88 8.06 12.99
C VAL A 240 11.53 7.53 14.25
N ARG A 241 12.65 6.84 14.10
CA ARG A 241 13.40 6.32 15.23
C ARG A 241 14.78 5.88 14.78
N THR A 242 15.75 5.99 15.68
CA THR A 242 17.11 5.56 15.42
C THR A 242 17.31 4.17 16.02
N VAL A 243 17.94 3.29 15.25
CA VAL A 243 18.14 1.91 15.68
C VAL A 243 19.55 1.43 15.34
N SER A 244 19.92 0.29 15.89
CA SER A 244 21.24 -0.27 15.67
C SER A 244 21.18 -1.78 15.73
N LEU A 245 21.44 -2.43 14.60
CA LEU A 245 21.50 -3.89 14.57
C LEU A 245 22.88 -4.33 15.05
N PRO A 246 22.92 -5.15 16.12
CA PRO A 246 24.24 -5.57 16.62
C PRO A 246 24.94 -6.50 15.63
N PRO A 247 26.27 -6.45 15.57
CA PRO A 247 27.00 -7.33 14.65
C PRO A 247 26.92 -8.79 15.07
N PRO A 248 27.16 -9.73 14.14
CA PRO A 248 27.20 -11.15 14.46
C PRO A 248 28.56 -11.59 14.98
N ASP A 249 28.58 -12.40 16.02
CA ASP A 249 29.84 -12.93 16.54
C ASP A 249 30.34 -14.02 15.62
N LEU A 250 31.38 -13.71 14.84
CA LEU A 250 32.02 -14.68 13.96
C LEU A 250 33.38 -15.11 14.47
N GLY A 251 33.75 -14.64 15.66
CA GLY A 251 35.09 -14.84 16.18
C GLY A 251 36.00 -13.67 15.85
N THR A 252 35.54 -12.77 14.97
CA THR A 252 36.30 -11.60 14.58
C THR A 252 36.23 -10.55 15.68
N GLY A 253 37.26 -9.72 15.77
CA GLY A 253 37.31 -8.64 16.74
C GLY A 253 37.87 -7.36 16.13
N ASP A 261 31.23 -0.01 9.69
CA ASP A 261 30.63 -1.03 8.84
C ASP A 261 29.27 -1.44 9.38
N THR A 262 29.23 -1.77 10.66
CA THR A 262 27.99 -2.12 11.34
C THR A 262 27.45 -0.89 12.07
N SER A 263 27.49 0.26 11.39
CA SER A 263 27.13 1.51 12.03
C SER A 263 25.61 1.63 12.17
N PRO A 264 25.14 2.36 13.19
CA PRO A 264 23.71 2.64 13.35
C PRO A 264 23.10 3.39 12.16
N PHE A 265 21.79 3.60 12.21
CA PHE A 265 21.08 4.24 11.11
C PHE A 265 19.69 4.73 11.53
N ARG A 266 19.22 5.78 10.86
CA ARG A 266 17.87 6.29 11.06
C ARG A 266 16.93 5.49 10.19
N SER A 267 15.64 5.54 10.53
CA SER A 267 14.64 4.89 9.70
C SER A 267 13.24 5.39 10.01
N GLY A 268 12.37 5.27 9.01
CA GLY A 268 10.98 5.62 9.15
C GLY A 268 10.15 4.37 8.97
N THR A 269 9.75 3.78 10.09
CA THR A 269 8.91 2.59 10.07
C THR A 269 7.46 3.03 10.14
N PRO A 270 6.56 2.34 9.44
CA PRO A 270 5.14 2.71 9.46
C PRO A 270 4.53 2.65 10.87
N MET A 271 3.46 3.40 11.09
CA MET A 271 2.82 3.42 12.41
C MET A 271 2.02 2.15 12.63
N LYS A 272 0.91 2.00 11.90
CA LYS A 272 0.11 0.81 11.98
C LYS A 272 0.75 -0.19 11.04
N GLU A 273 0.77 -1.46 11.42
CA GLU A 273 1.34 -2.49 10.57
C GLU A 273 0.67 -2.49 9.20
N ALA A 274 -0.65 -2.39 9.22
CA ALA A 274 -1.45 -2.38 8.01
C ALA A 274 -2.39 -1.17 7.98
N VAL A 275 -2.52 -0.56 6.80
CA VAL A 275 -3.34 0.63 6.64
C VAL A 275 -4.79 0.25 6.39
N GLY A 276 -5.71 0.97 7.03
CA GLY A 276 -7.12 0.70 6.87
C GLY A 276 -7.63 1.12 5.50
N HIS A 277 -8.92 0.89 5.27
CA HIS A 277 -9.57 1.28 4.03
C HIS A 277 -10.69 2.26 4.31
N THR A 278 -10.50 3.50 3.90
CA THR A 278 -11.51 4.54 4.10
C THR A 278 -12.70 4.23 3.19
N GLY A 279 -12.51 4.39 1.89
CA GLY A 279 -13.55 4.14 0.92
C GLY A 279 -13.14 4.47 -0.50
N TYR A 280 -13.89 3.95 -1.46
CA TYR A 280 -13.64 4.21 -2.87
C TYR A 280 -14.18 5.59 -3.25
N LEU A 281 -13.33 6.38 -3.90
CA LEU A 281 -13.72 7.70 -4.37
C LEU A 281 -13.94 7.70 -5.87
N THR A 282 -15.18 7.93 -6.27
CA THR A 282 -15.55 7.97 -7.68
C THR A 282 -15.86 9.39 -8.10
N PHE A 283 -15.14 9.87 -9.11
CA PHE A 283 -15.32 11.23 -9.60
C PHE A 283 -15.95 11.22 -10.97
N ALA A 284 -16.51 12.36 -11.36
CA ALA A 284 -17.12 12.51 -12.67
C ALA A 284 -17.29 13.99 -13.00
N THR A 285 -17.63 14.25 -14.26
CA THR A 285 -17.74 15.62 -14.76
C THR A 285 -19.06 15.81 -15.49
N LYS A 286 -19.69 16.97 -15.25
CA LYS A 286 -20.88 17.37 -15.99
C LYS A 286 -20.50 18.42 -17.01
N THR A 287 -20.75 18.14 -18.28
CA THR A 287 -20.44 19.07 -19.36
C THR A 287 -21.68 19.32 -20.22
N PRO A 288 -21.87 20.58 -20.68
CA PRO A 288 -22.99 20.84 -21.59
C PRO A 288 -22.84 20.08 -22.90
N GLY A 289 -23.70 19.10 -23.12
CA GLY A 289 -23.67 18.30 -24.34
C GLY A 289 -24.74 17.24 -24.37
N HIS B 18 -15.33 33.99 -18.78
CA HIS B 18 -16.54 33.22 -19.08
C HIS B 18 -16.40 32.46 -20.39
N ARG B 19 -16.51 33.17 -21.52
CA ARG B 19 -16.38 32.56 -22.83
C ARG B 19 -14.93 32.63 -23.25
N ILE B 20 -14.53 31.77 -24.19
CA ILE B 20 -13.15 31.75 -24.67
C ILE B 20 -12.86 33.08 -25.38
N ARG B 21 -11.62 33.53 -25.27
CA ARG B 21 -11.20 34.78 -25.88
C ARG B 21 -9.75 34.67 -26.35
N ASP B 22 -9.34 35.59 -27.20
CA ASP B 22 -7.97 35.58 -27.73
C ASP B 22 -7.00 35.98 -26.62
N GLY B 23 -5.83 35.35 -26.61
CA GLY B 23 -4.82 35.63 -25.61
C GLY B 23 -4.93 34.76 -24.37
N ASP B 24 -6.14 34.27 -24.07
CA ASP B 24 -6.37 33.46 -22.87
C ASP B 24 -5.59 32.16 -22.93
N PHE B 25 -5.21 31.65 -21.77
CA PHE B 25 -4.46 30.41 -21.66
C PHE B 25 -5.43 29.25 -21.52
N VAL B 26 -5.09 28.10 -22.11
CA VAL B 26 -6.02 27.01 -22.25
C VAL B 26 -5.32 25.64 -22.18
N VAL B 27 -6.08 24.62 -21.81
CA VAL B 27 -5.61 23.23 -21.83
C VAL B 27 -6.38 22.42 -22.86
N LEU B 28 -5.70 21.45 -23.47
CA LEU B 28 -6.30 20.57 -24.46
C LEU B 28 -6.53 19.18 -23.86
N LYS B 29 -7.39 18.39 -24.48
CA LYS B 29 -7.65 17.04 -23.99
C LYS B 29 -8.13 16.12 -25.11
N ARG B 30 -7.46 14.99 -25.25
CA ARG B 30 -7.84 14.00 -26.26
C ARG B 30 -8.69 12.91 -25.61
N GLU B 31 -8.12 12.23 -24.63
CA GLU B 31 -8.83 11.22 -23.85
C GLU B 31 -8.47 11.38 -22.37
N ASP B 32 -7.22 11.07 -22.04
CA ASP B 32 -6.68 11.31 -20.70
C ASP B 32 -5.29 11.96 -20.80
N VAL B 33 -5.03 12.59 -21.95
CA VAL B 33 -3.75 13.25 -22.21
C VAL B 33 -4.02 14.74 -22.33
N PHE B 34 -3.13 15.55 -21.75
CA PHE B 34 -3.31 17.00 -21.75
C PHE B 34 -2.08 17.72 -22.27
N LYS B 35 -2.28 18.96 -22.72
CA LYS B 35 -1.19 19.86 -23.06
C LYS B 35 -1.73 21.29 -23.06
N ALA B 36 -1.00 22.19 -22.43
CA ALA B 36 -1.45 23.58 -22.29
C ALA B 36 -0.74 24.48 -23.29
N VAL B 37 -1.48 25.47 -23.80
CA VAL B 37 -0.97 26.41 -24.77
C VAL B 37 -1.67 27.75 -24.60
N GLN B 38 -1.25 28.74 -25.38
CA GLN B 38 -1.84 30.07 -25.35
C GLN B 38 -2.48 30.37 -26.70
N VAL B 39 -3.67 30.98 -26.66
CA VAL B 39 -4.41 31.27 -27.88
C VAL B 39 -3.81 32.50 -28.56
N GLN B 40 -3.18 32.29 -29.70
CA GLN B 40 -2.63 33.38 -30.49
C GLN B 40 -3.02 33.23 -31.95
N ARG B 41 -3.42 34.33 -32.55
CA ARG B 41 -3.81 34.35 -33.96
C ARG B 41 -2.69 33.85 -34.85
N ARG B 42 -2.98 32.80 -35.61
CA ARG B 42 -2.01 32.19 -36.52
C ARG B 42 -0.74 31.77 -35.79
N LYS B 43 -0.90 30.91 -34.79
CA LYS B 43 0.21 30.34 -34.06
C LYS B 43 0.09 28.83 -34.12
N LYS B 44 0.76 28.22 -35.09
CA LYS B 44 0.77 26.78 -35.25
C LYS B 44 1.28 26.09 -33.99
N VAL B 45 0.70 24.93 -33.68
CA VAL B 45 1.08 24.15 -32.51
C VAL B 45 1.09 22.67 -32.86
N THR B 46 1.40 21.83 -31.88
CA THR B 46 1.41 20.39 -32.09
C THR B 46 0.84 19.67 -30.87
N PHE B 47 0.22 18.52 -31.11
CA PHE B 47 -0.47 17.81 -30.05
C PHE B 47 -0.76 16.36 -30.48
N GLU B 48 -0.16 15.41 -29.78
CA GLU B 48 -0.29 13.99 -30.12
C GLU B 48 0.12 13.73 -31.58
N LYS B 49 1.28 14.27 -31.95
CA LYS B 49 1.85 14.06 -33.28
C LYS B 49 1.12 14.80 -34.41
N GLN B 50 0.14 15.64 -34.06
CA GLN B 50 -0.64 16.38 -35.05
C GLN B 50 -0.17 17.83 -35.07
N TRP B 51 -0.84 18.66 -35.88
CA TRP B 51 -0.51 20.07 -35.97
C TRP B 51 -1.78 20.89 -36.25
N PHE B 52 -2.04 21.89 -35.41
CA PHE B 52 -3.29 22.65 -35.48
C PHE B 52 -3.07 24.12 -35.82
N TYR B 53 -4.19 24.85 -35.90
CA TYR B 53 -4.22 26.31 -35.81
C TYR B 53 -5.30 26.64 -34.79
N LEU B 54 -5.13 27.77 -34.08
CA LEU B 54 -5.97 28.09 -32.92
C LEU B 54 -6.90 29.27 -33.15
N ASP B 55 -7.33 29.48 -34.40
CA ASP B 55 -8.09 30.68 -34.76
C ASP B 55 -9.61 30.52 -34.62
N ASN B 56 -10.12 29.35 -34.97
CA ASN B 56 -11.56 29.14 -35.04
C ASN B 56 -12.21 28.83 -33.69
N VAL B 57 -11.38 28.60 -32.68
CA VAL B 57 -11.85 28.17 -31.36
C VAL B 57 -12.47 29.29 -30.53
N ILE B 58 -12.21 30.54 -30.92
CA ILE B 58 -12.46 31.69 -30.06
C ILE B 58 -13.91 31.79 -29.59
N GLY B 59 -14.85 31.69 -30.52
CA GLY B 59 -16.23 32.04 -30.23
C GLY B 59 -17.09 30.94 -29.65
N HIS B 60 -16.49 30.00 -28.92
CA HIS B 60 -17.22 28.89 -28.31
C HIS B 60 -17.13 28.95 -26.80
N SER B 61 -17.83 28.03 -26.14
CA SER B 61 -17.81 27.92 -24.69
C SER B 61 -16.71 26.93 -24.29
N TYR B 62 -16.30 26.97 -23.03
CA TYR B 62 -15.35 26.00 -22.52
C TYR B 62 -16.00 24.63 -22.42
N GLY B 63 -15.27 23.61 -22.87
CA GLY B 63 -15.75 22.23 -22.85
C GLY B 63 -16.21 21.77 -24.23
N THR B 64 -15.87 22.53 -25.27
CA THR B 64 -16.29 22.21 -26.63
C THR B 64 -15.32 21.21 -27.25
N ALA B 65 -15.86 20.28 -28.03
CA ALA B 65 -15.05 19.28 -28.71
C ALA B 65 -14.67 19.76 -30.11
N PHE B 66 -13.60 19.20 -30.64
CA PHE B 66 -13.12 19.58 -31.97
C PHE B 66 -12.53 18.39 -32.69
N GLU B 67 -12.57 18.44 -34.02
CA GLU B 67 -11.93 17.43 -34.84
C GLU B 67 -10.96 18.08 -35.80
N VAL B 68 -9.79 17.48 -35.92
CA VAL B 68 -8.76 17.98 -36.80
C VAL B 68 -9.29 17.94 -38.23
N THR B 69 -8.91 18.95 -39.00
CA THR B 69 -9.20 19.00 -40.41
C THR B 69 -7.89 19.23 -41.14
N SER B 70 -7.95 19.38 -42.44
CA SER B 70 -6.77 19.65 -43.25
C SER B 70 -6.01 20.88 -42.76
N GLY B 71 -6.73 21.87 -42.25
CA GLY B 71 -6.13 23.12 -41.80
C GLY B 71 -6.54 23.57 -40.41
N GLY B 72 -7.81 23.94 -40.26
CA GLY B 72 -8.31 24.55 -39.03
C GLY B 72 -9.39 23.74 -38.34
N SER B 73 -9.52 23.94 -37.03
CA SER B 73 -10.42 23.14 -36.21
C SER B 73 -11.90 23.36 -36.58
N LEU B 74 -12.67 22.28 -36.53
CA LEU B 74 -14.12 22.34 -36.74
C LEU B 74 -14.83 21.85 -35.48
N GLN B 75 -15.98 22.46 -35.17
CA GLN B 75 -16.70 22.16 -33.94
C GLN B 75 -18.02 21.43 -34.22
N PRO B 76 -18.03 20.09 -34.02
CA PRO B 76 -19.27 19.32 -34.21
C PRO B 76 -20.16 19.35 -32.95
N LYS B 77 -21.22 18.55 -32.95
CA LYS B 77 -22.12 18.47 -31.80
C LYS B 77 -21.93 17.15 -31.06
N THR B 133 -12.02 -10.16 -41.67
CA THR B 133 -13.44 -9.90 -41.46
C THR B 133 -14.06 -10.95 -40.53
N THR B 134 -13.55 -11.03 -39.32
CA THR B 134 -14.04 -11.97 -38.31
C THR B 134 -14.35 -11.19 -37.04
N PHE B 135 -15.31 -10.28 -37.15
CA PHE B 135 -15.68 -9.38 -36.07
C PHE B 135 -16.55 -10.04 -35.00
N ARG B 136 -17.51 -10.87 -35.44
CA ARG B 136 -18.49 -11.45 -34.54
C ARG B 136 -17.95 -12.54 -33.61
N ASP B 137 -16.68 -12.93 -33.79
CA ASP B 137 -16.08 -13.94 -32.94
C ASP B 137 -15.94 -13.41 -31.51
N LYS B 138 -15.53 -12.15 -31.38
CA LYS B 138 -15.36 -11.53 -30.08
C LYS B 138 -16.67 -11.52 -29.31
N THR B 139 -16.59 -11.73 -28.00
CA THR B 139 -17.76 -11.73 -27.14
C THR B 139 -18.41 -10.35 -27.11
N GLU B 140 -19.51 -10.22 -26.37
CA GLU B 140 -20.22 -8.95 -26.26
C GLU B 140 -19.34 -7.83 -25.68
N PHE B 141 -18.56 -8.18 -24.66
CA PHE B 141 -17.70 -7.20 -23.98
C PHE B 141 -16.29 -7.13 -24.57
N ALA B 142 -15.88 -8.17 -25.28
CA ALA B 142 -14.59 -8.17 -25.97
C ALA B 142 -14.70 -7.51 -27.35
N GLN B 143 -15.89 -7.55 -27.93
CA GLN B 143 -16.14 -6.91 -29.22
C GLN B 143 -16.28 -5.41 -29.04
N ASP B 144 -16.84 -4.99 -27.91
CA ASP B 144 -16.96 -3.58 -27.59
C ASP B 144 -15.61 -2.98 -27.20
N LYS B 145 -14.68 -3.84 -26.74
CA LYS B 145 -13.32 -3.41 -26.43
C LYS B 145 -12.45 -3.38 -27.68
N TYR B 146 -12.80 -4.21 -28.67
CA TYR B 146 -12.07 -4.27 -29.93
C TYR B 146 -12.43 -3.12 -30.86
N ILE B 147 -13.72 -2.76 -30.88
CA ILE B 147 -14.19 -1.64 -31.69
C ILE B 147 -13.65 -0.32 -31.16
N LYS B 148 -13.77 -0.12 -29.86
CA LYS B 148 -13.43 1.15 -29.22
C LYS B 148 -11.99 1.60 -29.47
N LYS B 149 -11.10 0.64 -29.69
CA LYS B 149 -9.69 0.96 -29.90
C LYS B 149 -9.43 1.32 -31.36
N LYS B 150 -10.05 0.61 -32.29
CA LYS B 150 -9.83 0.84 -33.72
C LYS B 150 -10.63 2.01 -34.28
N LYS B 151 -11.66 2.45 -33.54
CA LYS B 151 -12.42 3.64 -33.93
C LYS B 151 -11.79 4.90 -33.35
N LYS B 152 -11.31 4.80 -32.12
CA LYS B 152 -10.66 5.93 -31.45
C LYS B 152 -9.32 6.28 -32.10
N LYS B 153 -8.65 5.29 -32.65
CA LYS B 153 -7.31 5.47 -33.20
C LYS B 153 -7.33 6.25 -34.52
N TYR B 154 -8.34 5.99 -35.34
CA TYR B 154 -8.47 6.62 -36.64
C TYR B 154 -9.27 7.91 -36.52
N GLU B 155 -10.32 7.86 -35.69
CA GLU B 155 -11.14 9.03 -35.40
C GLU B 155 -10.94 9.44 -33.94
N ALA B 156 -10.12 10.46 -33.73
CA ALA B 156 -9.81 10.95 -32.39
C ALA B 156 -10.27 12.40 -32.23
N ILE B 157 -11.04 12.64 -31.16
CA ILE B 157 -11.61 13.96 -30.90
C ILE B 157 -10.79 14.71 -29.85
N ILE B 158 -10.74 16.02 -29.99
CA ILE B 158 -9.95 16.90 -29.14
C ILE B 158 -10.84 17.96 -28.48
N THR B 159 -10.93 17.90 -27.16
CA THR B 159 -11.72 18.83 -26.37
C THR B 159 -10.91 20.02 -25.86
N VAL B 160 -11.61 21.01 -25.35
CA VAL B 160 -11.01 22.24 -24.83
C VAL B 160 -11.57 22.52 -23.44
N VAL B 161 -10.69 22.57 -22.45
CA VAL B 161 -11.11 22.78 -21.06
C VAL B 161 -10.38 23.96 -20.46
N LYS B 162 -11.02 24.61 -19.49
CA LYS B 162 -10.40 25.71 -18.76
C LYS B 162 -9.36 25.14 -17.78
N PRO B 163 -8.18 25.78 -17.68
CA PRO B 163 -7.15 25.24 -16.80
C PRO B 163 -7.56 25.11 -15.33
N SER B 164 -6.88 24.23 -14.60
CA SER B 164 -7.11 24.06 -13.17
C SER B 164 -5.95 23.28 -12.56
N THR B 165 -5.75 23.43 -11.26
CA THR B 165 -4.69 22.73 -10.54
C THR B 165 -4.81 21.22 -10.77
N ARG B 166 -6.04 20.73 -10.82
CA ARG B 166 -6.29 19.30 -11.05
C ARG B 166 -5.68 18.83 -12.35
N ILE B 167 -6.02 19.53 -13.43
CA ILE B 167 -5.67 19.09 -14.77
C ILE B 167 -4.18 19.22 -15.01
N LEU B 168 -3.62 20.35 -14.60
CA LEU B 168 -2.20 20.63 -14.81
C LEU B 168 -1.33 19.72 -13.96
N SER B 169 -1.74 19.48 -12.72
CA SER B 169 -0.97 18.60 -11.83
C SER B 169 -0.93 17.16 -12.34
N ILE B 170 -1.99 16.72 -13.00
CA ILE B 170 -2.04 15.38 -13.59
C ILE B 170 -1.21 15.39 -14.87
N MET B 171 -1.27 16.50 -15.59
CA MET B 171 -0.59 16.63 -16.87
C MET B 171 0.93 16.64 -16.72
N TYR B 172 1.41 17.51 -15.83
CA TYR B 172 2.85 17.70 -15.64
C TYR B 172 3.51 16.44 -15.10
N TYR B 173 2.77 15.70 -14.26
CA TYR B 173 3.28 14.43 -13.73
C TYR B 173 3.38 13.36 -14.83
N ALA B 174 2.60 13.54 -15.89
CA ALA B 174 2.53 12.59 -17.00
C ALA B 174 3.37 13.01 -18.21
N ARG B 175 3.56 14.33 -18.38
CA ARG B 175 4.25 14.87 -19.55
C ARG B 175 5.68 15.29 -19.20
N GLU B 176 5.87 15.90 -18.03
CA GLU B 176 7.17 16.39 -17.61
C GLU B 176 7.38 16.23 -16.10
N PRO B 177 7.37 14.98 -15.61
CA PRO B 177 7.58 14.69 -14.18
C PRO B 177 8.97 15.10 -13.68
N GLY B 178 9.97 15.07 -14.55
CA GLY B 178 11.32 15.44 -14.18
C GLY B 178 11.45 16.90 -13.77
N LYS B 179 10.57 17.74 -14.30
CA LYS B 179 10.60 19.18 -14.03
C LYS B 179 10.09 19.48 -12.62
N ILE B 180 9.14 18.68 -12.16
CA ILE B 180 8.47 18.91 -10.88
C ILE B 180 8.83 17.86 -9.82
N ASN B 181 10.00 17.24 -9.98
CA ASN B 181 10.49 16.26 -9.01
C ASN B 181 9.47 15.17 -8.67
N HIS B 182 8.74 14.71 -9.68
CA HIS B 182 7.86 13.55 -9.57
C HIS B 182 6.78 13.72 -8.49
N MET B 183 6.39 14.96 -8.24
CA MET B 183 5.35 15.19 -7.24
C MET B 183 4.00 14.80 -7.82
N ARG B 184 3.56 13.59 -7.48
CA ARG B 184 2.27 13.09 -7.95
C ARG B 184 1.15 14.02 -7.53
N TYR B 185 0.13 14.14 -8.37
CA TYR B 185 -0.98 15.06 -8.15
C TYR B 185 -1.70 14.85 -6.82
N ASP B 186 -1.70 13.63 -6.29
CA ASP B 186 -2.36 13.36 -5.01
C ASP B 186 -1.54 13.97 -3.87
N THR B 187 -0.22 13.86 -3.99
CA THR B 187 0.70 14.37 -2.98
C THR B 187 0.57 15.88 -2.88
N LEU B 188 0.34 16.52 -4.02
CA LEU B 188 0.20 17.96 -4.08
C LEU B 188 -1.00 18.43 -3.26
N ALA B 189 -2.12 17.74 -3.41
CA ALA B 189 -3.36 18.11 -2.74
C ALA B 189 -3.19 18.08 -1.22
N GLN B 190 -2.39 17.12 -0.75
CA GLN B 190 -2.14 16.98 0.68
C GLN B 190 -1.45 18.23 1.23
N MET B 191 -0.58 18.82 0.43
CA MET B 191 0.16 20.00 0.85
C MET B 191 -0.76 21.21 0.93
N LEU B 192 -1.69 21.30 -0.01
CA LEU B 192 -2.67 22.38 -0.02
C LEU B 192 -3.58 22.35 1.20
N THR B 193 -3.83 21.14 1.71
CA THR B 193 -4.74 20.95 2.82
C THR B 193 -4.00 20.97 4.16
N LEU B 194 -2.81 20.39 4.18
CA LEU B 194 -2.01 20.33 5.40
C LEU B 194 -1.46 21.70 5.78
N GLY B 195 -1.22 22.54 4.77
CA GLY B 195 -0.74 23.88 5.01
C GLY B 195 -1.86 24.89 5.27
N ASN B 196 -3.10 24.43 5.19
CA ASN B 196 -4.26 25.29 5.44
C ASN B 196 -4.23 26.51 4.54
N ILE B 197 -4.21 26.27 3.23
CA ILE B 197 -4.15 27.35 2.26
C ILE B 197 -5.55 27.89 2.03
N ARG B 198 -5.71 29.20 2.22
CA ARG B 198 -7.00 29.83 2.02
C ARG B 198 -6.87 31.35 1.93
N ALA B 199 -8.00 32.00 1.65
CA ALA B 199 -8.06 33.44 1.45
C ALA B 199 -7.68 34.23 2.70
N GLY B 200 -6.69 35.12 2.57
CA GLY B 200 -6.28 35.99 3.65
C GLY B 200 -5.09 35.45 4.41
N ASN B 201 -4.13 34.90 3.67
CA ASN B 201 -2.92 34.32 4.24
C ASN B 201 -1.65 34.93 3.67
N LYS B 202 -0.65 35.12 4.52
CA LYS B 202 0.67 35.53 4.06
C LYS B 202 1.58 34.30 4.05
N MET B 203 1.79 33.75 2.86
CA MET B 203 2.49 32.48 2.72
C MET B 203 3.90 32.67 2.17
N ILE B 204 4.77 31.71 2.50
CA ILE B 204 6.14 31.70 1.99
C ILE B 204 6.34 30.41 1.20
N VAL B 205 7.05 30.51 0.09
CA VAL B 205 7.25 29.37 -0.79
C VAL B 205 8.64 29.40 -1.41
N MET B 206 9.16 28.21 -1.69
CA MET B 206 10.48 28.06 -2.30
C MET B 206 10.46 26.75 -3.06
N GLU B 207 10.19 26.83 -4.36
CA GLU B 207 10.03 25.64 -5.19
C GLU B 207 10.72 25.74 -6.55
N THR B 208 11.04 24.58 -7.11
CA THR B 208 11.66 24.46 -8.42
C THR B 208 10.80 23.59 -9.33
N CYS B 209 9.50 23.54 -9.05
CA CYS B 209 8.56 22.73 -9.82
C CYS B 209 7.85 23.58 -10.87
N ALA B 210 8.62 24.41 -11.58
CA ALA B 210 8.09 25.22 -12.67
C ALA B 210 6.96 26.15 -12.25
N GLY B 211 6.90 26.50 -10.97
CA GLY B 211 5.83 27.36 -10.47
C GLY B 211 4.48 26.66 -10.41
N LEU B 212 4.47 25.34 -10.58
CA LEU B 212 3.25 24.55 -10.50
C LEU B 212 2.63 24.70 -9.11
N VAL B 213 3.49 24.62 -8.09
CA VAL B 213 3.06 24.76 -6.71
C VAL B 213 2.58 26.19 -6.48
N LEU B 214 3.29 27.14 -7.08
CA LEU B 214 2.92 28.54 -6.98
C LEU B 214 1.54 28.78 -7.57
N GLY B 215 1.20 28.03 -8.61
CA GLY B 215 -0.10 28.13 -9.23
C GLY B 215 -1.19 27.52 -8.37
N ALA B 216 -0.86 26.40 -7.72
CA ALA B 216 -1.81 25.69 -6.86
C ALA B 216 -2.25 26.58 -5.70
N MET B 217 -1.28 27.22 -5.06
CA MET B 217 -1.54 28.11 -3.93
C MET B 217 -2.47 29.24 -4.34
N MET B 218 -2.13 29.88 -5.45
CA MET B 218 -2.89 31.01 -5.97
C MET B 218 -4.36 30.67 -6.19
N GLU B 219 -4.61 29.44 -6.64
CA GLU B 219 -5.97 29.00 -6.94
C GLU B 219 -6.82 28.92 -5.67
N ARG B 220 -6.20 28.46 -4.59
CA ARG B 220 -6.90 28.30 -3.31
C ARG B 220 -7.02 29.61 -2.53
N MET B 221 -6.26 30.63 -2.94
CA MET B 221 -6.28 31.94 -2.30
C MET B 221 -7.25 32.89 -3.01
N GLY B 222 -7.13 32.98 -4.33
CA GLY B 222 -8.04 33.76 -5.14
C GLY B 222 -7.81 35.26 -5.09
N GLY B 223 -6.56 35.66 -4.89
CA GLY B 223 -6.21 37.07 -4.82
C GLY B 223 -6.11 37.59 -3.39
N PHE B 224 -6.82 36.93 -2.47
CA PHE B 224 -6.80 37.31 -1.07
C PHE B 224 -5.51 36.82 -0.43
N GLY B 225 -4.85 37.71 0.30
CA GLY B 225 -3.61 37.37 0.96
C GLY B 225 -2.41 37.78 0.13
N SER B 226 -1.30 37.08 0.35
CA SER B 226 -0.05 37.38 -0.34
C SER B 226 0.86 36.16 -0.33
N ILE B 227 1.88 36.19 -1.17
CA ILE B 227 2.83 35.10 -1.31
C ILE B 227 4.21 35.66 -1.61
N ILE B 228 5.21 35.09 -0.97
CA ILE B 228 6.60 35.52 -1.15
C ILE B 228 7.41 34.35 -1.71
N GLN B 229 7.81 34.48 -2.96
CA GLN B 229 8.54 33.40 -3.64
C GLN B 229 10.04 33.59 -3.54
N LEU B 230 10.70 32.70 -2.80
CA LEU B 230 12.15 32.68 -2.75
C LEU B 230 12.67 31.90 -3.94
N TYR B 231 13.75 32.39 -4.54
CA TYR B 231 14.28 31.80 -5.76
C TYR B 231 15.82 31.77 -5.79
N PRO B 232 16.40 30.83 -6.53
CA PRO B 232 17.83 30.79 -6.82
C PRO B 232 18.08 31.20 -8.28
N GLY B 233 19.31 31.09 -8.75
CA GLY B 233 19.62 31.40 -10.13
C GLY B 233 19.30 32.84 -10.48
N GLY B 234 19.08 33.10 -11.76
CA GLY B 234 18.81 34.45 -12.22
C GLY B 234 17.49 34.98 -11.69
N GLY B 235 16.43 34.20 -11.84
CA GLY B 235 15.11 34.61 -11.40
C GLY B 235 14.18 33.43 -11.17
N PRO B 236 13.00 33.71 -10.59
CA PRO B 236 12.01 32.68 -10.27
C PRO B 236 11.32 32.15 -11.53
N VAL B 237 11.24 30.83 -11.65
CA VAL B 237 10.59 30.19 -12.79
C VAL B 237 9.10 30.07 -12.50
N ARG B 238 8.28 30.46 -13.48
CA ARG B 238 6.84 30.48 -13.33
C ARG B 238 6.16 30.06 -14.63
N ALA B 239 6.69 29.02 -15.26
CA ALA B 239 6.18 28.54 -16.55
C ALA B 239 4.76 28.00 -16.38
N ALA B 240 4.63 26.96 -15.55
CA ALA B 240 3.34 26.33 -15.30
C ALA B 240 2.35 27.33 -14.72
N THR B 241 2.85 28.32 -14.00
CA THR B 241 2.02 29.33 -13.36
C THR B 241 1.18 30.08 -14.40
N ALA B 242 1.82 30.45 -15.51
CA ALA B 242 1.15 31.20 -16.56
C ALA B 242 0.01 30.40 -17.18
N CYS B 243 0.17 29.08 -17.24
CA CYS B 243 -0.82 28.20 -17.84
C CYS B 243 -2.16 28.22 -17.09
N PHE B 244 -2.14 28.67 -15.84
CA PHE B 244 -3.36 28.85 -15.06
C PHE B 244 -4.20 29.99 -15.63
N GLY B 245 -3.52 31.01 -16.13
CA GLY B 245 -4.18 32.16 -16.71
C GLY B 245 -4.86 32.97 -15.62
N PHE B 246 -4.07 33.44 -14.66
CA PHE B 246 -4.60 34.27 -13.59
C PHE B 246 -4.78 35.70 -14.07
N PRO B 247 -5.75 36.43 -13.48
CA PRO B 247 -5.88 37.84 -13.82
C PRO B 247 -4.70 38.66 -13.29
N LYS B 248 -4.63 39.94 -13.66
CA LYS B 248 -3.57 40.82 -13.17
C LYS B 248 -3.75 41.17 -11.69
N SER B 249 -4.96 40.94 -11.17
CA SER B 249 -5.28 41.24 -9.77
C SER B 249 -4.53 40.38 -8.74
N PHE B 250 -3.98 39.25 -9.17
CA PHE B 250 -3.30 38.33 -8.25
C PHE B 250 -1.81 38.63 -8.11
N LEU B 251 -1.23 39.27 -9.12
CA LEU B 251 0.19 39.60 -9.12
C LEU B 251 0.51 40.65 -8.04
N SER B 252 -0.51 41.34 -7.56
CA SER B 252 -0.33 42.34 -6.50
C SER B 252 0.28 41.74 -5.25
N GLY B 253 -0.26 40.59 -4.83
CA GLY B 253 0.23 39.92 -3.64
C GLY B 253 1.37 38.96 -3.92
N LEU B 254 1.98 39.07 -5.10
CA LEU B 254 3.10 38.22 -5.47
C LEU B 254 4.39 39.03 -5.44
N TYR B 255 5.36 38.55 -4.68
CA TYR B 255 6.66 39.20 -4.58
C TYR B 255 7.74 38.15 -4.79
N GLU B 256 8.99 38.60 -4.85
CA GLU B 256 10.11 37.70 -4.97
C GLU B 256 11.30 38.23 -4.18
N PHE B 257 12.18 37.32 -3.80
CA PHE B 257 13.40 37.69 -3.07
C PHE B 257 14.46 36.60 -3.29
N PRO B 258 15.68 36.99 -3.69
CA PRO B 258 16.69 35.98 -3.99
C PRO B 258 17.08 35.16 -2.77
N LEU B 259 17.45 33.91 -2.99
CA LEU B 259 17.74 32.99 -1.89
C LEU B 259 19.13 33.23 -1.32
N ASN B 260 20.01 33.86 -2.09
CA ASN B 260 21.39 34.11 -1.65
C ASN B 260 21.60 35.36 -0.79
N LYS B 261 20.50 35.93 -0.29
CA LYS B 261 20.56 37.08 0.60
C LYS B 261 19.79 36.82 1.89
N VAL B 262 19.51 35.55 2.18
CA VAL B 262 18.73 35.20 3.35
C VAL B 262 19.58 35.24 4.61
N ASP B 263 20.75 34.60 4.58
CA ASP B 263 21.65 34.63 5.72
C ASP B 263 22.04 36.07 6.05
N SER B 264 22.12 36.90 5.03
CA SER B 264 22.34 38.33 5.20
C SER B 264 21.11 38.97 5.84
N LEU B 265 19.94 38.55 5.38
CA LEU B 265 18.67 39.06 5.89
C LEU B 265 18.40 38.68 7.35
N LEU B 266 18.75 37.45 7.73
CA LEU B 266 18.56 36.99 9.10
C LEU B 266 19.41 37.80 10.05
N HIS B 267 20.64 38.05 9.65
CA HIS B 267 21.59 38.81 10.46
C HIS B 267 21.25 40.31 10.47
N GLY B 268 20.41 40.75 9.53
CA GLY B 268 20.05 42.15 9.41
C GLY B 268 21.10 42.92 8.64
N THR B 269 22.02 42.21 7.99
CA THR B 269 23.10 42.83 7.24
C THR B 269 22.70 43.15 5.80
N PHE B 270 21.46 42.85 5.43
CA PHE B 270 21.00 43.07 4.06
C PHE B 270 20.93 44.56 3.74
N SER B 271 21.24 44.89 2.49
CA SER B 271 21.21 46.28 2.02
C SER B 271 19.77 46.78 1.96
N TYR B 342 19.34 50.88 -26.41
CA TYR B 342 18.42 50.11 -25.59
C TYR B 342 19.03 49.75 -24.22
N ILE B 343 20.18 50.34 -23.89
CA ILE B 343 20.80 50.17 -22.58
C ILE B 343 19.90 50.69 -21.45
N GLN B 344 18.96 51.56 -21.78
CA GLN B 344 18.03 52.13 -20.80
C GLN B 344 17.00 51.11 -20.32
N GLU B 345 16.61 50.18 -21.18
CA GLU B 345 15.60 49.19 -20.83
C GLU B 345 16.04 48.33 -19.64
N LYS B 346 17.34 48.11 -19.51
CA LYS B 346 17.89 47.33 -18.41
C LYS B 346 17.82 48.09 -17.10
N GLN B 347 18.24 49.36 -17.14
CA GLN B 347 18.31 50.18 -15.93
C GLN B 347 16.92 50.40 -15.34
N ARG B 348 15.89 50.31 -16.17
CA ARG B 348 14.51 50.45 -15.73
C ARG B 348 14.03 49.13 -15.13
N ARG B 349 14.36 48.02 -15.79
CA ARG B 349 13.99 46.69 -15.32
C ARG B 349 14.79 46.30 -14.07
N GLN B 350 15.98 46.87 -13.92
CA GLN B 350 16.86 46.53 -12.81
C GLN B 350 16.39 47.16 -11.50
N GLU B 351 16.27 48.48 -11.51
CA GLU B 351 15.88 49.21 -10.30
C GLU B 351 14.45 48.87 -9.90
N GLU B 352 13.61 48.58 -10.89
CA GLU B 352 12.21 48.21 -10.62
C GLU B 352 12.11 46.87 -9.90
N GLN B 353 13.04 45.96 -10.17
CA GLN B 353 13.05 44.64 -9.55
C GLN B 353 13.69 44.69 -8.16
N ARG B 354 14.86 45.32 -8.08
CA ARG B 354 15.57 45.47 -6.81
C ARG B 354 14.69 46.21 -5.81
N LYS B 355 13.86 47.12 -6.33
CA LYS B 355 12.85 47.78 -5.51
C LYS B 355 11.91 46.74 -4.92
N ARG B 356 11.38 45.87 -5.77
CA ARG B 356 10.45 44.83 -5.36
C ARG B 356 11.08 43.85 -4.37
N HIS B 357 12.40 43.73 -4.42
CA HIS B 357 13.13 42.83 -3.54
C HIS B 357 13.17 43.38 -2.11
N LEU B 358 13.46 44.67 -1.98
CA LEU B 358 13.47 45.32 -0.67
C LEU B 358 12.09 45.33 -0.03
N GLU B 359 11.04 45.30 -0.85
CA GLU B 359 9.68 45.20 -0.35
C GLU B 359 9.49 43.85 0.31
N ALA B 360 9.92 42.80 -0.37
CA ALA B 360 9.82 41.45 0.15
C ALA B 360 10.68 41.28 1.40
N ALA B 361 11.88 41.87 1.36
CA ALA B 361 12.84 41.77 2.46
C ALA B 361 12.26 42.32 3.77
N ALA B 362 11.35 43.29 3.66
CA ALA B 362 10.71 43.87 4.83
C ALA B 362 9.67 42.91 5.38
N LEU B 363 8.81 42.39 4.50
CA LEU B 363 7.75 41.48 4.89
C LEU B 363 8.31 40.22 5.53
N LEU B 364 9.41 39.74 4.98
CA LEU B 364 10.13 38.60 5.55
C LEU B 364 10.67 38.96 6.92
N SER B 365 11.20 40.17 7.04
CA SER B 365 11.80 40.65 8.29
C SER B 365 10.79 40.76 9.42
N GLU B 366 9.50 40.79 9.09
CA GLU B 366 8.45 40.81 10.10
C GLU B 366 8.42 39.51 10.90
N ARG B 367 8.79 38.41 10.25
CA ARG B 367 8.81 37.09 10.89
C ARG B 367 7.44 36.77 11.47
N ASN B 368 6.41 36.89 10.65
CA ASN B 368 5.03 36.69 11.10
C ASN B 368 4.18 36.02 10.04
N ALA B 369 4.77 35.07 9.32
CA ALA B 369 4.07 34.40 8.23
C ALA B 369 2.93 33.54 8.76
N ASP B 370 2.00 33.18 7.87
CA ASP B 370 0.89 32.30 8.20
C ASP B 370 1.12 30.90 7.67
N GLY B 371 2.30 30.62 7.13
CA GLY B 371 2.62 29.29 6.64
C GLY B 371 3.85 29.26 5.75
N LEU B 372 4.40 28.06 5.56
CA LEU B 372 5.56 27.84 4.72
C LEU B 372 5.40 26.57 3.90
N ILE B 373 5.81 26.61 2.64
CA ILE B 373 5.84 25.43 1.79
C ILE B 373 7.20 25.33 1.12
N VAL B 374 7.69 24.10 0.96
CA VAL B 374 9.00 23.86 0.36
C VAL B 374 8.92 22.61 -0.50
N ALA B 375 9.46 22.69 -1.71
CA ALA B 375 9.47 21.56 -2.62
C ALA B 375 10.42 21.85 -3.77
N SER B 376 11.67 21.43 -3.61
CA SER B 376 12.72 21.77 -4.57
C SER B 376 13.63 20.58 -4.85
N ARG B 377 14.67 20.84 -5.64
CA ARG B 377 15.68 19.85 -5.97
C ARG B 377 16.89 20.00 -5.05
N PHE B 378 16.73 20.74 -3.97
CA PHE B 378 17.81 20.96 -3.01
C PHE B 378 17.53 20.18 -1.72
N HIS B 379 18.57 20.02 -0.90
CA HIS B 379 18.42 19.38 0.38
C HIS B 379 17.52 20.29 1.25
N PRO B 380 16.44 19.74 1.85
CA PRO B 380 15.48 20.56 2.61
C PRO B 380 15.89 20.83 4.05
N THR B 381 16.74 19.97 4.63
CA THR B 381 17.27 20.18 5.98
C THR B 381 17.73 21.63 6.22
N PRO B 382 18.70 22.13 5.43
CA PRO B 382 19.14 23.51 5.68
C PRO B 382 18.09 24.57 5.36
N LEU B 383 17.19 24.28 4.43
CA LEU B 383 16.17 25.25 4.03
C LEU B 383 15.28 25.64 5.20
N LEU B 384 14.82 24.65 5.95
CA LEU B 384 13.95 24.89 7.09
C LEU B 384 14.67 25.59 8.23
N LEU B 385 15.87 25.10 8.54
CA LEU B 385 16.63 25.62 9.68
C LEU B 385 16.86 27.14 9.60
N SER B 386 16.78 27.69 8.39
CA SER B 386 16.95 29.13 8.19
C SER B 386 15.63 29.86 7.93
N LEU B 387 14.77 29.27 7.12
CA LEU B 387 13.55 29.94 6.67
C LEU B 387 12.42 29.95 7.68
N LEU B 388 12.38 28.94 8.54
CA LEU B 388 11.32 28.85 9.55
C LEU B 388 11.33 30.02 10.53
N ASP B 389 12.46 30.70 10.65
CA ASP B 389 12.54 31.89 11.49
C ASP B 389 11.62 33.02 11.00
N PHE B 390 11.20 32.95 9.74
CA PHE B 390 10.27 33.92 9.17
C PHE B 390 8.81 33.63 9.53
N VAL B 391 8.56 32.57 10.30
CA VAL B 391 7.21 32.09 10.55
C VAL B 391 6.72 32.45 11.94
N ALA B 392 5.41 32.68 12.06
CA ALA B 392 4.77 32.97 13.35
C ALA B 392 4.36 31.67 14.03
N PRO B 393 4.30 31.67 15.37
CA PRO B 393 3.85 30.47 16.09
C PRO B 393 2.44 30.02 15.68
N SER B 394 2.16 28.75 15.91
CA SER B 394 0.86 28.15 15.61
C SER B 394 0.46 28.29 14.14
N ARG B 395 1.42 28.08 13.25
CA ARG B 395 1.17 28.09 11.81
C ARG B 395 1.76 26.83 11.17
N PRO B 396 1.10 26.33 10.11
CA PRO B 396 1.47 25.04 9.52
C PRO B 396 2.59 25.16 8.50
N PHE B 397 3.35 24.08 8.31
CA PHE B 397 4.39 24.03 7.30
C PHE B 397 4.42 22.64 6.67
N VAL B 398 4.84 22.58 5.42
CA VAL B 398 4.86 21.31 4.68
C VAL B 398 6.05 21.29 3.73
N VAL B 399 6.90 20.27 3.89
CA VAL B 399 8.05 20.09 3.01
C VAL B 399 7.90 18.82 2.20
N TYR B 400 8.23 18.93 0.92
CA TYR B 400 8.19 17.79 0.02
C TYR B 400 9.62 17.33 -0.28
N CYS B 401 9.76 16.04 -0.53
CA CYS B 401 11.05 15.48 -0.89
C CYS B 401 10.85 14.19 -1.66
N GLN B 402 11.42 14.14 -2.86
CA GLN B 402 11.30 12.97 -3.72
C GLN B 402 11.83 11.71 -3.04
N TYR B 403 12.75 11.89 -2.11
CA TYR B 403 13.33 10.80 -1.34
C TYR B 403 13.00 10.98 0.14
N LYS B 404 13.32 9.96 0.94
CA LYS B 404 12.94 9.93 2.36
C LYS B 404 14.09 10.29 3.28
N GLU B 405 15.29 9.82 2.94
CA GLU B 405 16.47 9.94 3.81
C GLU B 405 16.77 11.39 4.23
N PRO B 406 16.61 12.35 3.32
CA PRO B 406 16.83 13.75 3.71
C PRO B 406 15.87 14.22 4.81
N LEU B 407 14.62 13.78 4.73
CA LEU B 407 13.61 14.20 5.69
C LEU B 407 13.82 13.56 7.05
N LEU B 408 14.38 12.36 7.07
CA LEU B 408 14.72 11.70 8.32
C LEU B 408 15.81 12.48 9.07
N GLU B 409 16.71 13.10 8.31
CA GLU B 409 17.71 13.98 8.90
C GLU B 409 17.07 15.30 9.30
N CYS B 410 16.14 15.76 8.47
CA CYS B 410 15.42 17.00 8.73
C CYS B 410 14.48 16.87 9.93
N TYR B 411 14.00 15.66 10.19
CA TYR B 411 13.09 15.42 11.30
C TYR B 411 13.84 15.54 12.63
N THR B 412 15.01 14.93 12.68
CA THR B 412 15.84 14.95 13.88
C THR B 412 16.40 16.34 14.11
N LYS B 413 16.80 17.01 13.03
CA LYS B 413 17.30 18.38 13.10
C LYS B 413 16.24 19.36 13.59
N LEU B 414 14.97 18.96 13.55
CA LEU B 414 13.87 19.76 14.09
C LEU B 414 13.54 19.37 15.53
N ARG B 415 13.55 18.06 15.81
CA ARG B 415 13.32 17.59 17.16
C ARG B 415 14.39 18.16 18.11
N GLU B 416 15.58 18.42 17.56
CA GLU B 416 16.67 19.01 18.31
C GLU B 416 16.56 20.54 18.36
N ARG B 417 16.08 21.12 17.26
CA ARG B 417 15.99 22.58 17.16
C ARG B 417 15.08 23.16 18.25
N GLY B 418 13.77 23.06 18.04
CA GLY B 418 12.81 23.57 19.02
C GLY B 418 11.71 24.38 18.37
N GLY B 419 10.54 24.36 19.01
CA GLY B 419 9.44 25.22 18.62
C GLY B 419 8.60 24.65 17.48
N VAL B 420 8.43 23.34 17.47
CA VAL B 420 7.56 22.69 16.49
C VAL B 420 6.89 21.48 17.14
N ILE B 421 5.77 21.04 16.59
CA ILE B 421 5.00 19.94 17.18
C ILE B 421 4.19 19.17 16.14
N ASN B 422 3.83 17.93 16.49
CA ASN B 422 3.01 17.10 15.62
C ASN B 422 3.67 16.91 14.27
N LEU B 423 4.99 16.65 14.31
CA LEU B 423 5.71 16.29 13.11
C LEU B 423 5.09 15.02 12.54
N ARG B 424 4.97 14.99 11.22
CA ARG B 424 4.23 13.93 10.55
C ARG B 424 4.86 13.61 9.21
N LEU B 425 5.78 12.66 9.22
CA LEU B 425 6.37 12.16 7.98
C LEU B 425 5.39 11.19 7.34
N SER B 426 4.77 11.63 6.23
CA SER B 426 3.71 10.85 5.60
C SER B 426 4.01 10.54 4.15
N GLU B 427 3.26 9.59 3.60
CA GLU B 427 3.31 9.24 2.19
C GLU B 427 1.90 8.86 1.75
N THR B 428 1.59 9.12 0.49
CA THR B 428 0.26 8.84 -0.04
C THR B 428 0.34 7.99 -1.30
N TRP B 429 -0.30 6.83 -1.26
CA TRP B 429 -0.42 5.98 -2.43
C TRP B 429 -1.82 6.11 -3.01
N LEU B 430 -1.89 6.10 -4.33
CA LEU B 430 -3.14 6.28 -5.05
C LEU B 430 -3.37 5.09 -5.96
N ARG B 431 -4.64 4.73 -6.15
CA ARG B 431 -4.98 3.60 -7.00
C ARG B 431 -6.25 3.87 -7.79
N ASN B 432 -6.10 4.01 -9.10
CA ASN B 432 -7.23 4.19 -9.99
C ASN B 432 -7.81 2.84 -10.37
N TYR B 433 -9.05 2.84 -10.84
CA TYR B 433 -9.75 1.60 -11.15
C TYR B 433 -10.45 1.65 -12.50
N GLN B 434 -10.80 0.47 -12.98
CA GLN B 434 -11.65 0.31 -14.16
C GLN B 434 -12.95 -0.32 -13.67
N VAL B 435 -14.06 0.36 -13.94
CA VAL B 435 -15.36 -0.11 -13.45
C VAL B 435 -16.38 -0.22 -14.59
N LEU B 436 -16.54 -1.45 -15.08
CA LEU B 436 -17.58 -1.79 -16.05
C LEU B 436 -18.28 -3.04 -15.54
N PRO B 437 -19.53 -3.27 -15.95
CA PRO B 437 -20.24 -4.40 -15.34
C PRO B 437 -19.65 -5.75 -15.76
N ASP B 438 -19.32 -6.59 -14.78
CA ASP B 438 -18.75 -7.91 -15.01
C ASP B 438 -17.33 -7.88 -15.64
N ARG B 439 -16.70 -6.71 -15.64
CA ARG B 439 -15.33 -6.57 -16.10
C ARG B 439 -14.70 -5.44 -15.29
N SER B 440 -14.87 -5.53 -13.96
CA SER B 440 -14.45 -4.46 -13.04
C SER B 440 -13.19 -4.89 -12.32
N HIS B 441 -12.12 -4.14 -12.51
CA HIS B 441 -10.85 -4.50 -11.89
C HIS B 441 -9.96 -3.28 -11.71
N PRO B 442 -9.03 -3.33 -10.74
CA PRO B 442 -8.06 -2.25 -10.58
C PRO B 442 -7.07 -2.21 -11.73
N LYS B 443 -6.67 -1.01 -12.16
CA LYS B 443 -5.67 -0.88 -13.22
C LYS B 443 -4.28 -0.71 -12.60
N LEU B 444 -3.96 0.52 -12.19
CA LEU B 444 -2.63 0.84 -11.69
C LEU B 444 -2.66 1.10 -10.20
N LEU B 445 -1.54 0.83 -9.54
CA LEU B 445 -1.32 1.27 -8.17
C LEU B 445 -0.11 2.19 -8.16
N MET B 446 -0.39 3.49 -8.23
CA MET B 446 0.67 4.49 -8.31
C MET B 446 1.24 4.70 -6.91
N SER B 447 2.50 4.31 -6.74
CA SER B 447 3.13 4.32 -5.42
C SER B 447 4.62 4.64 -5.48
N GLY B 448 5.14 5.19 -4.39
CA GLY B 448 6.58 5.37 -4.25
C GLY B 448 7.15 6.58 -4.98
N GLY B 449 6.82 6.71 -6.26
CA GLY B 449 7.22 7.88 -7.02
C GLY B 449 6.59 9.18 -6.57
N GLY B 450 5.62 9.11 -5.64
CA GLY B 450 4.93 10.28 -5.15
C GLY B 450 5.68 11.04 -4.08
N GLY B 451 6.93 10.66 -3.81
CA GLY B 451 7.75 11.38 -2.87
C GLY B 451 7.24 11.21 -1.45
N TYR B 452 7.69 12.08 -0.56
CA TYR B 452 7.36 12.02 0.85
C TYR B 452 7.18 13.42 1.40
N LEU B 453 6.39 13.55 2.46
CA LEU B 453 6.05 14.84 3.03
C LEU B 453 6.37 14.92 4.52
N LEU B 454 6.95 16.04 4.94
CA LEU B 454 7.23 16.28 6.35
C LEU B 454 6.49 17.54 6.79
N SER B 455 5.48 17.36 7.63
CA SER B 455 4.56 18.44 7.99
C SER B 455 4.51 18.67 9.50
N GLY B 456 3.90 19.77 9.91
CA GLY B 456 3.75 20.10 11.32
C GLY B 456 3.32 21.54 11.52
N PHE B 457 3.32 21.98 12.78
CA PHE B 457 2.99 23.35 13.13
C PHE B 457 4.13 23.97 13.92
N THR B 458 4.13 25.30 14.02
CA THR B 458 5.16 26.03 14.73
C THR B 458 4.75 26.32 16.17
N VAL B 459 5.74 26.65 16.99
CA VAL B 459 5.51 26.99 18.39
C VAL B 459 6.61 27.95 18.82
N ALA B 460 6.31 28.79 19.80
CA ALA B 460 7.30 29.72 20.34
C ALA B 460 8.47 28.99 21.00
N MET B 461 9.52 29.74 21.28
CA MET B 461 10.73 29.19 21.89
C MET B 461 10.79 29.56 23.36
N ASP B 462 11.51 28.76 24.15
CA ASP B 462 11.62 29.01 25.58
C ASP B 462 12.55 30.19 25.85
N ASN B 463 12.70 30.54 27.13
CA ASN B 463 13.56 31.64 27.52
C ASN B 463 14.05 31.48 28.96
N SER C 2 19.08 -31.53 -13.97
CA SER C 2 17.66 -31.41 -14.30
C SER C 2 17.01 -30.27 -13.51
N PHE C 3 15.72 -30.09 -13.70
CA PHE C 3 14.95 -29.08 -12.95
C PHE C 3 14.87 -29.46 -11.48
N VAL C 4 14.32 -30.64 -11.23
CA VAL C 4 14.03 -31.11 -9.88
C VAL C 4 15.27 -31.16 -8.98
N ALA C 5 16.38 -31.62 -9.55
CA ALA C 5 17.61 -31.83 -8.80
C ALA C 5 18.78 -31.07 -9.42
N TYR C 6 19.62 -30.49 -8.57
CA TYR C 6 20.78 -29.73 -9.02
C TYR C 6 21.82 -30.62 -9.68
N GLU C 7 22.63 -30.01 -10.55
CA GLU C 7 23.72 -30.71 -11.21
C GLU C 7 24.82 -29.69 -11.53
N GLU C 8 26.05 -30.05 -11.17
CA GLU C 8 27.17 -29.12 -11.27
C GLU C 8 27.54 -28.81 -12.71
N LEU C 9 27.51 -29.82 -13.56
CA LEU C 9 27.93 -29.67 -14.95
C LEU C 9 26.75 -29.60 -15.91
N ILE C 10 26.93 -28.86 -16.99
CA ILE C 10 25.94 -28.78 -18.05
C ILE C 10 25.98 -30.07 -18.86
N LYS C 11 24.82 -30.47 -19.38
CA LYS C 11 24.74 -31.60 -20.29
C LYS C 11 23.68 -31.33 -21.34
N GLU C 12 23.77 -32.02 -22.47
CA GLU C 12 22.82 -31.82 -23.56
C GLU C 12 21.42 -32.20 -23.12
N GLY C 13 20.42 -31.51 -23.67
CA GLY C 13 19.04 -31.72 -23.31
C GLY C 13 18.58 -30.81 -22.18
N ASP C 14 19.53 -30.26 -21.43
CA ASP C 14 19.21 -29.32 -20.37
C ASP C 14 18.69 -28.02 -20.95
N THR C 15 18.10 -27.21 -20.07
CA THR C 15 17.56 -25.92 -20.46
C THR C 15 18.19 -24.86 -19.58
N ALA C 16 19.20 -24.18 -20.11
CA ALA C 16 19.96 -23.21 -19.34
C ALA C 16 19.44 -21.79 -19.55
N ILE C 17 19.89 -20.88 -18.70
CA ILE C 17 19.49 -19.48 -18.75
C ILE C 17 20.70 -18.60 -18.87
N LEU C 18 20.58 -17.57 -19.69
CA LEU C 18 21.68 -16.66 -19.96
C LEU C 18 21.36 -15.27 -19.42
N SER C 19 22.28 -14.73 -18.63
CA SER C 19 22.21 -13.35 -18.16
C SER C 19 22.85 -12.49 -19.23
N LEU C 20 22.07 -11.60 -19.83
CA LEU C 20 22.57 -10.67 -20.83
C LEU C 20 22.93 -9.33 -20.20
N GLY C 21 22.79 -9.22 -18.88
CA GLY C 21 22.99 -7.95 -18.22
C GLY C 21 21.65 -7.28 -18.06
N HIS C 22 21.59 -6.24 -17.23
CA HIS C 22 20.33 -5.63 -16.85
C HIS C 22 19.44 -6.76 -16.29
N GLY C 23 18.12 -6.65 -16.43
CA GLY C 23 17.25 -7.75 -16.03
C GLY C 23 17.03 -8.74 -17.18
N ALA C 24 17.57 -8.43 -18.35
CA ALA C 24 17.26 -9.19 -19.56
C ALA C 24 17.98 -10.53 -19.58
N MET C 25 17.21 -11.60 -19.77
CA MET C 25 17.74 -12.94 -19.87
C MET C 25 16.98 -13.67 -20.97
N VAL C 26 17.33 -14.93 -21.20
CA VAL C 26 16.63 -15.75 -22.18
C VAL C 26 16.87 -17.23 -21.90
N ALA C 27 15.86 -18.05 -22.20
CA ALA C 27 15.95 -19.49 -22.01
C ALA C 27 16.47 -20.16 -23.27
N VAL C 28 17.32 -21.16 -23.10
CA VAL C 28 17.94 -21.86 -24.22
C VAL C 28 18.08 -23.34 -23.91
N ARG C 29 17.75 -24.17 -24.88
CA ARG C 29 17.94 -25.61 -24.74
C ARG C 29 19.24 -26.01 -25.41
N VAL C 30 20.07 -26.74 -24.68
CA VAL C 30 21.40 -27.10 -25.17
C VAL C 30 21.31 -28.31 -26.11
N GLN C 31 21.64 -28.08 -27.37
CA GLN C 31 21.84 -29.15 -28.34
C GLN C 31 23.23 -29.01 -28.96
N ARG C 32 23.90 -30.14 -29.19
CA ARG C 32 25.22 -30.13 -29.81
C ARG C 32 25.13 -29.62 -31.25
N GLY C 33 25.92 -28.59 -31.55
CA GLY C 33 26.00 -28.05 -32.90
C GLY C 33 25.15 -26.80 -33.05
N ALA C 34 24.42 -26.45 -31.99
CA ALA C 34 23.52 -25.31 -32.04
C ALA C 34 24.26 -24.02 -31.72
N GLN C 35 23.72 -22.91 -32.22
CA GLN C 35 24.25 -21.58 -31.93
C GLN C 35 23.15 -20.71 -31.32
N THR C 36 23.56 -19.57 -30.76
CA THR C 36 22.62 -18.59 -30.23
C THR C 36 23.27 -17.22 -30.22
N GLN C 37 22.66 -16.28 -30.92
CA GLN C 37 23.20 -14.92 -31.02
C GLN C 37 22.76 -14.06 -29.86
N THR C 38 23.71 -13.31 -29.30
CA THR C 38 23.43 -12.37 -28.24
C THR C 38 24.08 -11.03 -28.56
N ARG C 39 23.71 -10.01 -27.80
CA ARG C 39 24.30 -8.68 -27.94
C ARG C 39 25.79 -8.64 -27.62
N HIS C 40 26.29 -9.67 -26.93
CA HIS C 40 27.71 -9.74 -26.57
C HIS C 40 28.52 -10.58 -27.56
N GLY C 41 27.85 -11.36 -28.40
CA GLY C 41 28.51 -12.14 -29.42
C GLY C 41 27.74 -13.39 -29.79
N VAL C 42 28.42 -14.53 -29.75
CA VAL C 42 27.82 -15.82 -30.08
C VAL C 42 28.31 -16.88 -29.11
N LEU C 43 27.43 -17.84 -28.81
CA LEU C 43 27.79 -19.00 -28.02
C LEU C 43 27.70 -20.26 -28.86
N ARG C 44 28.78 -21.04 -28.84
CA ARG C 44 28.84 -22.31 -29.55
C ARG C 44 28.73 -23.41 -28.51
N HIS C 45 27.61 -24.13 -28.54
CA HIS C 45 27.22 -24.99 -27.44
C HIS C 45 28.17 -26.18 -27.26
N SER C 46 28.91 -26.52 -28.32
CA SER C 46 29.80 -27.69 -28.32
C SER C 46 31.03 -27.50 -27.41
N VAL C 47 31.39 -26.25 -27.18
CA VAL C 47 32.56 -25.91 -26.37
C VAL C 47 32.30 -24.87 -25.28
N ASP C 48 31.38 -23.95 -25.50
CA ASP C 48 31.15 -22.85 -24.58
C ASP C 48 30.16 -23.18 -23.46
N LEU C 49 29.59 -24.38 -23.48
CA LEU C 49 28.60 -24.78 -22.48
C LEU C 49 28.85 -26.19 -21.98
N ILE C 50 28.79 -27.16 -22.90
CA ILE C 50 28.93 -28.56 -22.56
C ILE C 50 30.19 -28.84 -21.75
N GLY C 51 30.02 -29.57 -20.66
CA GLY C 51 31.15 -30.06 -19.90
C GLY C 51 31.68 -29.13 -18.83
N ARG C 52 31.31 -27.84 -18.89
CA ARG C 52 31.79 -26.87 -17.91
C ARG C 52 30.65 -26.34 -17.05
N PRO C 53 30.95 -26.03 -15.78
CA PRO C 53 29.92 -25.88 -14.75
C PRO C 53 29.03 -24.65 -14.86
N PHE C 54 27.86 -24.73 -14.23
CA PHE C 54 26.91 -23.62 -14.21
C PHE C 54 27.47 -22.45 -13.40
N GLY C 55 27.20 -21.23 -13.87
CA GLY C 55 27.66 -20.04 -13.19
C GLY C 55 29.05 -19.61 -13.64
N SER C 56 29.48 -20.10 -14.80
CA SER C 56 30.82 -19.83 -15.29
C SER C 56 30.85 -18.63 -16.22
N LYS C 57 31.99 -17.95 -16.25
CA LYS C 57 32.18 -16.79 -17.12
C LYS C 57 32.50 -17.30 -18.52
N VAL C 58 31.53 -17.16 -19.43
CA VAL C 58 31.61 -17.73 -20.77
C VAL C 58 31.87 -16.66 -21.81
N THR C 59 33.06 -16.67 -22.40
CA THR C 59 33.41 -15.73 -23.46
C THR C 59 32.59 -16.04 -24.71
N CYS C 60 32.55 -15.09 -25.64
CA CYS C 60 31.71 -15.19 -26.82
C CYS C 60 32.39 -14.66 -28.08
N GLY C 61 33.60 -15.15 -28.36
CA GLY C 61 34.30 -14.82 -29.58
C GLY C 61 34.88 -13.42 -29.62
N ARG C 62 34.02 -12.41 -29.65
CA ARG C 62 34.45 -11.02 -29.72
C ARG C 62 35.21 -10.55 -28.48
N GLY C 63 35.13 -11.31 -27.39
CA GLY C 63 35.74 -10.93 -26.12
C GLY C 63 34.66 -10.77 -25.09
N GLY C 64 33.46 -10.39 -25.54
CA GLY C 64 32.31 -10.31 -24.67
C GLY C 64 32.03 -11.66 -24.05
N TRP C 65 31.37 -11.65 -22.90
CA TRP C 65 31.10 -12.87 -22.14
C TRP C 65 29.65 -12.93 -21.64
N VAL C 66 29.30 -14.04 -21.00
CA VAL C 66 27.95 -14.28 -20.50
C VAL C 66 28.01 -15.22 -19.29
N TYR C 67 27.06 -15.05 -18.38
CA TYR C 67 26.94 -15.94 -17.23
C TYR C 67 25.77 -16.91 -17.43
N VAL C 68 26.05 -18.19 -17.20
CA VAL C 68 25.05 -19.24 -17.35
C VAL C 68 24.50 -19.64 -15.99
N LEU C 69 23.20 -19.87 -15.92
CA LEU C 69 22.54 -20.19 -14.66
C LEU C 69 21.82 -21.54 -14.70
N HIS C 70 21.84 -22.22 -13.57
CA HIS C 70 21.10 -23.46 -13.40
C HIS C 70 19.62 -23.10 -13.41
N PRO C 71 18.78 -23.96 -14.01
CA PRO C 71 17.36 -23.61 -14.14
C PRO C 71 16.52 -23.77 -12.88
N THR C 72 15.56 -22.87 -12.72
CA THR C 72 14.61 -22.94 -11.63
C THR C 72 13.26 -22.42 -12.14
N PRO C 73 12.15 -22.81 -11.49
CA PRO C 73 10.81 -22.38 -11.93
C PRO C 73 10.69 -20.86 -12.02
N GLU C 74 11.34 -20.15 -11.10
CA GLU C 74 11.25 -18.69 -11.06
C GLU C 74 11.92 -18.06 -12.27
N LEU C 75 12.96 -18.72 -12.77
CA LEU C 75 13.68 -18.24 -13.95
C LEU C 75 12.95 -18.62 -15.22
N TRP C 76 12.36 -19.81 -15.24
CA TRP C 76 11.56 -20.27 -16.37
C TRP C 76 10.36 -19.33 -16.55
N THR C 77 9.80 -18.88 -15.45
CA THR C 77 8.63 -18.00 -15.46
C THR C 77 8.93 -16.69 -16.20
N LEU C 78 10.19 -16.28 -16.17
CA LEU C 78 10.62 -15.00 -16.75
C LEU C 78 11.20 -15.14 -18.15
N ASN C 79 11.27 -16.36 -18.69
CA ASN C 79 11.78 -16.58 -20.04
C ASN C 79 11.04 -17.62 -20.88
N LEU C 80 9.95 -18.19 -20.35
CA LEU C 80 9.18 -19.18 -21.07
C LEU C 80 8.44 -18.50 -22.22
N PRO C 81 8.03 -19.28 -23.24
CA PRO C 81 7.25 -18.71 -24.34
C PRO C 81 5.81 -18.43 -23.94
N HIS C 82 5.45 -17.16 -23.82
CA HIS C 82 4.12 -16.78 -23.39
C HIS C 82 3.07 -17.15 -24.45
N ARG C 83 2.40 -18.27 -24.21
CA ARG C 83 1.31 -18.71 -25.07
C ARG C 83 0.05 -17.99 -24.63
N THR C 84 -0.10 -17.87 -23.32
CA THR C 84 -1.17 -17.11 -22.69
C THR C 84 -0.58 -16.34 -21.51
N GLN C 85 -1.33 -15.39 -20.96
CA GLN C 85 -0.85 -14.62 -19.82
C GLN C 85 -0.72 -15.54 -18.60
N ILE C 86 0.26 -15.26 -17.75
CA ILE C 86 0.65 -16.16 -16.68
C ILE C 86 0.68 -15.47 -15.33
N LEU C 87 0.86 -16.27 -14.28
CA LEU C 87 1.09 -15.75 -12.94
C LEU C 87 2.59 -15.73 -12.70
N TYR C 88 3.06 -14.67 -12.07
CA TYR C 88 4.48 -14.48 -11.85
C TYR C 88 4.87 -14.95 -10.45
N SER C 89 6.18 -15.10 -10.24
CA SER C 89 6.72 -15.65 -8.99
C SER C 89 6.17 -14.98 -7.73
N THR C 90 5.68 -13.75 -7.88
CA THR C 90 5.09 -13.05 -6.74
C THR C 90 3.77 -13.71 -6.31
N ASP C 91 2.83 -13.77 -7.24
CA ASP C 91 1.53 -14.40 -6.98
C ASP C 91 1.72 -15.86 -6.58
N ILE C 92 2.62 -16.54 -7.30
CA ILE C 92 2.83 -17.97 -7.13
C ILE C 92 3.28 -18.30 -5.72
N ALA C 93 4.35 -17.62 -5.28
CA ALA C 93 5.01 -17.94 -4.03
C ALA C 93 4.03 -17.96 -2.88
N LEU C 94 3.08 -17.03 -2.91
CA LEU C 94 2.07 -16.92 -1.87
C LEU C 94 1.16 -18.14 -1.91
N ILE C 95 0.69 -18.48 -3.10
CA ILE C 95 -0.27 -19.56 -3.29
C ILE C 95 0.31 -20.88 -2.80
N THR C 96 1.57 -21.11 -3.14
CA THR C 96 2.26 -22.34 -2.78
C THR C 96 2.16 -22.64 -1.29
N MET C 97 2.18 -21.60 -0.47
CA MET C 97 2.16 -21.77 0.98
C MET C 97 0.74 -21.93 1.51
N MET C 98 -0.19 -21.16 0.95
CA MET C 98 -1.56 -21.18 1.42
C MET C 98 -2.24 -22.52 1.15
N LEU C 99 -1.79 -23.21 0.09
CA LEU C 99 -2.31 -24.53 -0.24
C LEU C 99 -1.58 -25.65 0.49
N GLU C 100 -0.58 -25.29 1.29
CA GLU C 100 0.15 -26.26 2.10
C GLU C 100 0.77 -27.34 1.21
N LEU C 101 1.51 -26.92 0.20
CA LEU C 101 2.13 -27.83 -0.74
C LEU C 101 3.50 -28.27 -0.23
N ARG C 102 3.70 -29.58 -0.21
CA ARG C 102 4.94 -30.17 0.27
C ARG C 102 5.24 -31.42 -0.53
N PRO C 103 6.48 -31.93 -0.45
CA PRO C 103 6.86 -33.21 -1.06
C PRO C 103 5.88 -34.34 -0.75
N GLY C 104 5.18 -34.84 -1.77
CA GLY C 104 4.21 -35.89 -1.60
C GLY C 104 2.78 -35.43 -1.88
N SER C 105 2.59 -34.12 -1.99
CA SER C 105 1.26 -33.57 -2.16
C SER C 105 0.70 -33.90 -3.53
N VAL C 106 -0.56 -34.33 -3.55
CA VAL C 106 -1.27 -34.57 -4.79
C VAL C 106 -2.06 -33.30 -5.10
N VAL C 107 -2.00 -32.86 -6.36
CA VAL C 107 -2.52 -31.55 -6.73
C VAL C 107 -3.30 -31.63 -8.04
N CYS C 108 -4.23 -30.69 -8.22
CA CYS C 108 -4.95 -30.53 -9.47
C CYS C 108 -4.92 -29.08 -9.90
N GLU C 109 -4.89 -28.85 -11.22
CA GLU C 109 -4.76 -27.51 -11.78
C GLU C 109 -5.61 -27.37 -13.03
N SER C 110 -6.14 -26.17 -13.25
CA SER C 110 -6.82 -25.85 -14.50
C SER C 110 -7.12 -24.36 -14.59
N GLY C 111 -6.80 -23.68 -15.69
CA GLY C 111 -6.16 -24.27 -16.85
C GLY C 111 -4.66 -24.39 -16.65
N THR C 112 -3.99 -25.04 -17.60
CA THR C 112 -2.55 -25.22 -17.55
C THR C 112 -1.86 -24.06 -18.26
N GLY C 113 -2.46 -23.61 -19.36
CA GLY C 113 -1.96 -22.48 -20.12
C GLY C 113 -0.50 -22.64 -20.56
N SER C 114 0.30 -21.61 -20.29
CA SER C 114 1.72 -21.63 -20.64
C SER C 114 2.52 -22.55 -19.74
N GLY C 115 2.00 -22.83 -18.55
CA GLY C 115 2.67 -23.71 -17.62
C GLY C 115 3.72 -22.96 -16.84
N SER C 116 3.36 -21.78 -16.36
CA SER C 116 4.22 -21.01 -15.46
C SER C 116 4.11 -21.59 -14.05
N VAL C 117 2.87 -21.89 -13.66
CA VAL C 117 2.55 -22.38 -12.33
C VAL C 117 2.88 -23.86 -12.23
N SER C 118 2.62 -24.60 -13.30
CA SER C 118 2.77 -26.06 -13.32
C SER C 118 4.17 -26.50 -12.89
N HIS C 119 5.17 -25.71 -13.23
CA HIS C 119 6.56 -26.02 -12.90
C HIS C 119 6.86 -25.74 -11.44
N ALA C 120 6.29 -24.65 -10.92
CA ALA C 120 6.50 -24.26 -9.53
C ALA C 120 5.95 -25.32 -8.59
N ILE C 121 4.83 -25.94 -8.98
CA ILE C 121 4.20 -26.96 -8.16
C ILE C 121 5.10 -28.19 -8.08
N ILE C 122 5.46 -28.71 -9.24
CA ILE C 122 6.26 -29.92 -9.37
C ILE C 122 7.50 -29.83 -8.49
N ARG C 123 8.09 -28.64 -8.46
CA ARG C 123 9.33 -28.40 -7.74
C ARG C 123 9.21 -28.74 -6.24
N THR C 124 8.15 -28.24 -5.61
CA THR C 124 7.96 -28.41 -4.17
C THR C 124 7.55 -29.82 -3.83
N ILE C 125 6.60 -30.34 -4.61
CA ILE C 125 5.98 -31.63 -4.32
C ILE C 125 6.87 -32.82 -4.69
N ALA C 126 8.03 -32.55 -5.30
CA ALA C 126 8.93 -33.63 -5.66
C ALA C 126 9.61 -34.18 -4.41
N PRO C 127 10.06 -35.44 -4.46
CA PRO C 127 9.90 -36.40 -5.55
C PRO C 127 8.79 -37.42 -5.31
N THR C 128 7.92 -37.18 -4.33
CA THR C 128 6.90 -38.17 -3.95
C THR C 128 5.48 -37.78 -4.39
N GLY C 129 5.24 -36.49 -4.60
CA GLY C 129 3.91 -36.00 -4.93
C GLY C 129 3.57 -36.20 -6.39
N HIS C 130 2.50 -35.54 -6.83
CA HIS C 130 2.07 -35.65 -8.22
C HIS C 130 1.06 -34.55 -8.56
N LEU C 131 0.88 -34.31 -9.86
CA LEU C 131 -0.04 -33.28 -10.34
C LEU C 131 -0.99 -33.85 -11.38
N HIS C 132 -2.20 -33.32 -11.42
CA HIS C 132 -3.21 -33.73 -12.40
C HIS C 132 -3.84 -32.49 -13.02
N THR C 133 -3.23 -32.00 -14.09
CA THR C 133 -3.65 -30.76 -14.71
C THR C 133 -4.72 -30.98 -15.78
N VAL C 134 -5.23 -29.87 -16.33
CA VAL C 134 -6.31 -29.90 -17.30
C VAL C 134 -6.19 -28.73 -18.26
N GLU C 135 -6.46 -28.97 -19.54
CA GLU C 135 -6.42 -27.93 -20.56
C GLU C 135 -7.28 -28.34 -21.74
N PHE C 136 -8.46 -27.72 -21.86
CA PHE C 136 -9.42 -28.04 -22.94
C PHE C 136 -9.03 -27.52 -24.33
N HIS C 137 -7.88 -26.84 -24.44
CA HIS C 137 -7.31 -26.48 -25.73
C HIS C 137 -6.28 -27.52 -26.15
N GLN C 138 -6.32 -27.90 -27.43
CA GLN C 138 -5.51 -29.01 -27.94
C GLN C 138 -4.02 -28.68 -27.97
N GLN C 139 -3.67 -27.52 -28.53
CA GLN C 139 -2.28 -27.15 -28.76
C GLN C 139 -1.52 -26.92 -27.46
N ARG C 140 -2.07 -26.07 -26.60
CA ARG C 140 -1.42 -25.69 -25.36
C ARG C 140 -1.24 -26.91 -24.45
N ALA C 141 -2.17 -27.85 -24.57
CA ALA C 141 -2.09 -29.10 -23.83
C ALA C 141 -0.95 -29.95 -24.37
N GLU C 142 -0.84 -30.01 -25.70
CA GLU C 142 0.20 -30.80 -26.35
C GLU C 142 1.59 -30.24 -26.06
N LYS C 143 1.71 -28.91 -26.15
CA LYS C 143 2.98 -28.23 -25.95
C LYS C 143 3.47 -28.42 -24.52
N ALA C 144 2.53 -28.47 -23.58
CA ALA C 144 2.87 -28.67 -22.17
C ALA C 144 3.53 -30.03 -21.95
N ARG C 145 2.93 -31.06 -22.53
CA ARG C 145 3.47 -32.42 -22.43
C ARG C 145 4.90 -32.48 -22.93
N GLU C 146 5.17 -31.75 -24.01
CA GLU C 146 6.50 -31.73 -24.60
C GLU C 146 7.51 -31.17 -23.60
N GLU C 147 7.20 -30.00 -23.04
CA GLU C 147 8.10 -29.31 -22.13
C GLU C 147 8.45 -30.17 -20.92
N PHE C 148 7.43 -30.83 -20.36
CA PHE C 148 7.63 -31.67 -19.18
C PHE C 148 8.52 -32.88 -19.48
N GLN C 149 8.53 -33.33 -20.74
CA GLN C 149 9.37 -34.45 -21.14
C GLN C 149 10.78 -33.99 -21.52
N GLU C 150 10.88 -32.80 -22.11
CA GLU C 150 12.17 -32.21 -22.44
C GLU C 150 12.91 -31.81 -21.16
N HIS C 151 12.14 -31.49 -20.11
CA HIS C 151 12.71 -31.16 -18.80
C HIS C 151 12.88 -32.38 -17.90
N ARG C 152 12.38 -33.54 -18.36
CA ARG C 152 12.51 -34.81 -17.65
C ARG C 152 11.72 -34.80 -16.33
N VAL C 153 10.58 -34.11 -16.34
CA VAL C 153 9.72 -33.99 -15.17
C VAL C 153 8.34 -34.61 -15.38
N GLY C 154 8.21 -35.43 -16.43
CA GLY C 154 6.92 -36.06 -16.72
C GLY C 154 6.48 -37.01 -15.63
N ARG C 155 7.44 -37.55 -14.89
CA ARG C 155 7.16 -38.49 -13.80
C ARG C 155 6.11 -37.96 -12.82
N TRP C 156 6.16 -36.66 -12.56
CA TRP C 156 5.35 -36.04 -11.52
C TRP C 156 4.16 -35.26 -12.08
N VAL C 157 3.68 -35.65 -13.26
CA VAL C 157 2.58 -34.94 -13.89
C VAL C 157 1.91 -35.75 -14.98
N THR C 158 0.61 -35.54 -15.13
CA THR C 158 -0.17 -36.16 -16.20
C THR C 158 -1.22 -35.16 -16.67
N VAL C 159 -1.24 -34.93 -17.99
CA VAL C 159 -2.15 -33.95 -18.58
C VAL C 159 -3.41 -34.63 -19.09
N ARG C 160 -4.52 -33.91 -19.06
CA ARG C 160 -5.80 -34.40 -19.55
C ARG C 160 -6.49 -33.30 -20.35
N THR C 161 -6.84 -33.62 -21.60
CA THR C 161 -7.48 -32.66 -22.48
C THR C 161 -9.00 -32.76 -22.36
N GLN C 162 -9.59 -31.89 -21.55
CA GLN C 162 -11.02 -31.90 -21.32
C GLN C 162 -11.47 -30.65 -20.59
N ASP C 163 -12.77 -30.40 -20.58
CA ASP C 163 -13.31 -29.28 -19.82
C ASP C 163 -13.46 -29.69 -18.37
N VAL C 164 -12.93 -28.87 -17.47
CA VAL C 164 -12.99 -29.15 -16.04
C VAL C 164 -14.37 -28.88 -15.46
N CYS C 165 -15.02 -27.83 -15.96
CA CYS C 165 -16.33 -27.45 -15.48
C CYS C 165 -17.40 -28.48 -15.85
N ARG C 166 -17.11 -29.28 -16.88
CA ARG C 166 -18.06 -30.25 -17.42
C ARG C 166 -17.69 -31.71 -17.18
N SER C 167 -16.40 -32.00 -17.00
CA SER C 167 -15.93 -33.37 -16.81
C SER C 167 -14.95 -33.56 -15.64
N GLY C 168 -14.76 -32.51 -14.84
CA GLY C 168 -13.90 -32.62 -13.67
C GLY C 168 -12.42 -32.64 -13.98
N PHE C 169 -11.62 -32.97 -12.97
CA PHE C 169 -10.17 -32.95 -13.10
C PHE C 169 -9.58 -34.28 -13.57
N GLY C 170 -10.43 -35.29 -13.76
CA GLY C 170 -9.98 -36.59 -14.24
C GLY C 170 -9.61 -37.54 -13.13
N VAL C 171 -9.86 -37.15 -11.88
CA VAL C 171 -9.60 -38.00 -10.73
C VAL C 171 -10.70 -37.78 -9.70
N SER C 172 -10.64 -38.50 -8.59
CA SER C 172 -11.68 -38.39 -7.56
C SER C 172 -11.14 -38.74 -6.18
N HIS C 173 -11.15 -37.76 -5.29
CA HIS C 173 -10.79 -37.96 -3.88
C HIS C 173 -9.39 -38.54 -3.72
N VAL C 174 -8.42 -37.90 -4.36
CA VAL C 174 -7.01 -38.25 -4.21
C VAL C 174 -6.10 -37.03 -4.03
N ALA C 175 -6.66 -35.83 -4.08
CA ALA C 175 -5.86 -34.61 -4.15
C ALA C 175 -5.85 -33.86 -2.82
N ASP C 176 -4.68 -33.40 -2.41
CA ASP C 176 -4.56 -32.59 -1.21
C ASP C 176 -4.93 -31.13 -1.45
N ALA C 177 -4.97 -30.72 -2.71
CA ALA C 177 -5.20 -29.31 -3.04
C ALA C 177 -5.63 -29.12 -4.49
N VAL C 178 -6.16 -27.94 -4.76
CA VAL C 178 -6.68 -27.58 -6.09
C VAL C 178 -6.38 -26.12 -6.38
N PHE C 179 -6.19 -25.82 -7.66
CA PHE C 179 -5.96 -24.44 -8.10
C PHE C 179 -6.75 -24.16 -9.37
N LEU C 180 -7.18 -22.91 -9.53
CA LEU C 180 -7.97 -22.52 -10.69
C LEU C 180 -7.55 -21.17 -11.27
N ASP C 181 -7.40 -21.13 -12.60
CA ASP C 181 -7.17 -19.89 -13.34
C ASP C 181 -8.04 -19.96 -14.59
N ILE C 182 -9.31 -19.59 -14.44
CA ILE C 182 -10.30 -19.78 -15.49
C ILE C 182 -11.27 -18.60 -15.47
N PRO C 183 -11.97 -18.33 -16.59
CA PRO C 183 -12.91 -17.21 -16.55
C PRO C 183 -14.24 -17.50 -15.82
N SER C 184 -14.38 -18.69 -15.26
CA SER C 184 -15.65 -19.14 -14.70
C SER C 184 -15.33 -20.25 -13.70
N PRO C 185 -14.54 -19.94 -12.66
CA PRO C 185 -14.13 -20.92 -11.65
C PRO C 185 -15.29 -21.35 -10.73
N TRP C 186 -16.41 -20.63 -10.78
CA TRP C 186 -17.57 -20.97 -9.96
C TRP C 186 -18.34 -22.18 -10.51
N GLU C 187 -18.03 -22.58 -11.74
CA GLU C 187 -18.63 -23.77 -12.35
C GLU C 187 -17.88 -25.06 -11.99
N ALA C 188 -16.62 -24.93 -11.60
CA ALA C 188 -15.77 -26.07 -11.29
C ALA C 188 -15.67 -26.31 -9.78
N VAL C 189 -16.53 -25.64 -9.01
CA VAL C 189 -16.47 -25.71 -7.56
C VAL C 189 -16.87 -27.11 -7.10
N GLY C 190 -17.86 -27.68 -7.78
CA GLY C 190 -18.36 -29.00 -7.43
C GLY C 190 -17.32 -30.06 -7.70
N HIS C 191 -16.77 -30.05 -8.91
CA HIS C 191 -15.77 -31.02 -9.32
C HIS C 191 -14.53 -30.94 -8.42
N ALA C 192 -14.24 -29.72 -7.94
CA ALA C 192 -13.09 -29.49 -7.07
C ALA C 192 -13.26 -30.27 -5.78
N TRP C 193 -14.47 -30.23 -5.22
CA TRP C 193 -14.80 -30.97 -4.02
C TRP C 193 -14.65 -32.46 -4.26
N ASP C 194 -15.16 -32.91 -5.40
CA ASP C 194 -15.11 -34.33 -5.77
C ASP C 194 -13.68 -34.80 -6.04
N ALA C 195 -12.77 -33.87 -6.32
CA ALA C 195 -11.38 -34.19 -6.62
C ALA C 195 -10.55 -34.29 -5.35
N LEU C 196 -10.77 -33.36 -4.43
CA LEU C 196 -10.02 -33.32 -3.18
C LEU C 196 -10.32 -34.54 -2.30
N LYS C 197 -9.29 -35.00 -1.60
CA LYS C 197 -9.43 -36.10 -0.66
C LYS C 197 -10.57 -35.85 0.31
N VAL C 198 -11.21 -36.93 0.72
CA VAL C 198 -12.31 -36.86 1.67
C VAL C 198 -11.86 -36.36 3.03
N GLU C 199 -10.60 -36.61 3.37
CA GLU C 199 -10.05 -36.18 4.65
C GLU C 199 -10.04 -34.65 4.74
N GLY C 200 -9.89 -34.00 3.58
CA GLY C 200 -9.87 -32.56 3.50
C GLY C 200 -8.78 -32.08 2.55
N GLY C 201 -8.76 -30.78 2.31
CA GLY C 201 -7.76 -30.20 1.44
C GLY C 201 -7.91 -28.70 1.29
N ARG C 202 -7.29 -28.14 0.26
CA ARG C 202 -7.27 -26.70 0.03
C ARG C 202 -7.74 -26.34 -1.37
N PHE C 203 -8.01 -25.05 -1.58
CA PHE C 203 -8.62 -24.57 -2.81
C PHE C 203 -8.08 -23.18 -3.15
N CYS C 204 -8.12 -22.83 -4.43
CA CYS C 204 -7.65 -21.51 -4.87
C CYS C 204 -8.24 -21.12 -6.22
N SER C 205 -8.37 -19.82 -6.44
CA SER C 205 -8.97 -19.31 -7.68
C SER C 205 -8.46 -17.90 -7.99
N PHE C 206 -7.84 -17.75 -9.16
CA PHE C 206 -7.28 -16.48 -9.61
C PHE C 206 -8.25 -15.84 -10.60
N SER C 207 -8.83 -14.70 -10.22
CA SER C 207 -9.84 -14.03 -11.03
C SER C 207 -9.76 -12.51 -10.79
N PRO C 208 -9.17 -11.76 -11.74
CA PRO C 208 -9.00 -10.31 -11.53
C PRO C 208 -10.27 -9.47 -11.51
N CYS C 209 -11.35 -9.92 -12.13
CA CYS C 209 -12.60 -9.18 -12.05
C CYS C 209 -13.30 -9.51 -10.72
N ILE C 210 -13.65 -8.48 -9.96
CA ILE C 210 -14.24 -8.66 -8.63
C ILE C 210 -15.56 -9.44 -8.69
N GLU C 211 -16.32 -9.22 -9.75
CA GLU C 211 -17.61 -9.89 -9.90
C GLU C 211 -17.41 -11.40 -9.92
N GLN C 212 -16.32 -11.85 -10.54
CA GLN C 212 -16.01 -13.26 -10.61
C GLN C 212 -15.73 -13.85 -9.23
N VAL C 213 -15.25 -13.01 -8.32
CA VAL C 213 -14.90 -13.46 -6.98
C VAL C 213 -16.17 -13.68 -6.16
N GLN C 214 -17.10 -12.74 -6.26
CA GLN C 214 -18.34 -12.79 -5.51
C GLN C 214 -19.08 -14.10 -5.80
N ARG C 215 -19.11 -14.48 -7.07
CA ARG C 215 -19.80 -15.68 -7.50
C ARG C 215 -19.08 -16.92 -6.95
N THR C 216 -17.75 -16.86 -6.95
CA THR C 216 -16.94 -18.01 -6.55
C THR C 216 -17.13 -18.30 -5.07
N CYS C 217 -17.02 -17.26 -4.25
CA CYS C 217 -17.22 -17.39 -2.81
C CYS C 217 -18.61 -17.89 -2.50
N GLN C 218 -19.61 -17.30 -3.16
CA GLN C 218 -21.00 -17.66 -2.96
C GLN C 218 -21.25 -19.12 -3.34
N ALA C 219 -20.54 -19.59 -4.36
CA ALA C 219 -20.66 -20.97 -4.82
C ALA C 219 -19.92 -21.93 -3.90
N LEU C 220 -18.78 -21.48 -3.39
CA LEU C 220 -17.94 -22.29 -2.51
C LEU C 220 -18.67 -22.65 -1.22
N ALA C 221 -19.13 -21.63 -0.51
CA ALA C 221 -19.77 -21.82 0.79
C ALA C 221 -20.98 -22.75 0.68
N ALA C 222 -21.77 -22.55 -0.36
CA ALA C 222 -22.97 -23.34 -0.58
C ALA C 222 -22.65 -24.83 -0.72
N ARG C 223 -21.49 -25.12 -1.30
CA ARG C 223 -21.06 -26.50 -1.51
C ARG C 223 -20.63 -27.16 -0.20
N GLY C 224 -20.19 -26.36 0.76
CA GLY C 224 -19.72 -26.86 2.04
C GLY C 224 -18.32 -26.37 2.41
N PHE C 225 -17.68 -25.62 1.53
CA PHE C 225 -16.35 -25.09 1.82
C PHE C 225 -16.39 -24.12 2.98
N SER C 226 -15.33 -24.11 3.77
CA SER C 226 -15.24 -23.25 4.94
C SER C 226 -13.86 -22.59 4.98
N GLU C 227 -13.71 -21.64 5.91
CA GLU C 227 -12.45 -20.92 6.08
C GLU C 227 -12.11 -20.17 4.80
N LEU C 228 -13.07 -19.39 4.31
CA LEU C 228 -12.86 -18.60 3.09
C LEU C 228 -12.07 -17.34 3.37
N SER C 229 -11.19 -17.00 2.43
CA SER C 229 -10.41 -15.78 2.52
C SER C 229 -10.06 -15.32 1.12
N THR C 230 -9.67 -14.05 0.99
CA THR C 230 -9.42 -13.46 -0.31
C THR C 230 -8.30 -12.44 -0.24
N LEU C 231 -7.19 -12.77 -0.90
CA LEU C 231 -5.98 -11.98 -0.80
C LEU C 231 -5.54 -11.45 -2.15
N GLU C 232 -4.76 -10.38 -2.11
CA GLU C 232 -4.12 -9.85 -3.29
C GLU C 232 -2.71 -9.41 -2.94
N VAL C 233 -1.74 -9.91 -3.70
CA VAL C 233 -0.34 -9.56 -3.48
C VAL C 233 0.10 -8.53 -4.50
N LEU C 234 0.99 -7.65 -4.09
CA LEU C 234 1.51 -6.59 -4.94
C LEU C 234 3.00 -6.45 -4.72
N PRO C 235 3.81 -6.84 -5.73
CA PRO C 235 5.26 -6.70 -5.52
C PRO C 235 5.69 -5.25 -5.64
N GLN C 236 6.91 -4.95 -5.20
CA GLN C 236 7.47 -3.63 -5.38
C GLN C 236 8.99 -3.73 -5.32
N VAL C 237 9.62 -3.54 -6.47
CA VAL C 237 11.07 -3.68 -6.60
C VAL C 237 11.71 -2.30 -6.48
N TYR C 238 12.90 -2.26 -5.89
CA TYR C 238 13.61 -1.01 -5.64
C TYR C 238 14.98 -1.01 -6.31
N ASN C 239 15.26 0.04 -7.08
CA ASN C 239 16.59 0.29 -7.63
C ASN C 239 17.47 1.02 -6.62
N VAL C 240 18.63 0.44 -6.33
CA VAL C 240 19.57 1.07 -5.41
C VAL C 240 20.47 2.02 -6.19
N ARG C 241 20.39 3.29 -5.85
CA ARG C 241 21.20 4.33 -6.50
C ARG C 241 21.55 5.40 -5.50
N THR C 242 22.86 5.66 -5.35
CA THR C 242 23.33 6.71 -4.46
C THR C 242 23.02 8.06 -5.08
N VAL C 243 22.69 9.04 -4.24
CA VAL C 243 22.33 10.37 -4.71
C VAL C 243 22.83 11.43 -3.75
N SER C 244 22.84 12.67 -4.22
CA SER C 244 23.29 13.79 -3.42
C SER C 244 22.48 15.01 -3.81
N LEU C 245 21.69 15.53 -2.87
CA LEU C 245 20.93 16.75 -3.12
C LEU C 245 21.82 17.95 -2.88
N PRO C 246 21.94 18.86 -3.87
CA PRO C 246 22.82 20.01 -3.69
C PRO C 246 22.28 20.98 -2.64
N PRO C 247 23.17 21.70 -1.94
CA PRO C 247 22.73 22.68 -0.95
C PRO C 247 22.40 24.02 -1.61
N PRO C 248 21.46 24.78 -1.05
CA PRO C 248 21.10 26.11 -1.57
C PRO C 248 22.06 27.20 -1.10
N ASP C 249 22.31 28.19 -1.95
CA ASP C 249 23.22 29.29 -1.61
C ASP C 249 22.44 30.36 -0.84
N LEU C 250 22.85 30.61 0.39
CA LEU C 250 22.25 31.64 1.24
C LEU C 250 23.23 32.79 1.50
N GLY C 251 24.32 32.84 0.74
CA GLY C 251 25.37 33.82 0.98
C GLY C 251 26.47 33.28 1.88
N THR C 252 26.19 32.18 2.58
CA THR C 252 27.15 31.60 3.49
C THR C 252 28.31 30.96 2.72
N GLY C 253 29.47 31.58 2.77
CA GLY C 253 30.65 31.07 2.10
C GLY C 253 31.29 29.93 2.86
N ASP C 261 26.12 17.53 7.20
CA ASP C 261 24.82 18.18 7.12
C ASP C 261 24.19 17.97 5.74
N THR C 262 24.94 18.31 4.70
CA THR C 262 24.53 18.07 3.33
C THR C 262 25.18 16.77 2.84
N SER C 263 25.26 15.78 3.72
CA SER C 263 25.92 14.54 3.40
C SER C 263 25.06 13.71 2.45
N PRO C 264 25.65 13.19 1.35
CA PRO C 264 24.93 12.25 0.48
C PRO C 264 24.40 11.03 1.21
N PHE C 265 23.63 10.22 0.51
CA PHE C 265 22.94 9.11 1.14
C PHE C 265 22.53 8.06 0.11
N ARG C 266 22.60 6.79 0.52
CA ARG C 266 22.09 5.70 -0.31
C ARG C 266 20.58 5.77 -0.31
N SER C 267 19.95 5.22 -1.35
CA SER C 267 18.51 5.15 -1.38
C SER C 267 18.02 4.09 -2.36
N GLY C 268 16.80 3.60 -2.10
CA GLY C 268 16.17 2.59 -2.94
C GLY C 268 14.85 3.12 -3.47
N THR C 269 14.85 3.50 -4.75
CA THR C 269 13.66 4.06 -5.38
C THR C 269 12.96 2.98 -6.19
N PRO C 270 11.61 3.03 -6.24
CA PRO C 270 10.85 2.00 -6.97
C PRO C 270 11.12 2.00 -8.47
N MET C 271 11.27 0.82 -9.06
CA MET C 271 11.52 0.71 -10.49
C MET C 271 10.30 1.22 -11.27
N LYS C 272 9.14 0.71 -10.89
CA LYS C 272 7.88 1.16 -11.48
C LYS C 272 7.19 2.11 -10.52
N GLU C 273 6.91 3.32 -10.98
CA GLU C 273 6.11 4.26 -10.22
C GLU C 273 4.69 3.74 -10.06
N ALA C 274 4.27 2.87 -10.97
CA ALA C 274 2.93 2.30 -10.94
C ALA C 274 2.99 0.78 -11.12
N VAL C 275 2.50 0.05 -10.13
CA VAL C 275 2.48 -1.41 -10.19
C VAL C 275 1.15 -1.90 -10.74
N GLY C 276 1.21 -2.84 -11.67
CA GLY C 276 0.01 -3.36 -12.30
C GLY C 276 -0.70 -4.36 -11.44
N HIS C 277 -2.00 -4.52 -11.70
CA HIS C 277 -2.83 -5.46 -10.96
C HIS C 277 -2.89 -6.81 -11.68
N THR C 278 -2.39 -7.86 -11.02
CA THR C 278 -2.48 -9.19 -11.57
C THR C 278 -3.91 -9.71 -11.42
N GLY C 279 -4.28 -10.13 -10.21
CA GLY C 279 -5.61 -10.65 -9.96
C GLY C 279 -5.88 -10.93 -8.51
N TYR C 280 -7.15 -11.17 -8.20
CA TYR C 280 -7.58 -11.49 -6.85
C TYR C 280 -7.45 -12.98 -6.63
N LEU C 281 -6.86 -13.37 -5.52
CA LEU C 281 -6.77 -14.78 -5.14
C LEU C 281 -7.80 -15.09 -4.07
N THR C 282 -8.39 -16.28 -4.14
CA THR C 282 -9.48 -16.65 -3.26
C THR C 282 -9.33 -18.09 -2.78
N PHE C 283 -9.06 -18.25 -1.50
CA PHE C 283 -8.76 -19.56 -0.92
C PHE C 283 -9.91 -20.10 -0.08
N ALA C 284 -9.85 -21.40 0.21
CA ALA C 284 -10.85 -22.05 1.03
C ALA C 284 -10.36 -23.42 1.51
N THR C 285 -11.14 -24.04 2.39
CA THR C 285 -10.77 -25.30 3.03
C THR C 285 -11.91 -26.30 3.00
N LYS C 286 -11.57 -27.56 2.78
CA LYS C 286 -12.54 -28.64 2.81
C LYS C 286 -12.36 -29.45 4.09
N THR C 287 -13.47 -29.76 4.75
CA THR C 287 -13.45 -30.51 6.00
C THR C 287 -14.65 -31.47 6.06
N PRO C 288 -14.44 -32.67 6.64
CA PRO C 288 -15.58 -33.57 6.84
C PRO C 288 -16.63 -32.95 7.77
N GLY C 289 -17.79 -32.60 7.22
CA GLY C 289 -18.86 -32.01 8.01
C GLY C 289 -19.95 -31.41 7.14
N HIS D 18 -3.56 -38.86 10.59
CA HIS D 18 -4.84 -38.95 9.90
C HIS D 18 -5.96 -38.33 10.72
N ARG D 19 -6.26 -38.97 11.85
CA ARG D 19 -7.26 -38.46 12.79
C ARG D 19 -6.53 -37.99 14.04
N ILE D 20 -7.18 -37.15 14.83
CA ILE D 20 -6.54 -36.53 15.99
C ILE D 20 -6.19 -37.60 17.02
N ARG D 21 -5.12 -37.37 17.77
CA ARG D 21 -4.67 -38.30 18.80
C ARG D 21 -3.99 -37.56 19.94
N ASP D 22 -3.63 -38.28 20.99
CA ASP D 22 -3.00 -37.69 22.16
C ASP D 22 -1.51 -37.46 21.93
N GLY D 23 -0.97 -36.41 22.54
CA GLY D 23 0.43 -36.06 22.39
C GLY D 23 0.74 -35.25 21.13
N ASP D 24 -0.25 -35.12 20.24
CA ASP D 24 -0.05 -34.43 18.98
C ASP D 24 0.23 -32.94 19.21
N PHE D 25 0.80 -32.30 18.19
CA PHE D 25 1.00 -30.85 18.20
C PHE D 25 -0.09 -30.23 17.34
N VAL D 26 -0.77 -29.21 17.88
CA VAL D 26 -2.00 -28.72 17.29
C VAL D 26 -2.14 -27.21 17.46
N VAL D 27 -2.93 -26.59 16.59
CA VAL D 27 -3.24 -25.16 16.66
C VAL D 27 -4.73 -24.94 16.90
N LEU D 28 -5.06 -23.86 17.59
CA LEU D 28 -6.45 -23.51 17.88
C LEU D 28 -6.86 -22.30 17.06
N LYS D 29 -8.16 -22.05 16.99
CA LYS D 29 -8.68 -20.93 16.22
C LYS D 29 -10.07 -20.53 16.70
N ARG D 30 -10.25 -19.24 16.98
CA ARG D 30 -11.56 -18.72 17.36
C ARG D 30 -12.24 -18.07 16.16
N GLU D 31 -11.85 -16.84 15.83
CA GLU D 31 -12.38 -16.14 14.66
C GLU D 31 -11.23 -15.96 13.67
N ASP D 32 -10.25 -15.14 14.06
CA ASP D 32 -9.01 -15.00 13.31
C ASP D 32 -7.82 -14.99 14.30
N VAL D 33 -8.05 -15.52 15.50
CA VAL D 33 -7.05 -15.55 16.56
C VAL D 33 -6.56 -16.98 16.68
N PHE D 34 -5.25 -17.16 16.83
CA PHE D 34 -4.65 -18.49 16.84
C PHE D 34 -3.73 -18.68 18.03
N LYS D 35 -3.52 -19.94 18.42
CA LYS D 35 -2.53 -20.27 19.43
C LYS D 35 -2.16 -21.75 19.35
N ALA D 36 -0.85 -22.04 19.45
CA ALA D 36 -0.36 -23.41 19.35
C ALA D 36 -0.20 -24.05 20.72
N VAL D 37 -0.54 -25.33 20.80
CA VAL D 37 -0.52 -26.08 22.04
C VAL D 37 -0.30 -27.55 21.74
N GLN D 38 0.24 -28.28 22.72
CA GLN D 38 0.36 -29.73 22.61
C GLN D 38 -0.75 -30.39 23.40
N VAL D 39 -1.26 -31.51 22.87
CA VAL D 39 -2.31 -32.25 23.54
C VAL D 39 -1.71 -33.10 24.65
N GLN D 40 -1.90 -32.67 25.88
CA GLN D 40 -1.46 -33.41 27.05
C GLN D 40 -2.66 -33.83 27.89
N ARG D 41 -2.70 -35.10 28.26
CA ARG D 41 -3.76 -35.63 29.09
C ARG D 41 -3.84 -34.88 30.40
N ARG D 42 -5.00 -34.29 30.65
CA ARG D 42 -5.27 -33.49 31.84
C ARG D 42 -4.30 -32.32 31.91
N LYS D 43 -4.43 -31.43 30.94
CA LYS D 43 -3.60 -30.24 30.86
C LYS D 43 -4.49 -29.01 30.69
N LYS D 44 -4.41 -28.10 31.65
CA LYS D 44 -5.18 -26.85 31.62
C LYS D 44 -4.44 -25.77 30.84
N VAL D 45 -5.17 -25.09 29.97
CA VAL D 45 -4.58 -24.10 29.06
C VAL D 45 -5.49 -22.88 28.92
N THR D 46 -4.92 -21.80 28.40
CA THR D 46 -5.64 -20.53 28.25
C THR D 46 -5.67 -20.09 26.79
N PHE D 47 -6.73 -19.37 26.43
CA PHE D 47 -6.93 -18.94 25.06
C PHE D 47 -8.09 -17.94 25.00
N GLU D 48 -7.77 -16.67 24.79
CA GLU D 48 -8.77 -15.61 24.71
C GLU D 48 -9.62 -15.54 25.99
N LYS D 49 -8.94 -15.63 27.14
CA LYS D 49 -9.58 -15.49 28.45
C LYS D 49 -10.59 -16.61 28.73
N GLN D 50 -10.12 -17.85 28.64
CA GLN D 50 -10.93 -19.02 29.00
C GLN D 50 -10.03 -20.12 29.56
N TRP D 51 -10.65 -21.20 30.05
CA TRP D 51 -9.92 -22.34 30.60
C TRP D 51 -10.43 -23.65 30.03
N PHE D 52 -9.52 -24.45 29.48
CA PHE D 52 -9.89 -25.68 28.77
C PHE D 52 -9.33 -26.93 29.43
N TYR D 53 -9.76 -28.07 28.90
CA TYR D 53 -9.15 -29.36 29.17
C TYR D 53 -9.17 -30.16 27.89
N LEU D 54 -7.98 -30.54 27.43
CA LEU D 54 -7.82 -31.11 26.09
C LEU D 54 -8.15 -32.60 25.99
N ASP D 55 -8.69 -33.18 27.05
CA ASP D 55 -9.04 -34.61 27.03
C ASP D 55 -10.24 -34.91 26.14
N ASN D 56 -11.16 -33.96 26.06
CA ASN D 56 -12.45 -34.22 25.45
C ASN D 56 -12.53 -33.84 23.97
N VAL D 57 -11.38 -33.79 23.31
CA VAL D 57 -11.29 -33.32 21.93
C VAL D 57 -10.33 -34.17 21.10
N ILE D 58 -10.01 -35.36 21.58
CA ILE D 58 -8.91 -36.14 21.01
C ILE D 58 -9.36 -37.07 19.90
N GLY D 59 -10.58 -37.60 20.01
CA GLY D 59 -11.04 -38.65 19.11
C GLY D 59 -11.54 -38.16 17.76
N HIS D 60 -11.92 -36.89 17.66
CA HIS D 60 -12.55 -36.37 16.46
C HIS D 60 -11.52 -36.16 15.36
N SER D 61 -11.99 -35.87 14.15
CA SER D 61 -11.10 -35.56 13.04
C SER D 61 -10.66 -34.11 13.15
N TYR D 62 -9.74 -33.69 12.27
CA TYR D 62 -9.27 -32.31 12.27
C TYR D 62 -10.25 -31.38 11.57
N GLY D 63 -10.30 -30.13 12.02
CA GLY D 63 -11.19 -29.14 11.46
C GLY D 63 -12.56 -29.23 12.12
N THR D 64 -12.55 -29.53 13.41
CA THR D 64 -13.78 -29.79 14.15
C THR D 64 -14.08 -28.61 15.09
N ALA D 65 -15.31 -28.13 15.04
CA ALA D 65 -15.74 -27.00 15.86
C ALA D 65 -16.09 -27.47 17.27
N PHE D 66 -15.95 -26.58 18.26
CA PHE D 66 -16.22 -26.92 19.66
C PHE D 66 -16.72 -25.74 20.49
N GLU D 67 -17.39 -26.05 21.59
CA GLU D 67 -17.93 -25.03 22.49
C GLU D 67 -17.57 -25.35 23.93
N VAL D 68 -17.32 -24.29 24.71
CA VAL D 68 -16.89 -24.41 26.09
C VAL D 68 -18.09 -24.54 27.02
N THR D 69 -17.88 -25.13 28.18
CA THR D 69 -18.91 -25.25 29.20
C THR D 69 -18.34 -24.85 30.57
N SER D 70 -17.90 -25.84 31.35
CA SER D 70 -17.24 -25.60 32.64
C SER D 70 -15.76 -26.02 32.62
N GLY D 71 -15.36 -26.77 31.61
CA GLY D 71 -14.01 -27.28 31.51
C GLY D 71 -13.86 -28.16 30.29
N GLY D 72 -14.78 -29.12 30.15
CA GLY D 72 -14.80 -29.98 28.99
C GLY D 72 -15.32 -29.28 27.76
N SER D 73 -14.86 -29.73 26.59
CA SER D 73 -15.24 -29.14 25.31
C SER D 73 -16.23 -30.06 24.58
N LEU D 74 -17.47 -29.60 24.44
CA LEU D 74 -18.51 -30.36 23.76
C LEU D 74 -18.54 -29.98 22.28
N GLN D 75 -18.79 -30.95 21.41
CA GLN D 75 -18.78 -30.72 19.96
C GLN D 75 -20.18 -30.42 19.43
N PRO D 76 -20.40 -29.20 18.91
CA PRO D 76 -21.69 -28.86 18.30
C PRO D 76 -21.69 -29.13 16.79
N LYS D 77 -22.70 -28.64 16.09
CA LYS D 77 -22.78 -28.79 14.64
C LYS D 77 -21.86 -27.79 13.94
N LYS D 78 -21.41 -28.14 12.75
CA LYS D 78 -20.54 -27.28 11.97
C LYS D 78 -21.33 -26.10 11.39
N LYS D 88 -36.52 -10.51 6.78
CA LYS D 88 -37.56 -10.32 7.79
C LYS D 88 -37.83 -8.83 7.98
N GLU D 89 -38.65 -8.51 8.98
CA GLU D 89 -38.96 -7.12 9.30
C GLU D 89 -37.68 -6.31 9.46
N ALA D 90 -37.38 -5.49 8.45
CA ALA D 90 -36.15 -4.72 8.42
C ALA D 90 -36.39 -3.35 7.80
N GLY D 91 -35.82 -2.33 8.41
CA GLY D 91 -35.96 -0.97 7.93
C GLY D 91 -35.15 -0.69 6.69
N THR D 92 -34.76 0.57 6.52
CA THR D 92 -34.06 1.02 5.33
C THR D 92 -33.02 2.11 5.63
N ASP D 93 -33.45 3.13 6.36
CA ASP D 93 -32.58 4.25 6.69
C ASP D 93 -32.40 4.38 8.20
N ASN D 94 -31.36 5.09 8.58
CA ASN D 94 -31.11 5.43 9.98
C ASN D 94 -31.47 6.88 10.27
N ARG D 95 -32.24 7.49 9.36
CA ARG D 95 -32.63 8.88 9.48
C ARG D 95 -33.31 9.20 10.81
N ASN D 96 -34.02 8.23 11.36
CA ASN D 96 -34.75 8.41 12.60
C ASN D 96 -34.31 7.40 13.66
N ILE D 97 -33.00 7.17 13.73
CA ILE D 97 -32.43 6.30 14.75
C ILE D 97 -31.51 7.10 15.66
N VAL D 98 -32.05 7.49 16.80
CA VAL D 98 -31.31 8.28 17.79
C VAL D 98 -30.61 7.34 18.77
N ASP D 99 -29.45 7.78 19.26
CA ASP D 99 -28.69 6.99 20.22
C ASP D 99 -29.12 7.36 21.64
N ASP D 100 -30.14 6.66 22.14
CA ASP D 100 -30.65 6.90 23.48
C ASP D 100 -29.79 6.19 24.52
N GLY D 101 -29.50 4.91 24.26
CA GLY D 101 -28.89 4.04 25.23
C GLY D 101 -29.92 3.09 25.81
N LYS D 102 -31.18 3.53 25.83
CA LYS D 102 -32.30 2.72 26.25
C LYS D 102 -33.00 2.10 25.03
N SER D 103 -32.20 1.64 24.07
CA SER D 103 -32.73 0.92 22.91
C SER D 103 -32.82 -0.55 23.26
N GLN D 104 -31.85 -1.02 24.05
CA GLN D 104 -31.89 -2.34 24.64
C GLN D 104 -32.59 -2.24 25.98
N LYS D 105 -33.45 -3.21 26.29
CA LYS D 105 -34.30 -3.16 27.48
C LYS D 105 -34.09 -4.35 28.41
N LEU D 106 -32.84 -4.53 28.82
CA LEU D 106 -32.50 -5.42 29.92
C LEU D 106 -31.21 -4.93 30.55
N THR D 107 -31.05 -5.18 31.84
CA THR D 107 -30.06 -4.48 32.63
C THR D 107 -28.69 -5.17 32.55
N GLN D 108 -27.65 -4.38 32.78
CA GLN D 108 -26.29 -4.88 32.85
C GLN D 108 -26.07 -5.94 33.95
N ASP D 109 -27.02 -6.08 34.86
CA ASP D 109 -27.00 -7.14 35.87
C ASP D 109 -27.83 -8.33 35.41
N ASP D 110 -28.89 -8.07 34.63
CA ASP D 110 -29.71 -9.14 34.07
C ASP D 110 -28.89 -9.98 33.11
N ILE D 111 -28.05 -9.33 32.31
CA ILE D 111 -27.22 -10.05 31.36
C ILE D 111 -26.31 -11.04 32.08
N LYS D 112 -25.84 -10.66 33.26
CA LYS D 112 -24.99 -11.53 34.08
C LYS D 112 -25.83 -12.66 34.68
N ALA D 113 -27.09 -12.37 34.98
CA ALA D 113 -28.00 -13.37 35.54
C ALA D 113 -28.20 -14.54 34.57
N LEU D 114 -28.39 -14.23 33.29
CA LEU D 114 -28.59 -15.25 32.28
C LEU D 114 -27.30 -16.00 31.97
N LYS D 115 -26.18 -15.29 32.04
CA LYS D 115 -24.90 -15.90 31.70
C LYS D 115 -24.47 -16.90 32.78
N ASP D 116 -24.62 -16.48 34.04
CA ASP D 116 -24.31 -17.35 35.18
C ASP D 116 -25.27 -18.54 35.23
N LYS D 117 -26.47 -18.36 34.70
CA LYS D 117 -27.46 -19.42 34.65
C LYS D 117 -26.99 -20.60 33.79
N GLY D 118 -26.01 -20.36 32.91
CA GLY D 118 -25.44 -21.42 32.10
C GLY D 118 -26.31 -21.75 30.90
N ILE D 119 -27.03 -20.75 30.39
CA ILE D 119 -27.86 -20.90 29.21
C ILE D 119 -26.99 -21.11 27.97
N LYS D 120 -27.54 -21.75 26.95
CA LYS D 120 -26.79 -22.15 25.76
C LYS D 120 -25.94 -21.04 25.12
N GLY D 121 -26.53 -19.86 24.96
CA GLY D 121 -25.87 -18.76 24.28
C GLY D 121 -26.63 -18.40 23.01
N GLU D 122 -27.04 -19.43 22.28
CA GLU D 122 -27.91 -19.24 21.12
C GLU D 122 -29.21 -18.60 21.57
N GLU D 123 -29.62 -18.91 22.80
CA GLU D 123 -30.83 -18.34 23.38
C GLU D 123 -30.59 -16.91 23.86
N ILE D 124 -29.38 -16.64 24.36
CA ILE D 124 -29.02 -15.31 24.86
C ILE D 124 -29.12 -14.31 23.72
N VAL D 125 -28.52 -14.67 22.59
CA VAL D 125 -28.54 -13.83 21.40
C VAL D 125 -29.98 -13.59 21.01
N GLN D 126 -30.79 -14.64 21.05
CA GLN D 126 -32.18 -14.54 20.63
C GLN D 126 -32.99 -13.67 21.57
N GLN D 127 -32.59 -13.65 22.85
CA GLN D 127 -33.28 -12.81 23.83
C GLN D 127 -32.95 -11.35 23.61
N LEU D 128 -31.68 -11.05 23.38
CA LEU D 128 -31.22 -9.67 23.18
C LEU D 128 -31.92 -9.02 21.98
N ILE D 129 -32.12 -9.81 20.93
CA ILE D 129 -32.77 -9.33 19.72
C ILE D 129 -34.23 -8.98 20.02
N GLU D 130 -34.87 -9.78 20.87
CA GLU D 130 -36.26 -9.55 21.25
C GLU D 130 -36.40 -8.26 22.04
N ASN D 131 -35.46 -8.02 22.96
CA ASN D 131 -35.51 -6.86 23.84
C ASN D 131 -34.96 -5.59 23.18
N SER D 132 -34.23 -5.76 22.07
CA SER D 132 -33.77 -4.60 21.31
C SER D 132 -34.95 -3.98 20.57
N THR D 133 -35.40 -2.83 21.06
CA THR D 133 -36.57 -2.14 20.50
C THR D 133 -36.33 -1.60 19.09
N THR D 134 -35.05 -1.48 18.71
CA THR D 134 -34.67 -0.88 17.45
C THR D 134 -34.31 -1.92 16.39
N PHE D 135 -34.06 -3.15 16.80
CA PHE D 135 -33.59 -4.20 15.89
C PHE D 135 -34.52 -4.42 14.70
N ARG D 136 -35.83 -4.32 14.94
CA ARG D 136 -36.83 -4.50 13.88
C ARG D 136 -37.00 -3.27 12.98
N ASP D 137 -36.19 -2.24 13.22
CA ASP D 137 -36.18 -1.02 12.41
C ASP D 137 -34.83 -0.76 11.73
N LYS D 138 -33.83 -1.59 12.02
CA LYS D 138 -32.50 -1.43 11.43
C LYS D 138 -32.47 -1.99 10.01
N THR D 139 -31.40 -1.70 9.28
CA THR D 139 -31.25 -2.21 7.92
C THR D 139 -30.94 -3.69 7.99
N GLU D 140 -31.30 -4.42 6.93
CA GLU D 140 -31.07 -5.86 6.88
C GLU D 140 -29.60 -6.21 7.08
N PHE D 141 -28.71 -5.32 6.64
CA PHE D 141 -27.28 -5.50 6.82
C PHE D 141 -26.85 -5.16 8.25
N ALA D 142 -27.44 -4.12 8.80
CA ALA D 142 -27.18 -3.76 10.19
C ALA D 142 -27.62 -4.88 11.12
N GLN D 143 -28.67 -5.59 10.71
CA GLN D 143 -29.15 -6.75 11.46
C GLN D 143 -28.16 -7.90 11.35
N ASP D 144 -27.76 -8.21 10.13
CA ASP D 144 -26.78 -9.27 9.88
C ASP D 144 -25.45 -8.95 10.56
N LYS D 145 -25.16 -7.66 10.69
CA LYS D 145 -23.94 -7.20 11.33
C LYS D 145 -24.07 -7.25 12.84
N TYR D 146 -25.24 -6.86 13.33
CA TYR D 146 -25.53 -6.83 14.76
C TYR D 146 -25.49 -8.24 15.34
N ILE D 147 -25.98 -9.21 14.57
CA ILE D 147 -25.99 -10.61 15.02
C ILE D 147 -24.57 -11.17 15.02
N LYS D 148 -23.84 -10.95 13.94
CA LYS D 148 -22.46 -11.41 13.83
C LYS D 148 -21.60 -10.82 14.95
N LYS D 149 -22.02 -9.67 15.47
CA LYS D 149 -21.32 -9.03 16.59
C LYS D 149 -21.56 -9.74 17.92
N LYS D 150 -22.74 -10.36 18.06
CA LYS D 150 -23.11 -11.07 19.29
C LYS D 150 -22.66 -12.53 19.29
N LYS D 151 -22.83 -13.20 18.15
CA LYS D 151 -22.40 -14.59 18.02
C LYS D 151 -20.89 -14.72 18.23
N LYS D 152 -20.16 -13.67 17.87
CA LYS D 152 -18.72 -13.64 18.06
C LYS D 152 -18.33 -13.70 19.55
N LYS D 153 -19.23 -13.24 20.41
CA LYS D 153 -18.98 -13.13 21.85
C LYS D 153 -19.59 -14.27 22.66
N TYR D 154 -20.85 -14.61 22.35
CA TYR D 154 -21.60 -15.59 23.15
C TYR D 154 -21.43 -17.01 22.63
N GLU D 155 -21.73 -17.20 21.35
CA GLU D 155 -21.57 -18.51 20.73
C GLU D 155 -20.11 -18.73 20.38
N ALA D 156 -19.28 -18.90 21.42
CA ALA D 156 -17.84 -19.04 21.24
C ALA D 156 -17.51 -20.39 20.61
N ILE D 157 -17.38 -20.39 19.28
CA ILE D 157 -17.07 -21.62 18.56
C ILE D 157 -15.57 -21.66 18.24
N ILE D 158 -14.87 -22.56 18.91
CA ILE D 158 -13.43 -22.75 18.69
C ILE D 158 -13.19 -23.97 17.81
N THR D 159 -12.41 -23.78 16.75
CA THR D 159 -12.04 -24.87 15.86
C THR D 159 -10.63 -25.35 16.17
N VAL D 160 -10.33 -26.55 15.71
CA VAL D 160 -9.02 -27.15 15.86
C VAL D 160 -8.45 -27.42 14.47
N VAL D 161 -7.15 -27.19 14.31
CA VAL D 161 -6.52 -27.30 13.01
C VAL D 161 -5.14 -27.93 13.12
N LYS D 162 -4.73 -28.66 12.09
CA LYS D 162 -3.40 -29.26 12.05
C LYS D 162 -2.37 -28.17 11.71
N PRO D 163 -1.17 -28.23 12.33
CA PRO D 163 -0.16 -27.20 12.05
C PRO D 163 0.31 -27.18 10.61
N SER D 164 0.76 -26.01 10.17
CA SER D 164 1.33 -25.85 8.83
C SER D 164 2.12 -24.55 8.76
N THR D 165 2.95 -24.43 7.74
CA THR D 165 3.75 -23.22 7.53
C THR D 165 2.81 -22.03 7.36
N ARG D 166 1.64 -22.30 6.77
CA ARG D 166 0.63 -21.28 6.55
C ARG D 166 0.14 -20.66 7.85
N ILE D 167 -0.32 -21.50 8.76
CA ILE D 167 -1.05 -21.04 9.94
C ILE D 167 -0.10 -20.41 10.95
N LEU D 168 0.99 -21.11 11.24
CA LEU D 168 1.95 -20.68 12.26
C LEU D 168 2.54 -19.32 11.94
N SER D 169 2.79 -19.07 10.66
CA SER D 169 3.38 -17.81 10.23
C SER D 169 2.41 -16.65 10.47
N ILE D 170 1.13 -16.90 10.22
CA ILE D 170 0.10 -15.90 10.45
C ILE D 170 -0.06 -15.68 11.95
N MET D 171 -0.03 -16.76 12.71
CA MET D 171 -0.22 -16.72 14.14
C MET D 171 0.85 -15.85 14.78
N TYR D 172 2.11 -16.20 14.50
CA TYR D 172 3.25 -15.50 15.08
C TYR D 172 3.25 -14.02 14.74
N TYR D 173 2.99 -13.69 13.48
CA TYR D 173 2.96 -12.29 13.06
C TYR D 173 1.84 -11.51 13.76
N ALA D 174 0.76 -12.19 14.09
CA ALA D 174 -0.39 -11.58 14.74
C ALA D 174 -0.25 -11.59 16.26
N ARG D 175 0.46 -12.58 16.79
CA ARG D 175 0.58 -12.77 18.23
C ARG D 175 1.94 -12.29 18.75
N GLU D 176 3.01 -12.86 18.19
CA GLU D 176 4.38 -12.52 18.61
C GLU D 176 5.24 -11.98 17.45
N PRO D 177 4.85 -10.84 16.88
CA PRO D 177 5.63 -10.22 15.80
C PRO D 177 7.03 -9.81 16.24
N GLY D 178 7.20 -9.51 17.52
CA GLY D 178 8.49 -9.08 18.04
C GLY D 178 9.53 -10.19 18.19
N LYS D 179 9.10 -11.44 18.03
CA LYS D 179 9.98 -12.59 18.13
C LYS D 179 10.60 -12.95 16.78
N ILE D 180 9.93 -12.58 15.70
CA ILE D 180 10.33 -12.95 14.36
C ILE D 180 10.74 -11.72 13.53
N ASN D 181 11.10 -10.64 14.23
CA ASN D 181 11.51 -9.41 13.58
C ASN D 181 10.47 -8.92 12.57
N HIS D 182 9.20 -9.06 12.93
CA HIS D 182 8.09 -8.52 12.14
C HIS D 182 8.09 -9.03 10.71
N MET D 183 8.36 -10.32 10.53
CA MET D 183 8.31 -10.93 9.22
C MET D 183 6.88 -11.33 8.88
N ARG D 184 6.26 -10.59 7.99
CA ARG D 184 4.90 -10.91 7.55
C ARG D 184 4.90 -12.17 6.71
N TYR D 185 3.85 -12.97 6.86
CA TYR D 185 3.76 -14.29 6.23
C TYR D 185 3.85 -14.27 4.71
N ASP D 186 3.35 -13.21 4.07
CA ASP D 186 3.45 -13.10 2.62
C ASP D 186 4.91 -13.01 2.22
N THR D 187 5.69 -12.29 3.02
CA THR D 187 7.12 -12.11 2.76
C THR D 187 7.83 -13.45 2.91
N LEU D 188 7.42 -14.22 3.90
CA LEU D 188 7.99 -15.54 4.13
C LEU D 188 7.80 -16.44 2.93
N ALA D 189 6.60 -16.41 2.37
CA ALA D 189 6.25 -17.23 1.22
C ALA D 189 7.20 -16.96 0.05
N GLN D 190 7.64 -15.70 -0.08
CA GLN D 190 8.56 -15.31 -1.13
C GLN D 190 9.92 -15.94 -0.91
N MET D 191 10.35 -15.97 0.35
CA MET D 191 11.67 -16.47 0.68
C MET D 191 11.82 -17.94 0.31
N LEU D 192 10.75 -18.69 0.50
CA LEU D 192 10.73 -20.12 0.17
C LEU D 192 10.78 -20.34 -1.34
N THR D 193 10.28 -19.38 -2.11
CA THR D 193 10.19 -19.50 -3.55
C THR D 193 11.45 -18.98 -4.22
N LEU D 194 11.92 -17.83 -3.77
CA LEU D 194 13.12 -17.21 -4.32
C LEU D 194 14.35 -18.05 -4.06
N GLY D 195 14.34 -18.78 -2.94
CA GLY D 195 15.46 -19.64 -2.58
C GLY D 195 15.40 -21.01 -3.23
N ASN D 196 14.33 -21.28 -3.97
CA ASN D 196 14.16 -22.57 -4.64
C ASN D 196 14.21 -23.71 -3.63
N ILE D 197 13.47 -23.56 -2.54
CA ILE D 197 13.48 -24.56 -1.48
C ILE D 197 12.71 -25.78 -1.96
N ARG D 198 13.31 -26.95 -1.85
CA ARG D 198 12.70 -28.18 -2.33
C ARG D 198 13.43 -29.39 -1.76
N ALA D 199 13.07 -30.57 -2.24
CA ALA D 199 13.67 -31.81 -1.77
C ALA D 199 15.02 -32.08 -2.44
N GLY D 200 16.05 -32.27 -1.63
CA GLY D 200 17.37 -32.65 -2.13
C GLY D 200 18.33 -31.48 -2.23
N ASN D 201 18.24 -30.56 -1.28
CA ASN D 201 19.08 -29.36 -1.26
C ASN D 201 19.86 -29.24 0.03
N LYS D 202 21.15 -28.94 -0.08
CA LYS D 202 21.96 -28.64 1.09
C LYS D 202 21.82 -27.15 1.40
N MET D 203 20.85 -26.81 2.23
CA MET D 203 20.53 -25.42 2.51
C MET D 203 21.22 -24.95 3.79
N ILE D 204 21.56 -23.67 3.82
CA ILE D 204 22.14 -23.04 4.99
C ILE D 204 21.16 -22.00 5.49
N VAL D 205 21.10 -21.83 6.80
CA VAL D 205 20.18 -20.86 7.39
C VAL D 205 20.79 -20.20 8.61
N MET D 206 20.45 -18.93 8.80
CA MET D 206 20.85 -18.17 9.96
C MET D 206 19.67 -17.28 10.34
N GLU D 207 18.88 -17.75 11.29
CA GLU D 207 17.65 -17.08 11.68
C GLU D 207 17.54 -16.95 13.20
N THR D 208 16.76 -15.96 13.63
CA THR D 208 16.45 -15.74 15.04
C THR D 208 14.96 -15.46 15.18
N CYS D 209 14.17 -16.17 14.39
CA CYS D 209 12.72 -16.02 14.37
C CYS D 209 12.07 -17.24 14.99
N ALA D 210 12.50 -17.59 16.20
CA ALA D 210 11.96 -18.72 16.94
C ALA D 210 12.16 -20.08 16.25
N GLY D 211 13.05 -20.14 15.25
CA GLY D 211 13.21 -21.33 14.45
C GLY D 211 12.12 -21.53 13.42
N LEU D 212 11.19 -20.58 13.33
CA LEU D 212 10.08 -20.67 12.38
C LEU D 212 10.58 -20.81 10.96
N VAL D 213 11.70 -20.16 10.66
CA VAL D 213 12.28 -20.18 9.33
C VAL D 213 12.77 -21.59 9.06
N LEU D 214 13.43 -22.18 10.05
CA LEU D 214 13.90 -23.55 9.92
C LEU D 214 12.74 -24.51 9.71
N GLY D 215 11.58 -24.19 10.29
CA GLY D 215 10.40 -25.03 10.13
C GLY D 215 9.84 -24.98 8.72
N ALA D 216 9.64 -23.76 8.22
CA ALA D 216 9.08 -23.54 6.88
C ALA D 216 9.92 -24.21 5.80
N MET D 217 11.22 -24.33 6.04
CA MET D 217 12.12 -25.02 5.13
C MET D 217 11.85 -26.52 5.14
N MET D 218 11.84 -27.08 6.34
CA MET D 218 11.77 -28.51 6.53
C MET D 218 10.50 -29.12 5.93
N GLU D 219 9.41 -28.35 5.95
CA GLU D 219 8.17 -28.81 5.34
C GLU D 219 8.31 -28.88 3.83
N ARG D 220 8.99 -27.89 3.25
CA ARG D 220 9.20 -27.85 1.82
C ARG D 220 10.31 -28.81 1.36
N MET D 221 11.06 -29.34 2.33
CA MET D 221 12.06 -30.37 2.08
C MET D 221 11.51 -31.77 2.34
N GLY D 222 10.54 -31.87 3.24
CA GLY D 222 9.94 -33.16 3.58
C GLY D 222 10.94 -34.15 4.14
N GLY D 223 11.99 -33.66 4.78
CA GLY D 223 13.03 -34.51 5.34
C GLY D 223 14.19 -34.75 4.40
N PHE D 224 13.90 -34.76 3.11
CA PHE D 224 14.92 -34.97 2.08
C PHE D 224 15.95 -33.86 2.15
N GLY D 225 17.18 -34.16 1.72
CA GLY D 225 18.23 -33.18 1.72
C GLY D 225 18.72 -32.90 3.12
N SER D 226 19.29 -31.72 3.33
CA SER D 226 19.87 -31.37 4.62
C SER D 226 19.84 -29.87 4.86
N ILE D 227 19.81 -29.49 6.14
CA ILE D 227 19.84 -28.08 6.53
C ILE D 227 20.97 -27.84 7.51
N ILE D 228 21.72 -26.77 7.27
CA ILE D 228 22.85 -26.40 8.12
C ILE D 228 22.52 -25.09 8.81
N GLN D 229 22.00 -25.19 10.02
CA GLN D 229 21.61 -24.01 10.78
C GLN D 229 22.79 -23.42 11.53
N LEU D 230 22.85 -22.09 11.55
CA LEU D 230 23.90 -21.37 12.27
C LEU D 230 23.28 -20.52 13.35
N TYR D 231 23.69 -20.77 14.59
CA TYR D 231 23.06 -20.14 15.75
C TYR D 231 24.03 -19.23 16.51
N PRO D 232 23.51 -18.13 17.08
CA PRO D 232 24.28 -17.26 17.96
C PRO D 232 24.10 -17.71 19.41
N GLY D 233 24.78 -17.06 20.34
CA GLY D 233 24.66 -17.43 21.74
C GLY D 233 25.06 -18.86 21.97
N GLY D 234 24.17 -19.65 22.55
CA GLY D 234 24.46 -21.04 22.89
C GLY D 234 23.29 -21.97 22.64
N GLY D 235 22.76 -21.95 21.43
CA GLY D 235 21.73 -22.89 21.01
C GLY D 235 20.81 -22.30 19.96
N PRO D 236 20.43 -23.11 18.94
CA PRO D 236 19.46 -22.62 17.96
C PRO D 236 18.05 -22.60 18.55
N VAL D 237 17.30 -21.53 18.31
CA VAL D 237 15.96 -21.40 18.84
C VAL D 237 15.03 -22.22 17.95
N ARG D 238 14.25 -23.12 18.55
CA ARG D 238 13.38 -24.01 17.80
C ARG D 238 12.07 -24.28 18.54
N ALA D 239 11.53 -23.25 19.17
CA ALA D 239 10.26 -23.36 19.86
C ALA D 239 9.11 -23.40 18.84
N ALA D 240 9.23 -22.60 17.79
CA ALA D 240 8.25 -22.59 16.70
C ALA D 240 8.34 -23.88 15.92
N THR D 241 9.57 -24.28 15.62
CA THR D 241 9.85 -25.48 14.84
C THR D 241 9.18 -26.71 15.44
N ALA D 242 9.03 -26.73 16.76
CA ALA D 242 8.41 -27.84 17.46
C ALA D 242 6.93 -27.98 17.10
N CYS D 243 6.25 -26.84 16.94
CA CYS D 243 4.82 -26.81 16.69
C CYS D 243 4.41 -27.46 15.37
N PHE D 244 5.38 -27.73 14.50
CA PHE D 244 5.11 -28.44 13.25
C PHE D 244 4.86 -29.91 13.52
N GLY D 245 5.58 -30.48 14.47
CA GLY D 245 5.45 -31.88 14.80
C GLY D 245 6.02 -32.76 13.71
N PHE D 246 7.19 -32.38 13.21
CA PHE D 246 7.86 -33.18 12.19
C PHE D 246 8.30 -34.52 12.77
N PRO D 247 8.25 -35.60 11.97
CA PRO D 247 8.79 -36.86 12.46
C PRO D 247 10.30 -36.80 12.68
N LYS D 248 10.84 -37.79 13.40
CA LYS D 248 12.27 -37.83 13.71
C LYS D 248 13.12 -38.01 12.46
N SER D 249 12.53 -38.52 11.38
CA SER D 249 13.26 -38.75 10.13
C SER D 249 13.81 -37.46 9.53
N PHE D 250 13.11 -36.36 9.75
CA PHE D 250 13.53 -35.05 9.25
C PHE D 250 14.80 -34.55 9.95
N LEU D 251 15.12 -35.14 11.10
CA LEU D 251 16.23 -34.68 11.93
C LEU D 251 17.56 -35.27 11.47
N SER D 252 17.52 -36.45 10.87
CA SER D 252 18.72 -37.10 10.36
C SER D 252 19.44 -36.24 9.32
N GLY D 253 18.69 -35.38 8.63
CA GLY D 253 19.26 -34.49 7.63
C GLY D 253 19.56 -33.10 8.19
N LEU D 254 19.07 -32.82 9.39
CA LEU D 254 19.32 -31.55 10.04
C LEU D 254 20.69 -31.52 10.70
N TYR D 255 21.33 -30.36 10.68
CA TYR D 255 22.61 -30.16 11.35
C TYR D 255 22.65 -28.75 11.93
N GLU D 256 23.47 -28.56 12.96
CA GLU D 256 23.67 -27.23 13.53
C GLU D 256 25.16 -26.96 13.67
N PHE D 257 25.50 -25.69 13.85
CA PHE D 257 26.89 -25.28 13.98
C PHE D 257 26.94 -23.86 14.54
N PRO D 258 27.74 -23.63 15.59
CA PRO D 258 27.72 -22.31 16.23
C PRO D 258 28.26 -21.20 15.33
N LEU D 259 27.77 -19.99 15.54
CA LEU D 259 28.06 -18.87 14.65
C LEU D 259 29.43 -18.23 14.92
N ASN D 260 30.01 -18.51 16.09
CA ASN D 260 31.27 -17.89 16.49
C ASN D 260 32.53 -18.49 15.85
N LYS D 261 32.44 -19.74 15.39
CA LYS D 261 33.59 -20.42 14.78
C LYS D 261 33.55 -20.39 13.24
N VAL D 262 32.74 -19.50 12.68
CA VAL D 262 32.58 -19.44 11.23
C VAL D 262 33.85 -18.91 10.58
N ASP D 263 34.41 -17.84 11.15
CA ASP D 263 35.63 -17.26 10.62
C ASP D 263 36.77 -18.25 10.72
N SER D 264 36.76 -19.08 11.76
CA SER D 264 37.79 -20.09 11.96
C SER D 264 37.65 -21.23 10.95
N LEU D 265 36.46 -21.37 10.39
CA LEU D 265 36.17 -22.41 9.42
C LEU D 265 36.56 -22.00 8.00
N LEU D 266 36.62 -20.69 7.76
CA LEU D 266 37.03 -20.17 6.46
C LEU D 266 38.49 -20.49 6.16
N HIS D 267 39.36 -20.31 7.16
CA HIS D 267 40.80 -20.41 6.97
C HIS D 267 41.39 -21.69 7.57
N GLY D 268 40.54 -22.65 7.91
CA GLY D 268 41.01 -23.91 8.46
C GLY D 268 41.77 -23.74 9.77
N THR D 269 41.36 -22.74 10.56
CA THR D 269 41.89 -22.56 11.91
C THR D 269 40.93 -23.23 12.91
N PHE D 270 40.11 -24.16 12.41
CA PHE D 270 39.09 -24.80 13.22
C PHE D 270 39.61 -26.12 13.77
N SER D 271 39.34 -26.37 15.05
CA SER D 271 39.76 -27.61 15.70
C SER D 271 38.91 -28.77 15.20
N TYR D 342 26.87 -36.64 37.15
CA TYR D 342 26.34 -35.91 36.00
C TYR D 342 27.43 -35.27 35.15
N ILE D 343 28.69 -35.57 35.44
CA ILE D 343 29.77 -35.13 34.56
C ILE D 343 29.58 -35.77 33.18
N GLN D 344 29.14 -37.03 33.17
CA GLN D 344 28.91 -37.73 31.91
C GLN D 344 27.75 -37.12 31.16
N GLU D 345 26.74 -36.66 31.87
CA GLU D 345 25.63 -35.93 31.23
C GLU D 345 26.18 -34.68 30.54
N LYS D 346 27.22 -34.10 31.13
CA LYS D 346 27.93 -32.99 30.52
C LYS D 346 28.84 -33.45 29.38
N GLN D 347 29.47 -34.61 29.56
CA GLN D 347 30.34 -35.17 28.52
C GLN D 347 29.55 -35.47 27.26
N ARG D 348 28.45 -36.21 27.41
CA ARG D 348 27.62 -36.60 26.28
C ARG D 348 27.23 -35.39 25.47
N ARG D 349 26.49 -34.47 26.09
CA ARG D 349 26.02 -33.27 25.40
C ARG D 349 27.17 -32.47 24.79
N GLN D 350 28.26 -32.31 25.55
CA GLN D 350 29.45 -31.63 25.07
C GLN D 350 30.17 -32.43 23.97
N GLU D 351 30.01 -33.75 24.04
CA GLU D 351 30.62 -34.67 23.09
C GLU D 351 29.67 -34.88 21.90
N GLU D 352 28.37 -34.64 22.13
CA GLU D 352 27.39 -34.85 21.08
C GLU D 352 27.46 -33.64 20.16
N GLN D 353 27.58 -32.47 20.76
CA GLN D 353 27.74 -31.23 20.01
C GLN D 353 29.02 -31.28 19.17
N ARG D 354 30.13 -31.60 19.81
CA ARG D 354 31.41 -31.79 19.11
C ARG D 354 31.23 -32.82 18.00
N LYS D 355 30.69 -33.98 18.34
CA LYS D 355 30.49 -35.07 17.39
C LYS D 355 29.49 -34.68 16.29
N ARG D 356 28.63 -33.72 16.58
CA ARG D 356 27.65 -33.22 15.63
C ARG D 356 28.11 -31.92 14.92
N HIS D 357 29.10 -31.24 15.51
CA HIS D 357 29.59 -29.97 14.97
C HIS D 357 30.65 -30.22 13.90
N LEU D 358 31.55 -31.17 14.18
CA LEU D 358 32.58 -31.56 13.21
C LEU D 358 31.94 -32.04 11.91
N GLU D 359 30.81 -32.73 12.03
CA GLU D 359 30.05 -33.16 10.86
C GLU D 359 29.60 -31.94 10.07
N ALA D 360 28.99 -30.99 10.77
CA ALA D 360 28.50 -29.76 10.15
C ALA D 360 29.66 -28.97 9.55
N ALA D 361 30.79 -28.95 10.25
CA ALA D 361 31.97 -28.20 9.85
C ALA D 361 32.49 -28.71 8.51
N ALA D 362 32.34 -30.01 8.28
CA ALA D 362 32.82 -30.64 7.06
C ALA D 362 31.95 -30.24 5.88
N LEU D 363 30.64 -30.32 6.06
CA LEU D 363 29.68 -30.06 4.99
C LEU D 363 29.81 -28.61 4.49
N LEU D 364 30.25 -27.73 5.37
CA LEU D 364 30.48 -26.33 5.01
C LEU D 364 31.83 -26.15 4.32
N SER D 365 32.83 -26.90 4.79
CA SER D 365 34.17 -26.84 4.21
C SER D 365 34.16 -27.24 2.73
N GLU D 366 33.17 -28.04 2.35
CA GLU D 366 33.00 -28.43 0.96
C GLU D 366 32.65 -27.22 0.09
N ARG D 367 32.03 -26.22 0.71
CA ARG D 367 31.71 -24.96 0.03
C ARG D 367 30.86 -25.21 -1.20
N ASN D 368 29.95 -26.17 -1.08
CA ASN D 368 29.12 -26.59 -2.19
C ASN D 368 27.64 -26.59 -1.81
N ALA D 369 27.22 -25.61 -1.01
CA ALA D 369 25.84 -25.53 -0.57
C ALA D 369 24.93 -25.09 -1.72
N ASP D 370 23.68 -25.53 -1.67
CA ASP D 370 22.71 -25.26 -2.73
C ASP D 370 21.85 -24.03 -2.44
N GLY D 371 22.20 -23.26 -1.40
CA GLY D 371 21.45 -22.06 -1.10
C GLY D 371 21.66 -21.57 0.32
N LEU D 372 21.28 -20.30 0.56
CA LEU D 372 21.43 -19.66 1.86
C LEU D 372 20.25 -18.75 2.16
N ILE D 373 19.74 -18.83 3.38
CA ILE D 373 18.69 -17.92 3.84
C ILE D 373 19.13 -17.22 5.11
N VAL D 374 18.71 -15.97 5.27
CA VAL D 374 19.08 -15.17 6.42
C VAL D 374 17.88 -14.33 6.85
N ALA D 375 17.65 -14.26 8.16
CA ALA D 375 16.54 -13.48 8.70
C ALA D 375 16.70 -13.37 10.21
N SER D 376 17.44 -12.35 10.64
CA SER D 376 17.82 -12.23 12.04
C SER D 376 17.75 -10.80 12.56
N ARG D 377 18.11 -10.65 13.83
CA ARG D 377 18.11 -9.36 14.50
C ARG D 377 19.48 -8.70 14.38
N PHE D 378 20.42 -9.40 13.75
CA PHE D 378 21.77 -8.89 13.59
C PHE D 378 21.92 -8.24 12.23
N HIS D 379 22.96 -7.41 12.11
CA HIS D 379 23.22 -6.72 10.86
C HIS D 379 23.53 -7.76 9.77
N PRO D 380 22.85 -7.68 8.61
CA PRO D 380 22.95 -8.70 7.55
C PRO D 380 24.22 -8.61 6.69
N THR D 381 24.86 -7.45 6.65
CA THR D 381 26.06 -7.26 5.83
C THR D 381 27.15 -8.30 6.14
N PRO D 382 27.66 -8.33 7.38
CA PRO D 382 28.73 -9.30 7.66
C PRO D 382 28.29 -10.75 7.49
N LEU D 383 27.02 -11.03 7.74
CA LEU D 383 26.49 -12.39 7.60
C LEU D 383 26.66 -12.92 6.19
N LEU D 384 26.48 -12.06 5.20
CA LEU D 384 26.59 -12.47 3.82
C LEU D 384 28.04 -12.63 3.39
N LEU D 385 28.85 -11.61 3.65
CA LEU D 385 30.21 -11.54 3.15
C LEU D 385 31.07 -12.76 3.48
N SER D 386 30.66 -13.53 4.49
CA SER D 386 31.36 -14.75 4.87
C SER D 386 30.63 -16.00 4.40
N LEU D 387 29.34 -16.10 4.73
CA LEU D 387 28.57 -17.32 4.50
C LEU D 387 28.42 -17.68 3.03
N LEU D 388 28.47 -16.69 2.16
CA LEU D 388 28.37 -16.93 0.72
C LEU D 388 29.53 -17.76 0.19
N ASP D 389 30.65 -17.77 0.93
CA ASP D 389 31.80 -18.58 0.57
C ASP D 389 31.47 -20.07 0.64
N PHE D 390 30.45 -20.42 1.42
CA PHE D 390 30.05 -21.81 1.59
C PHE D 390 29.05 -22.29 0.53
N VAL D 391 28.73 -21.43 -0.44
CA VAL D 391 27.73 -21.75 -1.45
C VAL D 391 28.38 -22.03 -2.80
N ALA D 392 27.90 -23.08 -3.46
CA ALA D 392 28.37 -23.44 -4.79
C ALA D 392 27.97 -22.35 -5.77
N PRO D 393 28.66 -22.25 -6.91
CA PRO D 393 28.23 -21.29 -7.94
C PRO D 393 26.82 -21.59 -8.45
N SER D 394 26.13 -20.55 -8.91
CA SER D 394 24.79 -20.69 -9.50
C SER D 394 23.78 -21.28 -8.52
N ARG D 395 23.68 -20.70 -7.34
CA ARG D 395 22.66 -21.08 -6.37
C ARG D 395 22.03 -19.83 -5.77
N PRO D 396 20.72 -19.90 -5.45
CA PRO D 396 19.98 -18.72 -5.00
C PRO D 396 20.26 -18.39 -3.55
N PHE D 397 19.96 -17.15 -3.14
CA PHE D 397 20.06 -16.77 -1.74
C PHE D 397 19.07 -15.66 -1.45
N VAL D 398 18.65 -15.57 -0.19
CA VAL D 398 17.67 -14.58 0.22
C VAL D 398 18.02 -14.06 1.61
N VAL D 399 17.83 -12.77 1.82
CA VAL D 399 18.10 -12.15 3.11
C VAL D 399 16.94 -11.25 3.49
N TYR D 400 16.56 -11.33 4.76
CA TYR D 400 15.46 -10.56 5.29
C TYR D 400 15.97 -9.47 6.21
N CYS D 401 15.23 -8.37 6.29
CA CYS D 401 15.58 -7.28 7.16
C CYS D 401 14.35 -6.39 7.35
N GLN D 402 13.89 -6.28 8.59
CA GLN D 402 12.72 -5.48 8.92
C GLN D 402 12.83 -4.06 8.38
N TYR D 403 14.06 -3.53 8.38
CA TYR D 403 14.34 -2.20 7.88
C TYR D 403 15.01 -2.27 6.52
N LYS D 404 14.92 -1.16 5.77
CA LYS D 404 15.40 -1.11 4.39
C LYS D 404 16.88 -0.74 4.32
N GLU D 405 17.29 0.16 5.20
CA GLU D 405 18.59 0.84 5.09
C GLU D 405 19.79 -0.12 5.06
N PRO D 406 19.77 -1.18 5.89
CA PRO D 406 20.93 -2.08 5.93
C PRO D 406 21.22 -2.78 4.60
N LEU D 407 20.18 -3.25 3.92
CA LEU D 407 20.36 -3.98 2.66
C LEU D 407 20.94 -3.12 1.55
N LEU D 408 20.81 -1.80 1.70
CA LEU D 408 21.42 -0.87 0.75
C LEU D 408 22.93 -0.99 0.83
N GLU D 409 23.43 -1.17 2.06
CA GLU D 409 24.86 -1.36 2.27
C GLU D 409 25.30 -2.72 1.72
N CYS D 410 24.45 -3.74 1.92
CA CYS D 410 24.72 -5.06 1.39
C CYS D 410 24.76 -5.02 -0.13
N TYR D 411 23.86 -4.24 -0.71
CA TYR D 411 23.74 -4.12 -2.16
C TYR D 411 25.06 -3.65 -2.76
N THR D 412 25.73 -2.75 -2.06
CA THR D 412 26.98 -2.16 -2.54
C THR D 412 28.18 -3.04 -2.20
N LYS D 413 28.21 -3.54 -0.97
CA LYS D 413 29.30 -4.38 -0.50
C LYS D 413 29.38 -5.69 -1.30
N LEU D 414 28.26 -6.10 -1.89
CA LEU D 414 28.23 -7.30 -2.72
C LEU D 414 28.80 -7.05 -4.12
N ARG D 415 28.85 -5.80 -4.54
CA ARG D 415 29.46 -5.45 -5.82
C ARG D 415 30.98 -5.34 -5.68
N GLU D 416 31.44 -4.80 -4.56
CA GLU D 416 32.86 -4.74 -4.27
C GLU D 416 33.40 -6.16 -4.20
N ARG D 417 32.61 -7.05 -3.61
CA ARG D 417 32.99 -8.45 -3.48
C ARG D 417 32.90 -9.13 -4.84
N GLY D 418 31.74 -9.01 -5.48
CA GLY D 418 31.50 -9.61 -6.77
C GLY D 418 31.11 -11.08 -6.64
N GLY D 419 30.85 -11.71 -7.78
CA GLY D 419 30.49 -13.11 -7.80
C GLY D 419 29.01 -13.33 -7.52
N VAL D 420 28.19 -12.35 -7.91
CA VAL D 420 26.74 -12.45 -7.74
C VAL D 420 26.04 -11.74 -8.89
N ILE D 421 24.74 -11.99 -9.03
CA ILE D 421 23.95 -11.34 -10.07
C ILE D 421 22.46 -11.36 -9.74
N ASN D 422 21.70 -10.48 -10.40
CA ASN D 422 20.25 -10.40 -10.25
C ASN D 422 19.86 -9.96 -8.85
N LEU D 423 20.64 -9.02 -8.29
CA LEU D 423 20.28 -8.40 -7.04
C LEU D 423 18.95 -7.68 -7.21
N ARG D 424 18.03 -7.97 -6.30
CA ARG D 424 16.66 -7.50 -6.43
C ARG D 424 16.10 -7.18 -5.05
N LEU D 425 16.09 -5.90 -4.71
CA LEU D 425 15.55 -5.45 -3.44
C LEU D 425 14.04 -5.32 -3.60
N SER D 426 13.30 -6.10 -2.82
CA SER D 426 11.85 -6.22 -3.02
C SER D 426 11.06 -6.14 -1.74
N GLU D 427 9.84 -5.66 -1.85
CA GLU D 427 8.87 -5.68 -0.77
C GLU D 427 7.55 -6.15 -1.36
N THR D 428 6.78 -6.87 -0.56
CA THR D 428 5.49 -7.40 -1.02
C THR D 428 4.37 -6.87 -0.14
N TRP D 429 3.49 -6.07 -0.75
CA TRP D 429 2.34 -5.55 -0.05
C TRP D 429 1.20 -6.55 -0.13
N LEU D 430 0.45 -6.67 0.95
CA LEU D 430 -0.63 -7.64 1.04
C LEU D 430 -1.93 -6.96 1.38
N ARG D 431 -2.98 -7.31 0.65
CA ARG D 431 -4.30 -6.71 0.87
C ARG D 431 -5.39 -7.78 0.83
N ASN D 432 -5.98 -8.03 1.99
CA ASN D 432 -7.08 -8.98 2.10
C ASN D 432 -8.40 -8.29 1.76
N TYR D 433 -9.44 -9.09 1.55
CA TYR D 433 -10.73 -8.55 1.12
C TYR D 433 -11.90 -9.26 1.80
N GLN D 434 -12.86 -8.45 2.26
CA GLN D 434 -14.14 -8.94 2.73
C GLN D 434 -15.03 -9.09 1.50
N VAL D 435 -15.76 -10.19 1.40
CA VAL D 435 -16.50 -10.50 0.19
C VAL D 435 -17.92 -11.00 0.48
N LEU D 436 -18.82 -10.06 0.73
CA LEU D 436 -20.23 -10.36 0.88
C LEU D 436 -21.02 -9.56 -0.16
N PRO D 437 -22.23 -10.04 -0.52
CA PRO D 437 -23.05 -9.34 -1.53
C PRO D 437 -23.37 -7.89 -1.14
N ASP D 438 -23.14 -6.98 -2.07
CA ASP D 438 -23.29 -5.54 -1.81
C ASP D 438 -22.49 -5.10 -0.59
N ARG D 439 -21.44 -5.85 -0.29
CA ARG D 439 -20.66 -5.65 0.92
C ARG D 439 -19.24 -6.16 0.70
N SER D 440 -18.61 -5.71 -0.38
CA SER D 440 -17.28 -6.19 -0.76
C SER D 440 -16.31 -5.02 -0.73
N HIS D 441 -15.23 -5.15 0.03
CA HIS D 441 -14.21 -4.12 0.13
C HIS D 441 -12.98 -4.65 0.87
N PRO D 442 -11.82 -3.97 0.73
CA PRO D 442 -10.62 -4.38 1.46
C PRO D 442 -10.76 -4.17 2.96
N LYS D 443 -9.86 -4.73 3.75
CA LYS D 443 -9.91 -4.55 5.20
C LYS D 443 -8.61 -3.96 5.74
N LEU D 444 -7.47 -4.53 5.35
CA LEU D 444 -6.18 -4.06 5.80
C LEU D 444 -5.12 -4.24 4.73
N LEU D 445 -4.38 -3.15 4.46
CA LEU D 445 -3.27 -3.17 3.52
C LEU D 445 -1.96 -3.26 4.30
N MET D 446 -1.47 -4.49 4.44
CA MET D 446 -0.27 -4.72 5.24
C MET D 446 0.95 -4.27 4.44
N SER D 447 1.61 -3.21 4.92
CA SER D 447 2.70 -2.59 4.19
C SER D 447 3.78 -2.07 5.13
N GLY D 448 5.03 -2.16 4.69
CA GLY D 448 6.15 -1.60 5.43
C GLY D 448 6.60 -2.45 6.60
N GLY D 449 5.68 -2.83 7.48
CA GLY D 449 5.98 -3.71 8.59
C GLY D 449 6.28 -5.15 8.18
N GLY D 450 6.15 -5.46 6.90
CA GLY D 450 6.41 -6.81 6.43
C GLY D 450 7.86 -7.03 6.07
N GLY D 451 8.72 -6.07 6.37
CA GLY D 451 10.13 -6.20 6.09
C GLY D 451 10.43 -6.11 4.60
N TYR D 452 11.70 -6.36 4.27
CA TYR D 452 12.17 -6.26 2.89
C TYR D 452 13.01 -7.49 2.58
N LEU D 453 13.30 -7.70 1.30
CA LEU D 453 14.01 -8.89 0.86
C LEU D 453 15.04 -8.57 -0.22
N LEU D 454 16.23 -9.13 -0.05
CA LEU D 454 17.29 -9.02 -1.05
C LEU D 454 17.56 -10.41 -1.57
N SER D 455 17.55 -10.57 -2.90
CA SER D 455 17.68 -11.88 -3.52
C SER D 455 18.58 -11.85 -4.75
N GLY D 456 19.25 -12.97 -5.01
CA GLY D 456 20.11 -13.10 -6.17
C GLY D 456 20.68 -14.49 -6.27
N PHE D 457 21.72 -14.64 -7.09
CA PHE D 457 22.42 -15.91 -7.26
C PHE D 457 23.92 -15.71 -7.11
N THR D 458 24.63 -16.83 -6.94
CA THR D 458 26.08 -16.83 -6.81
C THR D 458 26.72 -17.04 -8.17
N VAL D 459 27.99 -16.67 -8.28
CA VAL D 459 28.75 -16.79 -9.52
C VAL D 459 30.22 -17.00 -9.16
N ALA D 460 30.97 -17.60 -10.08
CA ALA D 460 32.41 -17.79 -9.89
C ALA D 460 33.14 -16.45 -9.78
N MET D 461 34.25 -16.46 -9.05
CA MET D 461 35.07 -15.28 -8.87
C MET D 461 36.03 -15.11 -10.04
N ASP D 462 36.68 -13.95 -10.11
CA ASP D 462 37.63 -13.65 -11.18
C ASP D 462 39.05 -13.96 -10.71
N ASN D 463 39.77 -14.74 -11.52
CA ASN D 463 41.15 -15.11 -11.19
C ASN D 463 41.90 -15.57 -12.42
N SAH G . -19.17 13.14 5.40
CA SAH G . -19.28 13.46 6.81
CB SAH G . -19.71 12.24 7.59
CG SAH G . -20.73 11.39 6.84
SD SAH G . -21.60 10.21 7.92
C SAH G . -17.98 13.99 7.40
O SAH G . -16.96 13.32 7.38
OXT SAH G . -17.94 15.11 7.91
C5' SAH G . -22.91 10.07 6.67
C4' SAH G . -24.17 10.85 7.03
O4' SAH G . -25.03 10.87 5.92
C3' SAH G . -24.95 10.22 8.17
O3' SAH G . -24.81 10.98 9.35
C2' SAH G . -26.39 10.19 7.69
O2' SAH G . -27.23 10.77 8.66
C1' SAH G . -26.36 10.97 6.38
N9 SAH G . -27.29 10.46 5.34
C8 SAH G . -27.49 9.15 4.98
N7 SAH G . -28.42 9.13 3.98
C5 SAH G . -28.80 10.40 3.72
C6 SAH G . -29.71 10.93 2.81
N6 SAH G . -30.39 10.13 2.00
N1 SAH G . -29.89 12.29 2.76
C2 SAH G . -29.18 13.12 3.60
N3 SAH G . -28.29 12.58 4.50
C4 SAH G . -28.09 11.24 4.56
H2 SAH G . -29.34 14.19 3.56
HN1 SAH G . -18.77 12.39 5.24
HN2 SAH G . -18.87 13.78 4.90
HA SAH G . -19.96 14.16 6.92
HB1 SAH G . -20.15 12.56 8.54
HB2 SAH G . -18.83 11.63 7.82
HG1 SAH G . -20.22 10.83 6.06
HG2 SAH G . -21.46 12.04 6.37
H5'1 SAH G . -23.16 9.02 6.55
H5'2 SAH G . -22.53 10.43 5.71
H4' SAH G . -23.88 11.86 7.31
H3' SAH G . -24.59 9.20 8.33
HO3' SAH G . -25.68 11.34 9.62
H2' SAH G . -26.68 9.17 7.50
HO2' SAH G . -27.64 11.59 8.30
H1' SAH G . -26.59 12.02 6.59
H8 SAH G . -26.99 8.28 5.41
HN61 SAH G . -30.25 9.12 2.03
HN62 SAH G . -31.06 10.52 1.34
N SAH H . -2.61 -20.85 -14.95
CA SAH H . -1.68 -20.78 -16.07
CB SAH H . -2.21 -19.88 -17.17
CG SAH H . -3.71 -19.99 -17.37
SD SAH H . -4.27 -19.23 -18.92
C SAH H . -0.30 -20.29 -15.65
O SAH H . -0.15 -19.18 -15.17
OXT SAH H . 0.70 -21.01 -15.82
C5' SAH H . -5.91 -19.98 -18.68
C4' SAH H . -6.10 -21.18 -19.59
O4' SAH H . -7.20 -21.95 -19.16
C3' SAH H . -6.38 -20.78 -21.03
O3' SAH H . -5.26 -20.99 -21.84
C2' SAH H . -7.55 -21.65 -21.47
O2' SAH H . -7.20 -22.36 -22.64
C1' SAH H . -7.85 -22.56 -20.27
N9 SAH H . -9.29 -22.71 -19.98
C8 SAH H . -10.24 -21.73 -19.98
N7 SAH H . -11.44 -22.28 -19.66
C5 SAH H . -11.25 -23.61 -19.45
C6 SAH H . -12.12 -24.63 -19.09
N6 SAH H . -13.42 -24.36 -18.90
N1 SAH H . -11.65 -25.91 -18.93
C2 SAH H . -10.31 -26.17 -19.12
N3 SAH H . -9.45 -25.15 -19.48
C4 SAH H . -9.91 -23.88 -19.63
H2 SAH H . -9.94 -27.18 -19.00
HN1 SAH H . -2.96 -20.09 -14.74
HN2 SAH H . -2.34 -21.33 -14.29
HA SAH H . -1.57 -21.69 -16.45
HB1 SAH H . -1.70 -20.13 -18.10
HB2 SAH H . -1.96 -18.85 -16.93
HG1 SAH H . -4.21 -19.51 -16.53
HG2 SAH H . -4.00 -21.04 -17.36
H5'1 SAH H . -6.68 -19.24 -18.90
H5'2 SAH H . -6.02 -20.29 -17.64
H4' SAH H . -5.19 -21.79 -19.57
H3' SAH H . -6.69 -19.73 -21.05
HO3' SAH H . -5.46 -21.66 -22.52
H2' SAH H . -8.43 -21.01 -21.65
HO2' SAH H . -7.21 -23.32 -22.44
H1' SAH H . -7.40 -23.53 -20.46
H8 SAH H . -10.08 -20.68 -20.21
HN61 SAH H . -13.76 -23.41 -19.01
HN62 SAH H . -14.05 -25.11 -18.65
NA NA I . -1.61 -7.85 34.27
NA NA J . 13.61 11.23 -33.88
#